data_3BF0
#
_entry.id   3BF0
#
_cell.length_a   94.171
_cell.length_b   153.485
_cell.length_c   100.659
_cell.angle_alpha   90.000
_cell.angle_beta   104.250
_cell.angle_gamma   90.000
#
_symmetry.space_group_name_H-M   'P 1 21 1'
#
loop_
_entity.id
_entity.type
_entity.pdbx_description
1 polymer 'Protease 4'
2 water water
#
_entity_poly.entity_id   1
_entity_poly.type   'polypeptide(L)'
_entity_poly.pdbx_seq_one_letter_code
;MGSSHHHHHHSSGLVPRGSHMGGDSKETASRGALLLDISGVIVDKPDSSQRFSKLSRQLLGASSDRLQENSLFDIVNTIR
QAKDDRNITGIVMDLKNFAGGDQPSMQYIGKALKEFRDSGKPVYAVGENYSQGQYYLASFANKIWLSPQGVVDLHGFATN
GLYYKSLLDKLKVSTHVFRVGTYKSAVEPFIRDDMSPAAREADSRWIGELWQNYLNTVAANRQIPAEQVFPGAQGLLEGL
TKTGGDTAKYALENKLVDALASSAEIEKALTKEFGWSKTDKNYRAISYYDYALKTPADTGDSIGVVFANGAIMDGEETQG
NVGGDTTAAQIRDARLDPKVKAIVLRVNSPGGSVTASEVIRAELAAARAAGKPVVVSMGGMAASGGYWISTPANYIVANP
STLTGSIGIFGVITTVENSLDSIGVHTDGVSTSPLADVSITRALPPEAQLMMQLSIENGYKRFITLVADARHSTPEQIDK
IAQGHVWTGQDAKANGLVDSLGDFDDAVAKAAELAKVKQWHLEYYVDEPTFFDKVMDNMSGSVRAMLPDAFQAMLPAPLA
SVASTVKSESDKLAAFNDPQNRYAFCLTCANMR
;
_entity_poly.pdbx_strand_id   A,B,C,D
#
# COMPACT_ATOMS: atom_id res chain seq x y z
N ARG A 31 8.18 -2.03 50.89
CA ARG A 31 7.75 -0.59 50.89
C ARG A 31 7.94 0.13 49.51
N GLY A 32 8.23 1.44 49.52
CA GLY A 32 8.47 2.21 48.29
C GLY A 32 7.40 3.20 47.83
N ALA A 33 7.82 4.15 47.00
CA ALA A 33 6.93 5.05 46.27
C ALA A 33 6.05 4.31 45.26
N LEU A 34 4.90 4.91 44.96
CA LEU A 34 4.17 4.59 43.77
C LEU A 34 4.64 5.55 42.69
N LEU A 35 5.03 4.97 41.54
CA LEU A 35 5.56 5.74 40.43
C LEU A 35 4.47 5.95 39.38
N LEU A 36 4.00 7.19 39.27
CA LEU A 36 3.00 7.54 38.26
C LEU A 36 3.74 8.04 37.02
N ASP A 37 4.27 7.08 36.28
CA ASP A 37 4.95 7.38 35.05
C ASP A 37 3.94 7.08 33.94
N ILE A 38 2.87 7.89 33.92
CA ILE A 38 1.79 7.64 32.98
C ILE A 38 2.31 7.85 31.55
N SER A 39 1.92 6.96 30.64
CA SER A 39 2.39 7.09 29.29
C SER A 39 1.25 7.02 28.32
N GLY A 40 1.04 8.12 27.60
CA GLY A 40 -0.09 8.21 26.69
C GLY A 40 -1.17 9.17 27.17
N VAL A 41 -2.42 8.82 26.89
CA VAL A 41 -3.57 9.66 27.15
C VAL A 41 -4.44 9.02 28.22
N ILE A 42 -5.28 9.86 28.81
CA ILE A 42 -6.33 9.39 29.72
C ILE A 42 -7.66 9.36 28.96
N VAL A 43 -8.39 8.27 29.13
CA VAL A 43 -9.70 8.09 28.51
C VAL A 43 -10.58 7.39 29.55
N ASP A 44 -11.91 7.53 29.43
CA ASP A 44 -12.87 6.80 30.30
C ASP A 44 -12.69 5.30 30.20
N LYS A 45 -12.47 4.84 28.96
CA LYS A 45 -12.65 3.44 28.56
C LYS A 45 -11.74 3.09 27.38
N PRO A 46 -10.68 2.29 27.60
CA PRO A 46 -9.81 1.84 26.50
C PRO A 46 -10.50 1.07 25.36
N LEU A 67 1.65 2.25 28.49
CA LEU A 67 0.49 2.07 27.64
C LEU A 67 0.43 3.21 26.61
N GLN A 68 -0.74 3.38 25.94
CA GLN A 68 -1.10 4.64 25.24
C GLN A 68 -2.50 5.12 25.63
N GLU A 69 -3.46 4.22 25.76
CA GLU A 69 -4.74 4.56 26.40
C GLU A 69 -4.74 4.07 27.86
N ASN A 70 -4.87 5.02 28.78
CA ASN A 70 -4.94 4.73 30.21
C ASN A 70 -6.33 5.05 30.72
N SER A 71 -6.84 4.18 31.57
CA SER A 71 -8.18 4.32 32.14
C SER A 71 -8.15 5.30 33.30
N LEU A 72 -9.04 6.29 33.22
CA LEU A 72 -9.26 7.27 34.25
C LEU A 72 -9.60 6.57 35.58
N PHE A 73 -10.45 5.57 35.52
CA PHE A 73 -10.93 4.97 36.75
C PHE A 73 -9.87 4.09 37.44
N ASP A 74 -9.12 3.28 36.64
CA ASP A 74 -7.96 2.54 37.20
C ASP A 74 -6.91 3.45 37.84
N ILE A 75 -6.67 4.63 37.24
CA ILE A 75 -5.69 5.57 37.83
C ILE A 75 -6.16 6.05 39.22
N VAL A 76 -7.37 6.61 39.27
CA VAL A 76 -7.98 7.11 40.49
C VAL A 76 -8.08 6.03 41.59
N ASN A 77 -8.55 4.84 41.24
CA ASN A 77 -8.65 3.74 42.21
C ASN A 77 -7.33 3.16 42.71
N THR A 78 -6.27 3.36 41.93
CA THR A 78 -4.96 2.86 42.31
C THR A 78 -4.38 3.88 43.27
N ILE A 79 -4.47 5.16 42.92
CA ILE A 79 -4.10 6.22 43.85
C ILE A 79 -4.83 6.03 45.20
N ARG A 80 -6.15 5.83 45.17
CA ARG A 80 -6.95 5.54 46.38
C ARG A 80 -6.55 4.26 47.14
N GLN A 81 -6.28 3.18 46.44
CA GLN A 81 -5.73 2.00 47.10
C GLN A 81 -4.34 2.28 47.68
N ALA A 82 -3.51 3.08 46.99
CA ALA A 82 -2.16 3.32 47.48
C ALA A 82 -2.16 4.18 48.76
N LYS A 83 -3.18 5.02 48.92
CA LYS A 83 -3.37 5.81 50.13
C LYS A 83 -3.46 4.95 51.41
N ASP A 84 -4.12 3.80 51.32
CA ASP A 84 -4.40 2.94 52.47
C ASP A 84 -3.40 1.81 52.59
N ASP A 85 -2.51 1.72 51.60
CA ASP A 85 -1.50 0.66 51.54
C ASP A 85 -0.27 1.07 52.33
N ARG A 86 -0.02 0.36 53.42
CA ARG A 86 1.17 0.60 54.25
C ARG A 86 2.44 0.54 53.37
N ASN A 87 2.38 -0.20 52.27
CA ASN A 87 3.56 -0.41 51.45
C ASN A 87 3.93 0.74 50.53
N ILE A 88 2.96 1.58 50.21
CA ILE A 88 3.25 2.81 49.47
C ILE A 88 3.55 3.88 50.51
N THR A 89 4.66 4.60 50.36
CA THR A 89 4.99 5.67 51.31
C THR A 89 4.98 7.02 50.65
N GLY A 90 4.51 7.07 49.41
CA GLY A 90 4.46 8.32 48.66
C GLY A 90 4.21 8.10 47.19
N ILE A 91 4.04 9.20 46.46
CA ILE A 91 3.79 9.13 45.06
C ILE A 91 4.77 10.03 44.33
N VAL A 92 5.43 9.48 43.30
CA VAL A 92 6.20 10.32 42.36
C VAL A 92 5.56 10.34 40.99
N MET A 93 5.22 11.52 40.53
CA MET A 93 4.72 11.75 39.19
C MET A 93 5.85 12.08 38.20
N ASP A 94 6.06 11.16 37.25
CA ASP A 94 6.96 11.37 36.12
C ASP A 94 6.11 11.44 34.84
N LEU A 95 5.81 12.63 34.37
CA LEU A 95 4.78 12.77 33.32
C LEU A 95 5.32 13.04 31.90
N LYS A 96 6.58 12.65 31.63
CA LYS A 96 7.23 13.10 30.39
C LYS A 96 6.59 12.53 29.11
N ASN A 97 5.87 11.43 29.26
CA ASN A 97 5.29 10.69 28.15
C ASN A 97 3.78 10.73 28.24
N PHE A 98 3.29 11.71 28.97
CA PHE A 98 1.87 11.82 29.19
C PHE A 98 1.38 12.91 28.30
N ALA A 99 0.49 12.51 27.39
CA ALA A 99 0.08 13.35 26.25
C ALA A 99 -1.20 14.18 26.49
N GLY A 100 -1.80 14.03 27.68
CA GLY A 100 -2.97 14.81 28.09
C GLY A 100 -4.23 14.00 28.37
N GLY A 101 -5.22 14.74 28.86
CA GLY A 101 -6.57 14.25 29.06
C GLY A 101 -7.38 15.52 29.02
N ASP A 102 -8.70 15.37 29.03
CA ASP A 102 -9.61 16.50 29.10
C ASP A 102 -9.58 17.04 30.53
N GLN A 103 -10.00 18.28 30.71
CA GLN A 103 -9.90 18.94 32.01
C GLN A 103 -10.68 18.25 33.19
N PRO A 104 -11.96 17.83 32.99
CA PRO A 104 -12.69 17.10 34.04
C PRO A 104 -11.97 15.86 34.57
N SER A 105 -11.26 15.19 33.69
CA SER A 105 -10.65 13.93 33.99
C SER A 105 -9.41 14.15 34.83
N MET A 106 -8.73 15.24 34.52
CA MET A 106 -7.48 15.47 35.20
C MET A 106 -7.83 16.02 36.57
N GLN A 107 -8.95 16.75 36.66
CA GLN A 107 -9.38 17.30 37.95
C GLN A 107 -9.77 16.16 38.85
N TYR A 108 -10.36 15.12 38.26
CA TYR A 108 -10.72 13.91 38.99
C TYR A 108 -9.48 13.26 39.56
N ILE A 109 -8.45 13.06 38.74
CA ILE A 109 -7.21 12.41 39.21
C ILE A 109 -6.56 13.28 40.28
N GLY A 110 -6.67 14.60 40.11
CA GLY A 110 -6.31 15.59 41.15
C GLY A 110 -6.90 15.31 42.52
N LYS A 111 -8.23 15.24 42.58
CA LYS A 111 -8.96 14.89 43.78
C LYS A 111 -8.35 13.71 44.51
N ALA A 112 -7.95 12.68 43.79
CA ALA A 112 -7.42 11.45 44.43
C ALA A 112 -6.04 11.71 45.00
N LEU A 113 -5.29 12.58 44.31
CA LEU A 113 -3.99 13.05 44.74
C LEU A 113 -4.09 13.95 46.01
N LYS A 114 -4.95 14.98 46.00
CA LYS A 114 -5.32 15.68 47.23
C LYS A 114 -5.66 14.72 48.38
N GLU A 115 -6.39 13.64 48.10
CA GLU A 115 -6.78 12.72 49.16
C GLU A 115 -5.61 11.92 49.70
N PHE A 116 -4.77 11.44 48.80
CA PHE A 116 -3.59 10.70 49.16
C PHE A 116 -2.72 11.62 50.02
N ARG A 117 -2.62 12.87 49.59
CA ARG A 117 -1.89 13.91 50.29
C ARG A 117 -2.44 14.19 51.70
N ASP A 118 -3.78 14.29 51.79
CA ASP A 118 -4.42 14.59 53.06
C ASP A 118 -4.23 13.52 54.15
N SER A 119 -3.79 12.33 53.71
CA SER A 119 -3.47 11.19 54.58
C SER A 119 -2.07 11.22 55.20
N GLY A 120 -1.30 12.26 54.85
CA GLY A 120 0.10 12.40 55.29
C GLY A 120 1.20 11.80 54.42
N LYS A 121 0.85 11.17 53.30
CA LYS A 121 1.87 10.68 52.33
C LYS A 121 2.30 11.74 51.30
N PRO A 122 3.61 11.82 50.99
CA PRO A 122 4.06 12.87 50.03
C PRO A 122 3.79 12.55 48.53
N VAL A 123 3.46 13.59 47.77
CA VAL A 123 3.34 13.49 46.33
C VAL A 123 4.34 14.45 45.68
N TYR A 124 5.17 13.92 44.78
CA TYR A 124 6.24 14.69 44.11
C TYR A 124 6.06 14.74 42.61
N ALA A 125 6.36 15.90 42.01
CA ALA A 125 6.44 15.98 40.55
C ALA A 125 7.86 16.26 40.12
N VAL A 126 8.36 15.42 39.25
CA VAL A 126 9.68 15.61 38.69
C VAL A 126 9.60 15.65 37.17
N GLY A 127 10.44 16.49 36.57
CA GLY A 127 10.57 16.48 35.10
C GLY A 127 11.60 17.50 34.64
N GLU A 128 12.18 17.23 33.47
CA GLU A 128 13.02 18.17 32.74
C GLU A 128 12.18 19.38 32.31
N ASN A 129 10.99 19.13 31.79
CA ASN A 129 10.05 20.17 31.35
C ASN A 129 8.58 19.84 31.69
N TYR A 130 7.71 20.82 31.64
CA TYR A 130 6.28 20.53 31.70
C TYR A 130 5.50 21.19 30.60
N SER A 131 4.77 20.40 29.82
CA SER A 131 3.70 20.95 28.97
C SER A 131 2.56 21.41 29.83
N GLN A 132 1.64 22.16 29.24
CA GLN A 132 0.45 22.63 29.94
C GLN A 132 -0.44 21.47 30.47
N GLY A 133 -0.52 20.36 29.77
CA GLY A 133 -1.22 19.25 30.34
C GLY A 133 -0.51 18.66 31.56
N GLN A 134 0.77 18.31 31.37
CA GLN A 134 1.57 17.73 32.44
C GLN A 134 1.57 18.54 33.72
N TYR A 135 1.55 19.87 33.57
CA TYR A 135 1.71 20.78 34.70
C TYR A 135 0.46 20.88 35.54
N TYR A 136 -0.70 20.99 34.89
CA TYR A 136 -1.99 20.88 35.54
C TYR A 136 -1.96 19.71 36.53
N LEU A 137 -1.57 18.55 36.03
CA LEU A 137 -1.52 17.36 36.89
C LEU A 137 -0.46 17.47 37.95
N ALA A 138 0.75 17.85 37.55
CA ALA A 138 1.87 17.92 38.47
C ALA A 138 1.55 18.88 39.60
N SER A 139 0.70 19.86 39.32
CA SER A 139 0.44 20.95 40.26
C SER A 139 -0.36 20.50 41.47
N PHE A 140 -0.76 19.22 41.49
CA PHE A 140 -1.41 18.64 42.63
C PHE A 140 -0.38 18.11 43.59
N ALA A 141 0.89 18.11 43.19
CA ALA A 141 1.95 17.54 43.99
C ALA A 141 2.32 18.45 45.17
N ASN A 142 2.87 17.90 46.24
CA ASN A 142 3.37 18.72 47.35
C ASN A 142 4.48 19.62 46.89
N LYS A 143 5.32 19.06 46.01
CA LYS A 143 6.66 19.56 45.74
C LYS A 143 6.97 19.29 44.24
N ILE A 144 7.16 20.37 43.47
CA ILE A 144 7.45 20.29 42.02
C ILE A 144 8.93 20.62 41.70
N TRP A 145 9.60 19.61 41.15
CA TRP A 145 11.01 19.66 40.75
C TRP A 145 11.14 19.96 39.22
N LEU A 146 11.82 21.05 38.88
CA LEU A 146 12.16 21.39 37.48
C LEU A 146 13.69 21.34 37.23
N SER A 147 14.06 21.01 35.99
CA SER A 147 15.44 21.08 35.53
C SER A 147 15.87 22.53 35.42
N PRO A 148 17.15 22.83 35.71
CA PRO A 148 17.58 24.23 35.66
C PRO A 148 17.52 24.84 34.27
N GLN A 149 17.45 23.99 33.25
CA GLN A 149 17.13 24.51 31.90
C GLN A 149 15.69 24.21 31.40
N GLY A 150 14.83 23.67 32.27
CA GLY A 150 13.43 23.36 31.92
C GLY A 150 12.49 24.57 31.78
N VAL A 151 11.30 24.28 31.27
CA VAL A 151 10.25 25.28 31.10
C VAL A 151 8.98 24.68 31.60
N VAL A 152 8.13 25.55 32.13
CA VAL A 152 6.72 25.26 32.32
C VAL A 152 5.96 26.03 31.27
N ASP A 153 5.33 25.29 30.38
CA ASP A 153 4.88 25.84 29.09
C ASP A 153 3.39 26.11 29.09
N LEU A 154 3.04 27.29 29.59
CA LEU A 154 1.68 27.75 29.74
C LEU A 154 1.40 28.76 28.65
N HIS A 155 0.35 28.55 27.89
CA HIS A 155 0.14 29.39 26.72
C HIS A 155 -1.31 29.64 26.43
N GLY A 156 -2.14 28.89 27.14
CA GLY A 156 -3.58 29.10 27.08
C GLY A 156 -4.27 27.99 26.31
N PHE A 157 -5.50 28.30 25.90
CA PHE A 157 -6.36 27.40 25.10
C PHE A 157 -6.78 28.05 23.80
N ALA A 158 -6.89 27.22 22.78
CA ALA A 158 -7.26 27.74 21.47
C ALA A 158 -8.09 26.73 20.69
N THR A 159 -8.94 27.26 19.85
CA THR A 159 -9.72 26.44 18.98
C THR A 159 -9.28 26.78 17.55
N ASN A 160 -9.47 25.84 16.65
CA ASN A 160 -9.11 26.05 15.26
C ASN A 160 -9.82 25.08 14.31
N GLY A 161 -10.39 25.62 13.23
CA GLY A 161 -11.08 24.80 12.22
C GLY A 161 -10.98 25.34 10.82
N LEU A 162 -11.17 24.47 9.83
CA LEU A 162 -11.09 24.87 8.44
C LEU A 162 -12.44 25.38 8.01
N TYR A 163 -12.46 26.43 7.19
CA TYR A 163 -13.66 27.02 6.65
C TYR A 163 -13.41 27.02 5.16
N TYR A 164 -14.41 26.68 4.32
CA TYR A 164 -14.21 26.36 2.87
C TYR A 164 -15.19 26.96 1.86
N LYS A 165 -16.03 27.89 2.26
CA LYS A 165 -16.97 28.45 1.32
C LYS A 165 -16.32 28.70 -0.02
N SER A 166 -15.19 29.43 -0.06
CA SER A 166 -14.55 29.79 -1.35
C SER A 166 -13.97 28.63 -2.15
N LEU A 167 -13.33 27.65 -1.49
CA LEU A 167 -12.88 26.47 -2.19
C LEU A 167 -14.07 25.78 -2.92
N LEU A 168 -15.14 25.52 -2.17
CA LEU A 168 -16.34 24.91 -2.77
C LEU A 168 -16.87 25.71 -3.94
N ASP A 169 -16.87 27.05 -3.86
CA ASP A 169 -17.26 27.89 -5.01
C ASP A 169 -16.30 27.77 -6.21
N LYS A 170 -14.99 27.74 -5.97
CA LYS A 170 -14.00 27.57 -7.03
C LYS A 170 -14.16 26.21 -7.70
N LEU A 171 -14.55 25.22 -6.91
CA LEU A 171 -14.68 23.84 -7.37
C LEU A 171 -16.05 23.60 -7.97
N LYS A 172 -16.94 24.59 -7.80
CA LYS A 172 -18.27 24.62 -8.42
C LYS A 172 -19.26 23.64 -7.80
N VAL A 173 -18.96 23.23 -6.56
CA VAL A 173 -19.76 22.34 -5.75
C VAL A 173 -21.01 23.07 -5.30
N SER A 174 -22.14 22.37 -5.28
CA SER A 174 -23.41 22.94 -4.78
C SER A 174 -23.59 22.47 -3.34
N THR A 175 -23.77 23.43 -2.44
CA THR A 175 -23.90 23.11 -1.03
C THR A 175 -25.35 23.25 -0.61
N HIS A 176 -25.86 22.23 0.08
CA HIS A 176 -27.24 22.31 0.59
C HIS A 176 -27.29 22.13 2.08
N VAL A 177 -27.72 23.20 2.73
CA VAL A 177 -27.70 23.27 4.17
C VAL A 177 -29.10 23.25 4.75
N PHE A 178 -29.30 22.34 5.71
CA PHE A 178 -30.58 22.21 6.40
C PHE A 178 -30.31 22.29 7.91
N ARG A 179 -30.86 23.33 8.53
CA ARG A 179 -30.39 23.70 9.84
C ARG A 179 -31.49 24.30 10.68
N VAL A 180 -31.41 23.99 11.97
CA VAL A 180 -32.03 24.81 13.00
C VAL A 180 -31.04 24.97 14.19
N GLY A 181 -30.46 26.17 14.26
CA GLY A 181 -29.58 26.57 15.36
C GLY A 181 -28.61 27.65 14.93
N THR A 182 -28.94 28.91 15.24
CA THR A 182 -28.01 30.04 15.09
C THR A 182 -26.60 29.70 15.58
N TYR A 183 -26.49 29.04 16.73
CA TYR A 183 -25.21 28.68 17.34
C TYR A 183 -24.76 27.26 17.06
N LYS A 184 -25.48 26.54 16.18
CA LYS A 184 -25.10 25.20 15.69
C LYS A 184 -24.10 25.45 14.57
N SER A 185 -22.86 25.68 14.98
CA SER A 185 -21.90 26.37 14.13
C SER A 185 -21.07 25.43 13.29
N ALA A 186 -21.12 24.15 13.64
CA ALA A 186 -20.40 23.08 12.92
C ALA A 186 -20.79 22.95 11.44
N VAL A 187 -21.82 23.68 11.04
CA VAL A 187 -22.25 23.83 9.65
C VAL A 187 -21.55 25.01 8.95
N GLU A 188 -21.00 25.93 9.74
CA GLU A 188 -20.32 27.15 9.21
C GLU A 188 -19.17 26.93 8.21
N PRO A 189 -18.35 25.88 8.37
CA PRO A 189 -17.31 25.67 7.38
C PRO A 189 -17.78 25.53 5.91
N PHE A 190 -19.02 25.10 5.68
CA PHE A 190 -19.52 24.89 4.34
C PHE A 190 -20.02 26.18 3.76
N ILE A 191 -20.39 27.11 4.62
CA ILE A 191 -21.07 28.31 4.15
C ILE A 191 -20.37 29.62 4.48
N ARG A 192 -19.31 29.57 5.26
CA ARG A 192 -18.57 30.76 5.59
C ARG A 192 -17.07 30.58 5.25
N ASP A 193 -16.34 31.70 5.18
CA ASP A 193 -14.87 31.65 5.13
C ASP A 193 -14.30 31.94 6.49
N ASP A 194 -15.17 32.34 7.41
CA ASP A 194 -14.75 32.66 8.76
C ASP A 194 -15.88 32.30 9.73
N MET A 195 -15.56 32.29 11.02
CA MET A 195 -16.50 32.09 12.11
C MET A 195 -17.57 33.17 12.09
N SER A 196 -18.85 32.83 12.28
CA SER A 196 -19.87 33.90 12.37
C SER A 196 -19.73 34.71 13.66
N PRO A 197 -20.14 35.98 13.63
CA PRO A 197 -20.12 36.70 14.92
C PRO A 197 -20.80 35.91 16.08
N ALA A 198 -21.95 35.28 15.82
CA ALA A 198 -22.64 34.47 16.83
C ALA A 198 -21.80 33.31 17.37
N ALA A 199 -21.08 32.67 16.47
CA ALA A 199 -20.28 31.50 16.82
C ALA A 199 -19.07 31.91 17.67
N ARG A 200 -18.51 33.06 17.33
CA ARG A 200 -17.40 33.65 18.03
C ARG A 200 -17.75 33.98 19.49
N GLU A 201 -18.93 34.55 19.76
CA GLU A 201 -19.37 34.80 21.14
C GLU A 201 -19.55 33.48 21.89
N ALA A 202 -20.29 32.55 21.30
CA ALA A 202 -20.54 31.28 21.96
C ALA A 202 -19.24 30.59 22.33
N ASP A 203 -18.27 30.54 21.40
CA ASP A 203 -17.02 29.80 21.64
C ASP A 203 -16.06 30.54 22.59
N SER A 204 -16.04 31.86 22.50
CA SER A 204 -15.24 32.66 23.40
C SER A 204 -15.74 32.52 24.80
N ARG A 205 -17.07 32.51 24.97
CA ARG A 205 -17.66 32.27 26.29
C ARG A 205 -17.05 31.03 26.94
N TRP A 206 -17.28 29.85 26.34
CA TRP A 206 -16.85 28.59 26.97
C TRP A 206 -15.32 28.36 27.00
N ILE A 207 -14.59 28.85 26.00
CA ILE A 207 -13.15 28.68 26.04
C ILE A 207 -12.61 29.60 27.14
N GLY A 208 -13.22 30.79 27.23
CA GLY A 208 -12.90 31.72 28.30
C GLY A 208 -12.99 31.01 29.64
N GLU A 209 -14.14 30.38 29.88
CA GLU A 209 -14.42 29.73 31.15
C GLU A 209 -13.46 28.62 31.44
N LEU A 210 -13.16 27.81 30.43
CA LEU A 210 -12.33 26.64 30.67
C LEU A 210 -10.90 27.02 31.04
N TRP A 211 -10.42 28.12 30.48
CA TRP A 211 -9.08 28.53 30.77
C TRP A 211 -9.03 29.12 32.18
N GLN A 212 -10.03 29.94 32.52
CA GLN A 212 -10.16 30.38 33.89
C GLN A 212 -10.21 29.20 34.87
N ASN A 213 -10.93 28.12 34.50
CA ASN A 213 -11.00 27.01 35.41
C ASN A 213 -9.62 26.44 35.60
N TYR A 214 -8.88 26.28 34.48
CA TYR A 214 -7.48 25.84 34.50
C TYR A 214 -6.65 26.72 35.46
N LEU A 215 -6.70 28.03 35.25
CA LEU A 215 -5.86 28.93 36.02
C LEU A 215 -6.20 28.86 37.51
N ASN A 216 -7.50 29.00 37.86
CA ASN A 216 -8.01 28.89 39.23
C ASN A 216 -7.62 27.62 39.98
N THR A 217 -7.58 26.50 39.27
CA THR A 217 -7.26 25.24 39.92
C THR A 217 -5.79 25.25 40.19
N VAL A 218 -5.02 25.70 39.21
CA VAL A 218 -3.57 25.68 39.35
C VAL A 218 -3.13 26.76 40.33
N ALA A 219 -3.73 27.95 40.25
CA ALA A 219 -3.65 28.94 41.33
C ALA A 219 -3.81 28.25 42.67
N ALA A 220 -4.99 27.68 42.90
CA ALA A 220 -5.33 27.20 44.25
C ALA A 220 -4.30 26.17 44.67
N ASN A 221 -3.93 25.30 43.74
CA ASN A 221 -2.92 24.26 43.97
C ASN A 221 -1.54 24.79 44.32
N ARG A 222 -1.16 25.97 43.81
CA ARG A 222 0.19 26.54 44.05
C ARG A 222 0.18 27.64 45.13
N GLN A 223 -1.04 28.02 45.55
CA GLN A 223 -1.27 29.05 46.55
C GLN A 223 -0.78 30.43 46.08
N ILE A 224 -0.90 30.71 44.79
CA ILE A 224 -0.45 32.02 44.29
C ILE A 224 -1.57 32.57 43.46
N PRO A 225 -1.61 33.90 43.26
CA PRO A 225 -2.74 34.43 42.46
C PRO A 225 -2.81 33.91 40.99
N ALA A 226 -4.03 33.76 40.44
CA ALA A 226 -4.23 33.23 39.08
C ALA A 226 -3.35 33.93 38.05
N GLU A 227 -3.25 35.26 38.12
CA GLU A 227 -2.48 36.03 37.12
C GLU A 227 -0.96 35.89 37.31
N GLN A 228 -0.54 35.28 38.40
CA GLN A 228 0.87 34.97 38.57
C GLN A 228 1.14 33.62 37.93
N VAL A 229 0.15 32.73 37.97
CA VAL A 229 0.28 31.49 37.22
C VAL A 229 0.50 31.79 35.72
N PHE A 230 -0.35 32.63 35.12
CA PHE A 230 -0.15 33.07 33.77
C PHE A 230 -0.59 34.52 33.66
N PRO A 231 0.38 35.45 33.51
CA PRO A 231 0.15 36.91 33.43
C PRO A 231 -0.26 37.46 32.05
N GLY A 232 -0.49 36.55 31.10
CA GLY A 232 -0.70 36.94 29.69
C GLY A 232 0.63 37.02 28.97
N ALA A 233 0.55 37.15 27.64
CA ALA A 233 1.74 37.20 26.78
C ALA A 233 2.74 38.26 27.24
N GLN A 234 2.34 39.54 27.28
CA GLN A 234 3.23 40.62 27.70
C GLN A 234 3.91 40.30 29.02
N GLY A 235 3.09 39.92 30.01
CA GLY A 235 3.57 39.60 31.32
C GLY A 235 4.61 38.51 31.29
N LEU A 236 4.41 37.52 30.42
CA LEU A 236 5.35 36.40 30.34
C LEU A 236 6.62 36.84 29.67
N LEU A 237 6.49 37.77 28.73
CA LEU A 237 7.65 38.27 27.99
C LEU A 237 8.52 39.10 28.96
N GLU A 238 7.86 39.96 29.73
CA GLU A 238 8.54 40.86 30.66
C GLU A 238 9.24 40.08 31.76
N GLY A 239 8.71 38.91 32.11
CA GLY A 239 9.27 38.11 33.18
C GLY A 239 10.38 37.23 32.69
N LEU A 240 10.38 36.95 31.40
CA LEU A 240 11.50 36.21 30.83
C LEU A 240 12.72 37.10 30.50
N THR A 241 12.47 38.28 29.93
CA THR A 241 13.49 39.30 29.74
C THR A 241 14.29 39.46 31.04
N LYS A 242 13.58 39.81 32.11
CA LYS A 242 14.15 40.01 33.45
C LYS A 242 15.05 38.86 33.96
N THR A 243 14.95 37.70 33.33
CA THR A 243 15.63 36.53 33.82
C THR A 243 16.68 36.09 32.79
N GLY A 244 16.91 36.92 31.77
CA GLY A 244 17.84 36.59 30.67
C GLY A 244 17.31 35.49 29.75
N GLY A 245 16.00 35.34 29.71
CA GLY A 245 15.37 34.21 29.02
C GLY A 245 15.53 32.86 29.70
N ASP A 246 15.91 32.83 30.96
CA ASP A 246 15.90 31.57 31.71
C ASP A 246 14.46 31.27 32.14
N THR A 247 13.82 30.36 31.41
CA THR A 247 12.46 29.91 31.71
C THR A 247 12.32 29.23 33.09
N ALA A 248 13.36 28.53 33.53
CA ALA A 248 13.32 27.77 34.78
C ALA A 248 13.47 28.71 35.99
N LYS A 249 14.32 29.70 35.86
CA LYS A 249 14.43 30.76 36.86
C LYS A 249 13.12 31.54 36.95
N TYR A 250 12.49 31.79 35.82
CA TYR A 250 11.15 32.39 35.78
C TYR A 250 10.12 31.59 36.59
N ALA A 251 10.16 30.26 36.43
CA ALA A 251 9.21 29.38 37.05
C ALA A 251 9.45 29.35 38.55
N LEU A 252 10.74 29.35 38.92
CA LEU A 252 11.13 29.27 40.33
C LEU A 252 10.86 30.57 41.07
N GLU A 253 11.14 31.72 40.46
CA GLU A 253 10.78 32.98 41.09
C GLU A 253 9.29 33.23 41.20
N ASN A 254 8.50 32.68 40.28
CA ASN A 254 7.05 32.81 40.38
C ASN A 254 6.35 31.59 40.99
N LYS A 255 7.12 30.61 41.45
CA LYS A 255 6.63 29.61 42.37
C LYS A 255 5.67 28.66 41.69
N LEU A 256 5.85 28.55 40.37
CA LEU A 256 5.23 27.53 39.55
C LEU A 256 5.82 26.17 39.93
N VAL A 257 7.05 26.24 40.42
CA VAL A 257 7.91 25.10 40.68
C VAL A 257 8.56 25.35 42.07
N ASP A 258 9.00 24.29 42.74
CA ASP A 258 9.57 24.45 44.07
C ASP A 258 11.11 24.29 44.13
N ALA A 259 11.71 23.60 43.16
CA ALA A 259 13.15 23.48 43.12
C ALA A 259 13.71 23.15 41.74
N LEU A 260 14.86 23.80 41.42
CA LEU A 260 15.64 23.49 40.20
C LEU A 260 16.68 22.44 40.50
N ALA A 261 16.76 21.40 39.69
CA ALA A 261 17.65 20.32 40.06
C ALA A 261 17.84 19.30 38.97
N SER A 262 19.00 18.67 38.99
CA SER A 262 19.41 17.77 37.93
C SER A 262 18.89 16.34 38.16
N SER A 263 18.80 15.54 37.10
CA SER A 263 18.30 14.19 37.23
C SER A 263 18.89 13.48 38.47
N ALA A 264 20.21 13.59 38.67
CA ALA A 264 20.84 12.87 39.76
C ALA A 264 20.79 13.63 41.10
N GLU A 265 20.49 14.92 41.08
CA GLU A 265 20.10 15.65 42.29
C GLU A 265 18.72 15.24 42.80
N ILE A 266 17.80 14.96 41.85
CA ILE A 266 16.45 14.50 42.14
C ILE A 266 16.52 13.03 42.63
N GLU A 267 17.26 12.19 41.93
CA GLU A 267 17.52 10.81 42.35
C GLU A 267 17.87 10.79 43.84
N LYS A 268 18.90 11.56 44.21
CA LYS A 268 19.39 11.59 45.59
C LYS A 268 18.28 11.99 46.56
N ALA A 269 17.69 13.15 46.31
CA ALA A 269 16.61 13.66 47.13
C ALA A 269 15.47 12.64 47.21
N LEU A 270 15.27 11.88 46.13
CA LEU A 270 14.23 10.86 46.12
C LEU A 270 14.65 9.62 46.88
N THR A 271 15.93 9.26 46.86
CA THR A 271 16.40 8.07 47.60
C THR A 271 16.53 8.37 49.10
N LYS A 272 16.72 9.64 49.44
CA LYS A 272 16.69 10.02 50.84
C LYS A 272 15.28 9.79 51.37
N GLU A 273 14.28 10.13 50.57
CA GLU A 273 12.89 10.07 50.99
C GLU A 273 12.32 8.65 50.95
N PHE A 274 12.74 7.88 49.95
CA PHE A 274 12.14 6.60 49.65
C PHE A 274 13.08 5.43 49.85
N GLY A 275 14.37 5.71 50.02
CA GLY A 275 15.37 4.68 50.25
C GLY A 275 15.92 4.01 49.02
N TRP A 276 17.11 3.41 49.15
CA TRP A 276 17.83 2.86 48.02
C TRP A 276 17.62 1.37 47.90
N SER A 277 17.38 0.92 46.66
CA SER A 277 17.19 -0.49 46.36
C SER A 277 18.40 -1.18 45.71
N LYS A 278 19.22 -1.85 46.52
CA LYS A 278 20.37 -2.63 46.01
C LYS A 278 20.03 -3.46 44.78
N THR A 279 18.75 -3.83 44.65
CA THR A 279 18.29 -4.76 43.62
C THR A 279 18.08 -4.11 42.24
N ASP A 280 17.45 -2.93 42.23
CA ASP A 280 17.11 -2.25 40.97
C ASP A 280 18.12 -1.13 40.66
N LYS A 281 18.90 -0.79 41.68
CA LYS A 281 19.88 0.29 41.65
C LYS A 281 19.18 1.62 41.37
N ASN A 282 18.16 1.90 42.18
CA ASN A 282 17.36 3.11 42.09
C ASN A 282 16.66 3.33 43.44
N TYR A 283 16.00 4.47 43.60
CA TYR A 283 15.16 4.71 44.76
C TYR A 283 13.96 3.74 44.81
N ARG A 284 13.39 3.54 46.00
CA ARG A 284 12.35 2.52 46.17
C ARG A 284 11.02 2.94 45.55
N ALA A 285 10.55 2.17 44.58
CA ALA A 285 9.42 2.56 43.74
C ALA A 285 8.87 1.42 42.90
N ILE A 286 7.55 1.29 42.86
CA ILE A 286 6.89 0.41 41.90
C ILE A 286 6.07 1.28 40.95
N SER A 287 6.14 0.95 39.66
CA SER A 287 5.43 1.68 38.63
C SER A 287 3.97 1.32 38.66
N TYR A 288 3.14 2.33 38.43
CA TYR A 288 1.70 2.20 38.36
C TYR A 288 1.29 1.02 37.47
N TYR A 289 2.06 0.77 36.41
CA TYR A 289 1.76 -0.30 35.43
C TYR A 289 2.09 -1.69 35.95
N ASP A 290 2.86 -1.76 37.03
CA ASP A 290 3.25 -3.03 37.63
C ASP A 290 2.58 -3.21 38.98
N TYR A 291 1.91 -2.16 39.44
CA TYR A 291 1.28 -2.14 40.75
C TYR A 291 -0.15 -2.67 40.60
N ALA A 292 -0.37 -3.90 41.07
CA ALA A 292 -1.66 -4.59 40.98
C ALA A 292 -2.73 -3.89 41.83
N LEU A 293 -3.76 -3.38 41.16
CA LEU A 293 -4.96 -2.88 41.80
C LEU A 293 -5.83 -4.06 42.19
N LYS A 294 -6.24 -4.13 43.47
CA LYS A 294 -7.02 -5.28 43.98
C LYS A 294 -8.42 -5.32 43.37
N THR A 295 -8.86 -6.52 43.02
CA THR A 295 -10.17 -6.74 42.41
C THR A 295 -11.26 -6.80 43.50
N PRO A 296 -12.13 -5.77 43.55
CA PRO A 296 -13.02 -5.59 44.70
C PRO A 296 -14.08 -6.71 44.85
N ALA A 297 -14.45 -7.02 46.10
CA ALA A 297 -15.44 -8.06 46.41
C ALA A 297 -16.86 -7.80 45.84
N ASP A 298 -17.48 -8.86 45.34
CA ASP A 298 -18.90 -8.85 44.94
C ASP A 298 -19.79 -8.91 46.18
N THR A 299 -20.24 -7.76 46.65
CA THR A 299 -21.21 -7.70 47.75
C THR A 299 -22.46 -8.56 47.39
N GLY A 300 -23.17 -8.18 46.32
CA GLY A 300 -24.45 -8.79 45.94
C GLY A 300 -25.54 -7.81 45.57
N ASP A 301 -25.26 -6.51 45.68
CA ASP A 301 -26.15 -5.44 45.24
C ASP A 301 -25.26 -4.49 44.44
N SER A 302 -25.50 -4.38 43.14
CA SER A 302 -24.55 -3.67 42.33
C SER A 302 -25.13 -2.43 41.65
N ILE A 303 -24.24 -1.56 41.21
CA ILE A 303 -24.60 -0.42 40.39
C ILE A 303 -23.87 -0.59 39.06
N GLY A 304 -24.63 -0.63 37.98
CA GLY A 304 -24.05 -0.88 36.66
C GLY A 304 -23.48 0.39 36.07
N VAL A 305 -22.28 0.29 35.52
CA VAL A 305 -21.68 1.46 34.89
C VAL A 305 -21.60 1.16 33.41
N VAL A 306 -22.25 1.99 32.59
CA VAL A 306 -22.17 1.89 31.13
C VAL A 306 -21.54 3.15 30.52
N PHE A 307 -20.58 2.94 29.61
CA PHE A 307 -19.84 4.00 28.96
C PHE A 307 -20.41 4.34 27.59
N ALA A 308 -20.60 5.62 27.36
CA ALA A 308 -20.94 6.12 26.05
C ALA A 308 -19.78 7.01 25.69
N ASN A 309 -18.66 6.36 25.39
CA ASN A 309 -17.40 7.04 25.09
C ASN A 309 -17.09 7.14 23.57
N GLY A 310 -17.25 8.32 22.98
CA GLY A 310 -16.99 8.54 21.54
C GLY A 310 -18.15 9.12 20.74
N ALA A 311 -18.00 9.21 19.42
CA ALA A 311 -19.14 9.55 18.53
C ALA A 311 -20.12 8.38 18.53
N ILE A 312 -21.40 8.68 18.39
CA ILE A 312 -22.40 7.61 18.45
C ILE A 312 -22.81 7.12 17.05
N MET A 313 -22.57 5.83 16.83
CA MET A 313 -22.82 5.20 15.54
C MET A 313 -24.01 4.20 15.59
N ASP A 314 -24.74 4.13 14.49
CA ASP A 314 -25.86 3.20 14.33
C ASP A 314 -25.57 1.72 14.57
N GLY A 315 -24.40 1.26 14.13
CA GLY A 315 -24.20 -0.19 14.09
C GLY A 315 -23.98 -0.81 15.45
N GLU A 316 -22.97 -1.66 15.51
CA GLU A 316 -22.36 -1.97 16.79
C GLU A 316 -20.95 -1.35 16.98
N GLU A 317 -20.50 -1.39 18.23
CA GLU A 317 -19.20 -0.88 18.67
C GLU A 317 -18.12 -1.04 17.60
N THR A 318 -17.88 0.05 16.87
CA THR A 318 -16.90 0.07 15.81
C THR A 318 -15.71 0.97 16.17
N GLN A 319 -14.52 0.61 15.69
CA GLN A 319 -13.31 1.44 15.81
C GLN A 319 -13.19 2.00 17.25
N GLY A 320 -13.09 3.33 17.37
CA GLY A 320 -13.16 4.01 18.66
C GLY A 320 -14.45 4.82 18.80
N ASN A 321 -15.58 4.15 18.59
CA ASN A 321 -16.87 4.81 18.58
C ASN A 321 -17.86 4.16 19.55
N VAL A 322 -19.02 4.79 19.71
CA VAL A 322 -20.13 4.21 20.45
C VAL A 322 -21.09 3.58 19.43
N GLY A 323 -21.46 2.33 19.68
CA GLY A 323 -22.45 1.64 18.87
C GLY A 323 -23.80 1.59 19.55
N GLY A 324 -24.74 2.36 19.02
CA GLY A 324 -26.14 2.30 19.46
C GLY A 324 -26.61 0.96 19.99
N ASP A 325 -26.36 -0.12 19.26
CA ASP A 325 -26.93 -1.41 19.66
C ASP A 325 -26.10 -2.14 20.73
N THR A 326 -24.77 -1.97 20.71
CA THR A 326 -23.92 -2.52 21.77
C THR A 326 -24.28 -1.84 23.10
N THR A 327 -24.59 -0.54 23.02
CA THR A 327 -24.83 0.24 24.21
C THR A 327 -26.23 -0.03 24.71
N ALA A 328 -27.21 -0.02 23.80
CA ALA A 328 -28.57 -0.40 24.15
C ALA A 328 -28.62 -1.76 24.86
N ALA A 329 -27.76 -2.69 24.43
CA ALA A 329 -27.81 -4.06 24.92
C ALA A 329 -27.17 -4.17 26.28
N GLN A 330 -26.27 -3.24 26.55
CA GLN A 330 -25.53 -3.24 27.80
C GLN A 330 -26.44 -2.68 28.89
N ILE A 331 -27.23 -1.70 28.52
CA ILE A 331 -28.26 -1.15 29.38
C ILE A 331 -29.39 -2.16 29.61
N ARG A 332 -29.74 -2.96 28.59
CA ARG A 332 -30.80 -3.99 28.68
C ARG A 332 -30.35 -5.04 29.67
N ASP A 333 -29.09 -5.43 29.54
CA ASP A 333 -28.48 -6.35 30.48
C ASP A 333 -28.67 -5.84 31.93
N ALA A 334 -28.33 -4.57 32.16
CA ALA A 334 -28.34 -4.01 33.49
C ALA A 334 -29.76 -3.81 33.98
N ARG A 335 -30.65 -3.38 33.08
CA ARG A 335 -32.07 -3.14 33.41
C ARG A 335 -32.86 -4.40 33.81
N LEU A 336 -32.30 -5.58 33.59
CA LEU A 336 -33.03 -6.82 33.77
C LEU A 336 -32.27 -7.76 34.70
N ASP A 337 -31.05 -7.37 35.05
CA ASP A 337 -30.30 -8.09 36.08
C ASP A 337 -30.84 -7.60 37.42
N PRO A 338 -31.47 -8.49 38.21
CA PRO A 338 -32.12 -8.05 39.45
C PRO A 338 -31.10 -7.61 40.52
N LYS A 339 -29.86 -8.08 40.43
CA LYS A 339 -28.75 -7.62 41.30
C LYS A 339 -28.38 -6.13 41.07
N VAL A 340 -28.64 -5.62 39.86
CA VAL A 340 -28.29 -4.26 39.55
C VAL A 340 -29.38 -3.33 40.04
N LYS A 341 -29.01 -2.43 40.93
CA LYS A 341 -30.00 -1.63 41.65
C LYS A 341 -30.19 -0.27 41.03
N ALA A 342 -29.18 0.20 40.28
CA ALA A 342 -29.23 1.48 39.59
C ALA A 342 -28.26 1.49 38.43
N ILE A 343 -28.41 2.49 37.54
CA ILE A 343 -27.43 2.66 36.48
C ILE A 343 -26.76 4.05 36.44
N VAL A 344 -25.46 4.02 36.17
CA VAL A 344 -24.72 5.22 35.89
C VAL A 344 -24.29 5.16 34.44
N LEU A 345 -24.71 6.14 33.66
CA LEU A 345 -24.31 6.26 32.28
C LEU A 345 -23.15 7.27 32.24
N ARG A 346 -21.94 6.78 32.01
CA ARG A 346 -20.75 7.65 31.96
C ARG A 346 -20.53 8.18 30.56
N VAL A 347 -20.85 9.43 30.33
CA VAL A 347 -20.90 10.01 29.00
C VAL A 347 -19.71 10.90 28.71
N ASN A 348 -19.06 10.63 27.57
CA ASN A 348 -18.04 11.49 26.96
C ASN A 348 -18.13 11.35 25.43
N SER A 349 -18.97 12.18 24.84
CA SER A 349 -19.39 12.05 23.46
C SER A 349 -19.74 13.44 22.88
N PRO A 350 -19.30 13.70 21.64
CA PRO A 350 -19.70 14.82 20.79
C PRO A 350 -21.07 14.59 20.15
N GLY A 351 -21.57 13.37 20.29
CA GLY A 351 -22.83 13.03 19.67
C GLY A 351 -22.72 12.15 18.45
N GLY A 352 -23.47 12.47 17.41
CA GLY A 352 -23.48 11.60 16.23
C GLY A 352 -24.87 11.21 15.78
N SER A 353 -25.07 9.92 15.55
CA SER A 353 -26.31 9.46 14.94
C SER A 353 -27.55 9.58 15.84
N VAL A 354 -28.41 10.53 15.51
CA VAL A 354 -29.76 10.64 16.10
C VAL A 354 -30.52 9.32 16.19
N THR A 355 -30.49 8.51 15.14
CA THR A 355 -31.27 7.29 15.20
C THR A 355 -30.65 6.33 16.23
N ALA A 356 -29.32 6.22 16.23
CA ALA A 356 -28.61 5.47 17.27
C ALA A 356 -28.69 6.13 18.65
N SER A 357 -28.96 7.44 18.69
CA SER A 357 -29.11 8.10 19.97
C SER A 357 -30.36 7.52 20.63
N GLU A 358 -31.49 7.54 19.88
CA GLU A 358 -32.80 7.05 20.34
C GLU A 358 -32.75 5.62 20.86
N VAL A 359 -32.01 4.78 20.20
CA VAL A 359 -32.04 3.41 20.62
C VAL A 359 -31.54 3.34 22.06
N ILE A 360 -30.47 4.09 22.34
CA ILE A 360 -29.84 4.17 23.66
C ILE A 360 -30.78 4.86 24.66
N ARG A 361 -31.33 6.00 24.26
CA ARG A 361 -32.24 6.73 25.11
C ARG A 361 -33.44 5.87 25.50
N ALA A 362 -33.98 5.09 24.56
CA ALA A 362 -35.17 4.29 24.85
C ALA A 362 -34.88 3.17 25.85
N GLU A 363 -33.68 2.60 25.82
CA GLU A 363 -33.37 1.55 26.78
C GLU A 363 -33.17 2.15 28.18
N LEU A 364 -32.75 3.42 28.19
CA LEU A 364 -32.46 4.12 29.42
C LEU A 364 -33.77 4.47 30.09
N ALA A 365 -34.70 5.01 29.30
CA ALA A 365 -36.02 5.34 29.78
C ALA A 365 -36.73 4.09 30.30
N ALA A 366 -36.56 2.98 29.59
CA ALA A 366 -37.14 1.69 30.00
C ALA A 366 -36.68 1.30 31.39
N ALA A 367 -35.38 1.47 31.63
CA ALA A 367 -34.74 1.18 32.92
C ALA A 367 -35.34 2.03 34.02
N ARG A 368 -35.52 3.31 33.73
CA ARG A 368 -36.08 4.21 34.73
C ARG A 368 -37.55 3.86 34.99
N ALA A 369 -38.25 3.53 33.92
CA ALA A 369 -39.67 3.20 33.97
C ALA A 369 -39.89 1.93 34.81
N ALA A 370 -38.98 0.96 34.72
CA ALA A 370 -39.04 -0.24 35.55
C ALA A 370 -38.61 0.02 36.97
N GLY A 371 -38.17 1.24 37.28
CA GLY A 371 -37.82 1.65 38.66
C GLY A 371 -36.36 1.53 39.07
N LYS A 372 -35.45 1.33 38.11
CA LYS A 372 -34.01 1.45 38.35
C LYS A 372 -33.53 2.87 38.06
N PRO A 373 -33.06 3.58 39.11
CA PRO A 373 -32.63 4.97 38.89
C PRO A 373 -31.46 5.01 37.90
N VAL A 374 -31.49 6.00 37.01
CA VAL A 374 -30.45 6.20 36.03
C VAL A 374 -29.80 7.55 36.32
N VAL A 375 -28.50 7.48 36.62
CA VAL A 375 -27.69 8.69 36.86
C VAL A 375 -26.63 8.85 35.76
N VAL A 376 -26.64 10.01 35.09
CA VAL A 376 -25.59 10.36 34.13
C VAL A 376 -24.41 11.11 34.77
N SER A 377 -23.21 10.72 34.35
CA SER A 377 -22.01 11.29 34.82
C SER A 377 -21.33 11.78 33.57
N MET A 378 -21.37 13.10 33.38
CA MET A 378 -20.73 13.69 32.21
C MET A 378 -19.26 13.91 32.46
N GLY A 379 -18.40 13.54 31.50
CA GLY A 379 -16.95 13.70 31.74
C GLY A 379 -16.10 14.27 30.61
N GLY A 380 -16.35 15.51 30.20
CA GLY A 380 -15.48 16.05 29.15
C GLY A 380 -16.36 16.61 28.08
N MET A 381 -17.07 15.72 27.39
CA MET A 381 -18.13 16.15 26.51
C MET A 381 -19.37 15.31 26.64
N ALA A 382 -20.50 15.98 26.54
CA ALA A 382 -21.80 15.31 26.40
C ALA A 382 -22.70 16.28 25.70
N ALA A 383 -22.45 16.42 24.40
CA ALA A 383 -23.15 17.42 23.62
C ALA A 383 -23.97 16.80 22.50
N SER A 384 -24.93 17.59 22.00
CA SER A 384 -25.84 17.18 20.93
C SER A 384 -26.45 15.83 21.33
N GLY A 385 -26.04 14.76 20.66
CA GLY A 385 -26.52 13.41 20.94
C GLY A 385 -25.92 12.77 22.17
N GLY A 386 -24.84 13.37 22.67
CA GLY A 386 -24.32 12.99 23.96
C GLY A 386 -25.27 13.48 25.01
N TYR A 387 -25.92 14.60 24.74
CA TYR A 387 -26.98 15.07 25.62
C TYR A 387 -28.34 14.40 25.39
N TRP A 388 -28.64 14.05 24.14
CA TRP A 388 -29.87 13.32 23.78
C TRP A 388 -29.99 12.01 24.59
N ILE A 389 -28.96 11.17 24.61
CA ILE A 389 -28.97 9.95 25.46
C ILE A 389 -28.95 10.23 26.98
N SER A 390 -28.74 11.47 27.40
CA SER A 390 -28.59 11.76 28.82
C SER A 390 -29.92 12.20 29.43
N THR A 391 -30.77 12.69 28.56
CA THR A 391 -32.11 13.15 28.82
C THR A 391 -33.03 12.33 29.80
N PRO A 392 -33.11 10.99 29.65
CA PRO A 392 -34.05 10.31 30.56
C PRO A 392 -33.59 10.10 32.01
N ALA A 393 -32.43 10.61 32.38
CA ALA A 393 -31.89 10.32 33.71
C ALA A 393 -32.70 11.02 34.83
N ASN A 394 -32.75 10.36 36.00
CA ASN A 394 -33.32 10.96 37.21
C ASN A 394 -32.53 12.21 37.56
N TYR A 395 -31.21 12.10 37.37
CA TYR A 395 -30.24 13.09 37.80
C TYR A 395 -29.08 13.19 36.82
N ILE A 396 -28.62 14.41 36.57
CA ILE A 396 -27.50 14.64 35.65
C ILE A 396 -26.41 15.49 36.31
N VAL A 397 -25.23 14.89 36.46
CA VAL A 397 -24.06 15.62 36.94
C VAL A 397 -22.94 15.88 35.91
N ALA A 398 -22.54 17.13 35.76
CA ALA A 398 -21.36 17.54 35.00
C ALA A 398 -20.27 18.26 35.84
N ASN A 399 -19.01 18.01 35.51
CA ASN A 399 -17.90 18.85 35.89
C ASN A 399 -18.16 20.30 35.39
N PRO A 400 -17.68 21.33 36.13
CA PRO A 400 -17.91 22.69 35.58
C PRO A 400 -17.24 22.89 34.25
N SER A 401 -16.17 22.11 33.99
CA SER A 401 -15.40 22.24 32.72
C SER A 401 -15.91 21.34 31.56
N THR A 402 -16.96 20.55 31.83
CA THR A 402 -17.67 19.75 30.84
C THR A 402 -18.28 20.65 29.79
N LEU A 403 -18.31 20.15 28.55
CA LEU A 403 -18.94 20.86 27.45
C LEU A 403 -20.17 20.08 27.01
N THR A 404 -21.34 20.71 27.09
CA THR A 404 -22.59 20.00 26.89
C THR A 404 -23.53 20.87 26.10
N GLY A 405 -24.84 20.58 26.20
CA GLY A 405 -25.81 21.31 25.38
C GLY A 405 -25.63 21.01 23.89
N SER A 406 -25.51 22.08 23.09
CA SER A 406 -25.48 21.95 21.63
C SER A 406 -26.74 21.19 21.17
N ILE A 407 -27.89 21.66 21.67
CA ILE A 407 -29.18 21.11 21.33
C ILE A 407 -29.59 21.77 20.03
N GLY A 408 -29.42 21.03 18.94
CA GLY A 408 -29.72 21.55 17.61
C GLY A 408 -29.52 20.43 16.61
N ILE A 409 -29.79 20.75 15.35
CA ILE A 409 -29.82 19.71 14.35
C ILE A 409 -29.41 20.28 13.01
N PHE A 410 -28.67 19.50 12.23
CA PHE A 410 -28.23 19.96 10.93
C PHE A 410 -28.01 18.81 9.95
N GLY A 411 -28.17 19.11 8.66
CA GLY A 411 -27.75 18.19 7.57
C GLY A 411 -27.07 18.96 6.45
N VAL A 412 -26.05 18.36 5.84
CA VAL A 412 -25.36 18.99 4.71
C VAL A 412 -25.38 18.07 3.50
N ILE A 413 -25.81 18.61 2.36
CA ILE A 413 -25.71 17.88 1.09
C ILE A 413 -24.81 18.66 0.13
N THR A 414 -23.75 18.01 -0.37
CA THR A 414 -22.94 18.61 -1.43
C THR A 414 -23.04 17.75 -2.67
N THR A 415 -23.40 18.38 -3.79
CA THR A 415 -23.45 17.67 -5.05
C THR A 415 -22.43 18.33 -6.00
N VAL A 416 -22.05 17.60 -7.05
CA VAL A 416 -20.91 17.99 -7.88
C VAL A 416 -21.24 18.10 -9.38
N GLU A 417 -22.50 18.33 -9.70
CA GLU A 417 -22.92 18.29 -11.09
C GLU A 417 -22.17 19.34 -11.96
N ASN A 418 -22.10 20.57 -11.45
CA ASN A 418 -21.39 21.62 -12.15
C ASN A 418 -19.87 21.39 -12.21
N SER A 419 -19.30 20.67 -11.22
CA SER A 419 -17.87 20.43 -11.14
C SER A 419 -17.52 19.46 -12.25
N LEU A 420 -18.34 18.39 -12.35
CA LEU A 420 -18.20 17.41 -13.41
C LEU A 420 -18.44 18.06 -14.78
N ASP A 421 -19.46 18.91 -14.90
CA ASP A 421 -19.81 19.50 -16.18
C ASP A 421 -18.66 20.27 -16.82
N SER A 422 -17.93 21.01 -15.97
CA SER A 422 -16.80 21.79 -16.42
C SER A 422 -15.62 20.92 -16.90
N ILE A 423 -15.43 19.71 -16.36
CA ILE A 423 -14.52 18.74 -16.99
C ILE A 423 -15.19 17.81 -18.05
N GLY A 424 -16.38 18.19 -18.52
CA GLY A 424 -17.05 17.43 -19.57
C GLY A 424 -17.54 16.04 -19.20
N VAL A 425 -17.97 15.88 -17.94
CA VAL A 425 -18.60 14.65 -17.51
C VAL A 425 -20.03 14.97 -17.11
N HIS A 426 -21.00 14.26 -17.66
CA HIS A 426 -22.40 14.57 -17.37
C HIS A 426 -23.13 13.32 -16.90
N THR A 427 -24.34 13.51 -16.42
CA THR A 427 -25.16 12.38 -16.01
C THR A 427 -26.49 12.52 -16.68
N ASP A 428 -27.21 11.42 -16.71
CA ASP A 428 -28.53 11.45 -17.23
C ASP A 428 -29.11 10.12 -16.83
N GLY A 429 -30.44 10.07 -16.90
CA GLY A 429 -31.20 8.91 -16.51
C GLY A 429 -32.68 9.19 -16.52
N VAL A 430 -33.44 8.20 -16.09
CA VAL A 430 -34.89 8.33 -15.97
C VAL A 430 -35.21 8.13 -14.50
N SER A 431 -36.26 8.80 -14.02
CA SER A 431 -36.80 8.57 -12.66
C SER A 431 -38.34 8.46 -12.65
N THR A 432 -38.87 7.78 -11.67
CA THR A 432 -40.31 7.72 -11.56
C THR A 432 -40.78 8.85 -10.66
N SER A 433 -39.87 9.35 -9.83
CA SER A 433 -40.13 10.59 -9.07
C SER A 433 -38.85 11.43 -8.91
N PRO A 434 -38.97 12.77 -8.97
CA PRO A 434 -37.77 13.54 -8.59
C PRO A 434 -37.25 13.21 -7.19
N LEU A 435 -38.11 12.69 -6.31
CA LEU A 435 -37.65 12.20 -4.97
C LEU A 435 -36.65 11.06 -5.07
N ALA A 436 -36.65 10.39 -6.22
CA ALA A 436 -35.72 9.29 -6.50
C ALA A 436 -34.38 9.77 -7.06
N ASP A 437 -34.38 10.95 -7.63
CA ASP A 437 -33.19 11.44 -8.30
C ASP A 437 -32.21 12.15 -7.31
N VAL A 438 -31.70 11.42 -6.32
CA VAL A 438 -30.96 12.04 -5.24
C VAL A 438 -29.61 11.35 -5.06
N SER A 439 -28.56 11.98 -5.57
CA SER A 439 -27.23 11.33 -5.67
C SER A 439 -26.16 12.41 -5.76
N ILE A 440 -24.90 12.06 -5.46
CA ILE A 440 -23.85 13.10 -5.38
C ILE A 440 -23.58 13.79 -6.72
N THR A 441 -23.75 13.04 -7.79
CA THR A 441 -23.51 13.57 -9.14
C THR A 441 -24.66 14.36 -9.78
N ARG A 442 -25.84 14.43 -9.15
CA ARG A 442 -26.98 15.18 -9.74
C ARG A 442 -27.46 16.37 -8.91
N ALA A 443 -28.03 17.37 -9.57
CA ALA A 443 -28.56 18.49 -8.83
C ALA A 443 -29.57 17.97 -7.80
N LEU A 444 -29.64 18.60 -6.63
CA LEU A 444 -30.63 18.20 -5.66
C LEU A 444 -31.97 18.77 -6.10
N PRO A 445 -32.95 17.90 -6.40
CA PRO A 445 -34.29 18.32 -6.85
C PRO A 445 -35.04 19.13 -5.79
N PRO A 446 -35.69 20.22 -6.19
CA PRO A 446 -36.45 21.04 -5.20
C PRO A 446 -37.42 20.23 -4.33
N GLU A 447 -37.98 19.17 -4.88
CA GLU A 447 -38.83 18.30 -4.11
C GLU A 447 -38.02 17.69 -2.97
N ALA A 448 -36.84 17.17 -3.30
CA ALA A 448 -35.93 16.64 -2.30
C ALA A 448 -35.55 17.66 -1.24
N GLN A 449 -35.34 18.91 -1.64
CA GLN A 449 -35.00 19.99 -0.70
C GLN A 449 -36.11 20.26 0.33
N LEU A 450 -37.35 20.32 -0.15
CA LEU A 450 -38.48 20.58 0.70
C LEU A 450 -38.67 19.50 1.76
N MET A 451 -38.35 18.27 1.39
CA MET A 451 -38.53 17.13 2.27
C MET A 451 -37.46 17.09 3.31
N MET A 452 -36.25 17.42 2.90
CA MET A 452 -35.13 17.47 3.82
C MET A 452 -35.24 18.64 4.79
N GLN A 453 -35.63 19.81 4.32
CA GLN A 453 -35.97 20.89 5.23
C GLN A 453 -37.03 20.51 6.26
N LEU A 454 -38.09 19.83 5.82
CA LEU A 454 -39.16 19.41 6.74
C LEU A 454 -38.64 18.39 7.73
N SER A 455 -37.82 17.47 7.27
CA SER A 455 -37.35 16.49 8.18
C SER A 455 -36.47 17.13 9.30
N ILE A 456 -35.73 18.21 8.98
CA ILE A 456 -34.79 18.82 9.93
C ILE A 456 -35.56 19.68 10.93
N GLU A 457 -36.59 20.36 10.44
CA GLU A 457 -37.51 21.13 11.29
C GLU A 457 -38.19 20.21 12.32
N ASN A 458 -38.48 19.00 11.88
CA ASN A 458 -39.14 18.06 12.73
C ASN A 458 -38.18 17.49 13.74
N GLY A 459 -37.01 17.03 13.29
CA GLY A 459 -35.91 16.62 14.18
C GLY A 459 -35.59 17.63 15.29
N TYR A 460 -35.57 18.91 14.95
CA TYR A 460 -35.36 19.93 15.93
C TYR A 460 -36.46 19.94 16.99
N LYS A 461 -37.71 19.95 16.55
CA LYS A 461 -38.86 19.88 17.46
C LYS A 461 -38.80 18.63 18.33
N ARG A 462 -38.33 17.53 17.76
CA ARG A 462 -38.20 16.33 18.56
C ARG A 462 -37.20 16.54 19.69
N PHE A 463 -36.02 17.10 19.38
CA PHE A 463 -34.97 17.36 20.37
C PHE A 463 -35.48 18.23 21.50
N ILE A 464 -35.97 19.41 21.16
CA ILE A 464 -36.36 20.32 22.23
C ILE A 464 -37.53 19.80 23.08
N THR A 465 -38.36 18.93 22.51
CA THR A 465 -39.53 18.36 23.18
C THR A 465 -39.03 17.34 24.18
N LEU A 466 -38.15 16.45 23.73
CA LEU A 466 -37.48 15.52 24.62
C LEU A 466 -36.83 16.21 25.84
N VAL A 467 -36.25 17.40 25.62
CA VAL A 467 -35.46 18.04 26.65
C VAL A 467 -36.43 18.83 27.52
N ALA A 468 -37.42 19.44 26.88
CA ALA A 468 -38.47 20.12 27.65
C ALA A 468 -39.15 19.13 28.60
N ASP A 469 -39.67 18.01 28.08
CA ASP A 469 -40.28 17.00 28.96
C ASP A 469 -39.35 16.54 30.07
N ALA A 470 -38.06 16.39 29.75
CA ALA A 470 -37.11 15.74 30.67
C ALA A 470 -36.51 16.68 31.71
N ARG A 471 -36.45 17.97 31.39
CA ARG A 471 -35.91 18.96 32.31
C ARG A 471 -37.00 19.91 32.84
N HIS A 472 -38.25 19.44 32.84
CA HIS A 472 -39.38 20.14 33.47
C HIS A 472 -39.46 21.57 32.96
N SER A 473 -39.43 21.70 31.64
CA SER A 473 -39.60 23.00 31.02
C SER A 473 -40.58 22.87 29.86
N THR A 474 -40.90 24.01 29.24
CA THR A 474 -41.70 24.07 28.02
C THR A 474 -40.82 24.14 26.76
N PRO A 475 -41.29 23.58 25.62
CA PRO A 475 -40.55 23.74 24.35
C PRO A 475 -40.03 25.15 24.06
N GLU A 476 -40.89 26.16 24.19
CA GLU A 476 -40.50 27.56 23.91
C GLU A 476 -39.36 28.06 24.80
N GLN A 477 -39.27 27.54 26.02
CA GLN A 477 -38.24 27.92 26.97
C GLN A 477 -36.93 27.22 26.63
N ILE A 478 -37.04 25.96 26.22
CA ILE A 478 -35.89 25.21 25.76
C ILE A 478 -35.30 25.81 24.47
N ASP A 479 -36.16 26.40 23.65
CA ASP A 479 -35.65 27.11 22.48
C ASP A 479 -34.66 28.18 22.94
N LYS A 480 -35.11 29.06 23.85
CA LYS A 480 -34.32 30.20 24.29
C LYS A 480 -32.92 29.83 24.77
N ILE A 481 -32.62 28.55 24.90
CA ILE A 481 -31.34 28.11 25.40
C ILE A 481 -30.84 26.88 24.65
N ALA A 482 -31.47 26.57 23.53
CA ALA A 482 -31.06 25.49 22.66
C ALA A 482 -30.34 26.09 21.45
N GLN A 483 -31.07 26.33 20.36
CA GLN A 483 -30.50 26.89 19.13
C GLN A 483 -28.99 26.60 18.89
N GLY A 484 -28.57 25.36 19.19
CA GLY A 484 -27.21 24.89 18.88
C GLY A 484 -26.07 25.25 19.82
N HIS A 485 -26.35 26.18 20.74
CA HIS A 485 -25.37 26.80 21.63
C HIS A 485 -24.66 25.80 22.57
N VAL A 486 -23.34 25.81 22.58
CA VAL A 486 -22.62 24.94 23.53
C VAL A 486 -22.46 25.62 24.90
N TRP A 487 -22.57 24.83 25.96
CA TRP A 487 -22.57 25.32 27.32
C TRP A 487 -21.59 24.48 28.07
N THR A 488 -20.86 25.11 28.98
CA THR A 488 -20.05 24.39 29.98
C THR A 488 -20.98 23.80 31.04
N GLY A 489 -20.53 22.77 31.76
CA GLY A 489 -21.23 22.26 32.91
C GLY A 489 -21.85 23.38 33.75
N GLN A 490 -21.08 24.46 33.99
CA GLN A 490 -21.52 25.58 34.81
C GLN A 490 -22.74 26.30 34.22
N ASP A 491 -22.66 26.66 32.95
CA ASP A 491 -23.77 27.34 32.28
C ASP A 491 -24.99 26.43 32.14
N ALA A 492 -24.72 25.11 32.06
CA ALA A 492 -25.76 24.09 31.94
C ALA A 492 -26.55 23.94 33.24
N LYS A 493 -25.83 23.74 34.34
CA LYS A 493 -26.40 23.77 35.68
C LYS A 493 -27.28 25.02 35.83
N ALA A 494 -26.79 26.15 35.36
CA ALA A 494 -27.44 27.44 35.60
C ALA A 494 -28.76 27.56 34.88
N ASN A 495 -28.85 26.95 33.70
CA ASN A 495 -30.11 27.02 32.93
C ASN A 495 -30.97 25.73 32.91
N GLY A 496 -30.68 24.76 33.79
CA GLY A 496 -31.58 23.64 34.07
C GLY A 496 -31.26 22.33 33.37
N LEU A 497 -30.31 22.41 32.45
CA LEU A 497 -29.94 21.28 31.64
C LEU A 497 -29.21 20.23 32.48
N VAL A 498 -28.66 20.66 33.61
CA VAL A 498 -27.86 19.79 34.44
C VAL A 498 -28.31 19.98 35.89
N ASP A 499 -28.18 18.96 36.72
CA ASP A 499 -28.71 19.06 38.07
C ASP A 499 -27.65 19.54 39.08
N SER A 500 -26.41 19.07 38.93
CA SER A 500 -25.37 19.45 39.84
C SER A 500 -23.97 19.31 39.26
N LEU A 501 -23.06 20.06 39.85
CA LEU A 501 -21.66 19.99 39.50
C LEU A 501 -20.91 19.05 40.40
N GLY A 502 -20.21 18.12 39.79
CA GLY A 502 -19.32 17.21 40.49
C GLY A 502 -18.66 16.28 39.50
N ASP A 503 -18.28 15.11 39.99
CA ASP A 503 -17.62 14.10 39.17
C ASP A 503 -18.26 12.71 39.38
N PHE A 504 -17.63 11.69 38.82
CA PHE A 504 -18.12 10.33 38.93
C PHE A 504 -18.46 9.90 40.37
N ASP A 505 -17.79 10.48 41.36
CA ASP A 505 -17.98 10.07 42.73
C ASP A 505 -19.42 10.43 43.12
N ASP A 506 -19.83 11.62 42.73
CA ASP A 506 -21.13 12.14 43.09
C ASP A 506 -22.28 11.46 42.36
N ALA A 507 -22.02 11.01 41.13
CA ALA A 507 -23.03 10.38 40.31
C ALA A 507 -23.27 8.98 40.88
N VAL A 508 -22.19 8.27 41.20
CA VAL A 508 -22.33 7.02 41.93
C VAL A 508 -23.11 7.25 43.23
N ALA A 509 -22.77 8.32 43.96
CA ALA A 509 -23.33 8.49 45.28
C ALA A 509 -24.81 8.73 45.12
N LYS A 510 -25.18 9.52 44.11
CA LYS A 510 -26.56 9.81 43.89
C LYS A 510 -27.35 8.56 43.48
N ALA A 511 -26.68 7.64 42.79
CA ALA A 511 -27.31 6.43 42.29
C ALA A 511 -27.63 5.51 43.44
N ALA A 512 -26.63 5.15 44.24
CA ALA A 512 -26.85 4.36 45.46
C ALA A 512 -27.89 4.99 46.40
N GLU A 513 -28.00 6.31 46.42
CA GLU A 513 -28.94 6.97 47.29
C GLU A 513 -30.38 6.93 46.74
N LEU A 514 -30.53 6.91 45.41
CA LEU A 514 -31.86 6.78 44.82
C LEU A 514 -32.46 5.37 45.01
N ALA A 515 -31.64 4.39 45.39
CA ALA A 515 -32.08 3.10 46.02
C ALA A 515 -31.65 2.90 47.52
N LYS A 516 -30.58 2.08 47.74
CA LYS A 516 -30.07 1.64 49.07
C LYS A 516 -28.53 1.28 49.14
N VAL A 517 -28.07 0.92 50.35
CA VAL A 517 -26.84 1.44 51.04
C VAL A 517 -25.44 0.73 51.01
N LYS A 518 -25.37 -0.49 50.52
CA LYS A 518 -24.06 -1.10 50.23
C LYS A 518 -23.99 -1.54 48.76
N GLN A 519 -22.89 -1.16 48.05
CA GLN A 519 -22.79 -1.35 46.60
C GLN A 519 -21.38 -1.70 46.09
N TRP A 520 -21.33 -2.33 44.92
CA TRP A 520 -20.10 -2.51 44.14
C TRP A 520 -20.47 -2.20 42.70
N HIS A 521 -19.47 -1.95 41.87
CA HIS A 521 -19.70 -1.61 40.48
C HIS A 521 -19.68 -2.78 39.55
N LEU A 522 -20.62 -2.79 38.60
CA LEU A 522 -20.62 -3.72 37.50
C LEU A 522 -20.38 -2.94 36.21
N GLU A 523 -19.35 -3.35 35.48
CA GLU A 523 -19.00 -2.77 34.19
C GLU A 523 -19.43 -3.71 33.07
N TYR A 524 -19.60 -3.14 31.87
CA TYR A 524 -20.04 -3.95 30.70
C TYR A 524 -19.10 -3.94 29.48
N ARG B 31 -42.05 -23.03 21.08
CA ARG B 31 -40.62 -22.55 21.07
C ARG B 31 -40.34 -21.36 20.08
N GLY B 32 -41.37 -20.55 19.87
CA GLY B 32 -41.20 -19.18 19.42
C GLY B 32 -41.12 -18.82 17.96
N ALA B 33 -41.20 -17.50 17.74
CA ALA B 33 -40.97 -16.84 16.46
C ALA B 33 -39.66 -17.26 15.74
N LEU B 34 -39.72 -17.37 14.40
CA LEU B 34 -38.51 -17.34 13.59
C LEU B 34 -38.22 -15.88 13.39
N LEU B 35 -37.10 -15.40 13.90
CA LEU B 35 -36.78 -13.99 13.70
C LEU B 35 -35.97 -13.82 12.44
N LEU B 36 -36.52 -13.11 11.48
CA LEU B 36 -35.78 -12.81 10.25
C LEU B 36 -35.09 -11.48 10.48
N ASP B 37 -33.90 -11.58 11.05
CA ASP B 37 -33.11 -10.38 11.29
C ASP B 37 -32.02 -10.39 10.21
N ILE B 38 -32.51 -10.49 8.95
CA ILE B 38 -31.66 -10.55 7.75
C ILE B 38 -30.68 -9.39 7.71
N SER B 39 -29.41 -9.70 7.58
CA SER B 39 -28.43 -8.63 7.56
C SER B 39 -27.66 -8.65 6.28
N GLY B 40 -27.74 -7.55 5.54
CA GLY B 40 -27.01 -7.48 4.28
C GLY B 40 -27.98 -7.54 3.11
N VAL B 41 -27.59 -8.29 2.06
CA VAL B 41 -28.28 -8.32 0.76
C VAL B 41 -28.67 -9.74 0.38
N ILE B 42 -29.69 -9.84 -0.47
CA ILE B 42 -30.10 -11.12 -1.02
C ILE B 42 -29.37 -11.34 -2.33
N VAL B 43 -28.87 -12.55 -2.56
CA VAL B 43 -28.19 -12.92 -3.81
C VAL B 43 -28.63 -14.36 -4.18
N ASP B 44 -28.37 -14.78 -5.42
CA ASP B 44 -28.69 -16.13 -5.85
C ASP B 44 -27.76 -17.15 -5.26
N LYS B 45 -26.48 -16.81 -5.27
CA LYS B 45 -25.44 -17.67 -4.75
C LYS B 45 -24.41 -16.76 -4.06
N PRO B 46 -24.10 -17.02 -2.78
CA PRO B 46 -23.13 -16.18 -2.07
C PRO B 46 -21.70 -16.56 -2.42
N ASP B 47 -20.92 -15.58 -2.87
CA ASP B 47 -19.48 -15.77 -3.14
C ASP B 47 -18.60 -15.50 -1.91
N GLN B 68 -23.11 -10.68 5.06
CA GLN B 68 -23.29 -9.69 3.98
C GLN B 68 -24.15 -10.26 2.84
N GLU B 69 -23.80 -11.46 2.36
CA GLU B 69 -24.55 -12.08 1.28
C GLU B 69 -25.44 -13.21 1.79
N ASN B 70 -26.74 -13.08 1.58
CA ASN B 70 -27.69 -14.14 1.96
C ASN B 70 -28.30 -14.76 0.73
N SER B 71 -28.28 -16.09 0.71
CA SER B 71 -28.84 -16.87 -0.36
C SER B 71 -30.38 -16.72 -0.40
N LEU B 72 -30.91 -16.42 -1.59
CA LEU B 72 -32.35 -16.27 -1.81
C LEU B 72 -33.09 -17.56 -1.48
N PHE B 73 -32.50 -18.69 -1.83
CA PHE B 73 -33.11 -19.98 -1.70
C PHE B 73 -33.07 -20.50 -0.25
N ASP B 74 -31.94 -20.30 0.44
CA ASP B 74 -31.87 -20.61 1.86
C ASP B 74 -32.96 -19.85 2.62
N ILE B 75 -33.10 -18.57 2.33
CA ILE B 75 -34.24 -17.84 2.88
C ILE B 75 -35.64 -18.47 2.56
N VAL B 76 -35.96 -18.67 1.29
CA VAL B 76 -37.24 -19.29 0.93
C VAL B 76 -37.42 -20.66 1.58
N ASN B 77 -36.39 -21.51 1.48
CA ASN B 77 -36.49 -22.85 2.03
C ASN B 77 -36.59 -22.92 3.57
N THR B 78 -36.24 -21.83 4.26
CA THR B 78 -36.28 -21.78 5.73
C THR B 78 -37.65 -21.34 6.16
N ILE B 79 -38.23 -20.39 5.45
CA ILE B 79 -39.61 -20.04 5.66
C ILE B 79 -40.54 -21.24 5.43
N ARG B 80 -40.37 -21.95 4.33
CA ARG B 80 -41.14 -23.17 4.10
C ARG B 80 -40.94 -24.29 5.15
N GLN B 81 -39.70 -24.49 5.62
CA GLN B 81 -39.49 -25.41 6.71
C GLN B 81 -40.20 -24.93 7.98
N ALA B 82 -40.17 -23.63 8.26
CA ALA B 82 -40.73 -23.16 9.50
C ALA B 82 -42.25 -23.25 9.47
N LYS B 83 -42.81 -23.10 8.27
CA LYS B 83 -44.27 -23.16 8.02
C LYS B 83 -44.88 -24.41 8.61
N ASP B 84 -44.13 -25.51 8.53
CA ASP B 84 -44.58 -26.85 8.90
C ASP B 84 -43.92 -27.39 10.15
N ASP B 85 -43.06 -26.61 10.79
CA ASP B 85 -42.40 -27.00 12.02
C ASP B 85 -43.24 -26.50 13.19
N ARG B 86 -43.71 -27.43 14.03
CA ARG B 86 -44.59 -27.02 15.14
C ARG B 86 -43.82 -26.30 16.26
N ASN B 87 -42.49 -26.33 16.20
CA ASN B 87 -41.67 -25.49 17.08
C ASN B 87 -41.73 -23.99 16.78
N ILE B 88 -42.14 -23.61 15.56
CA ILE B 88 -42.16 -22.19 15.19
C ILE B 88 -43.58 -21.66 15.19
N THR B 89 -43.89 -20.72 16.05
CA THR B 89 -45.26 -20.28 16.10
C THR B 89 -45.53 -19.04 15.30
N GLY B 90 -44.50 -18.50 14.64
CA GLY B 90 -44.67 -17.21 13.94
C GLY B 90 -43.35 -16.66 13.43
N ILE B 91 -43.43 -15.57 12.69
CA ILE B 91 -42.26 -14.94 12.17
C ILE B 91 -42.26 -13.47 12.56
N VAL B 92 -41.07 -13.01 12.96
CA VAL B 92 -40.81 -11.57 13.14
C VAL B 92 -39.75 -11.07 12.16
N MET B 93 -40.13 -10.03 11.43
CA MET B 93 -39.20 -9.45 10.50
C MET B 93 -38.58 -8.25 11.12
N ASP B 94 -37.26 -8.32 11.29
CA ASP B 94 -36.44 -7.21 11.75
C ASP B 94 -35.42 -6.90 10.67
N LEU B 95 -35.73 -5.91 9.84
CA LEU B 95 -34.90 -5.71 8.65
C LEU B 95 -34.10 -4.43 8.71
N LYS B 96 -33.69 -4.03 9.93
CA LYS B 96 -32.91 -2.80 10.09
C LYS B 96 -31.59 -2.85 9.36
N ASN B 97 -31.00 -4.04 9.24
CA ASN B 97 -29.68 -4.20 8.59
C ASN B 97 -29.73 -4.79 7.18
N PHE B 98 -30.91 -4.73 6.58
CA PHE B 98 -31.16 -5.32 5.27
C PHE B 98 -31.01 -4.25 4.18
N ALA B 99 -30.00 -4.46 3.33
CA ALA B 99 -29.65 -3.48 2.28
C ALA B 99 -30.40 -3.70 0.92
N GLY B 100 -31.29 -4.69 0.88
CA GLY B 100 -32.11 -4.97 -0.30
C GLY B 100 -31.71 -6.16 -1.14
N GLY B 101 -32.46 -6.35 -2.22
CA GLY B 101 -32.21 -7.38 -3.22
C GLY B 101 -33.05 -6.93 -4.38
N ASP B 102 -33.03 -7.70 -5.48
CA ASP B 102 -33.81 -7.26 -6.64
C ASP B 102 -35.27 -7.56 -6.38
N GLN B 103 -36.15 -6.81 -7.03
CA GLN B 103 -37.59 -7.01 -6.88
C GLN B 103 -38.03 -8.47 -7.10
N PRO B 104 -37.61 -9.12 -8.20
CA PRO B 104 -37.98 -10.54 -8.33
C PRO B 104 -37.60 -11.44 -7.14
N SER B 105 -36.51 -11.13 -6.46
CA SER B 105 -36.12 -12.00 -5.37
C SER B 105 -36.97 -11.74 -4.12
N MET B 106 -37.22 -10.46 -3.86
CA MET B 106 -38.00 -10.08 -2.71
C MET B 106 -39.45 -10.62 -2.88
N GLN B 107 -40.02 -10.45 -4.07
CA GLN B 107 -41.31 -11.09 -4.42
C GLN B 107 -41.31 -12.61 -4.15
N TYR B 108 -40.18 -13.27 -4.40
CA TYR B 108 -40.10 -14.70 -4.17
C TYR B 108 -40.22 -15.00 -2.67
N ILE B 109 -39.54 -14.19 -1.84
CA ILE B 109 -39.55 -14.34 -0.40
C ILE B 109 -40.94 -14.00 0.11
N GLY B 110 -41.51 -12.93 -0.43
CA GLY B 110 -42.90 -12.57 -0.17
C GLY B 110 -43.91 -13.69 -0.41
N LYS B 111 -43.72 -14.44 -1.50
CA LYS B 111 -44.53 -15.60 -1.80
C LYS B 111 -44.49 -16.68 -0.68
N ALA B 112 -43.30 -17.01 -0.17
CA ALA B 112 -43.15 -17.95 0.97
C ALA B 112 -43.73 -17.42 2.30
N LEU B 113 -43.71 -16.10 2.46
CA LEU B 113 -44.34 -15.42 3.57
C LEU B 113 -45.87 -15.54 3.48
N LYS B 114 -46.42 -15.34 2.30
CA LYS B 114 -47.82 -15.58 2.10
C LYS B 114 -48.21 -17.02 2.40
N GLU B 115 -47.46 -18.00 1.89
CA GLU B 115 -47.73 -19.38 2.23
C GLU B 115 -47.66 -19.55 3.76
N PHE B 116 -46.62 -19.00 4.38
CA PHE B 116 -46.48 -19.11 5.82
C PHE B 116 -47.72 -18.55 6.53
N ARG B 117 -48.17 -17.38 6.07
CA ARG B 117 -49.31 -16.69 6.66
C ARG B 117 -50.61 -17.45 6.48
N ASP B 118 -50.76 -18.15 5.35
CA ASP B 118 -51.92 -18.95 5.05
C ASP B 118 -52.02 -20.24 5.88
N SER B 119 -50.95 -20.72 6.48
CA SER B 119 -51.05 -21.85 7.40
C SER B 119 -51.57 -21.39 8.79
N GLY B 120 -51.84 -20.09 8.91
CA GLY B 120 -52.33 -19.51 10.15
C GLY B 120 -51.32 -19.08 11.21
N LYS B 121 -50.03 -19.09 10.89
CA LYS B 121 -49.04 -18.55 11.82
C LYS B 121 -48.74 -17.05 11.53
N PRO B 122 -48.68 -16.19 12.55
CA PRO B 122 -48.56 -14.80 12.16
C PRO B 122 -47.15 -14.35 11.71
N VAL B 123 -47.12 -13.28 10.91
CA VAL B 123 -45.89 -12.68 10.42
C VAL B 123 -45.97 -11.24 10.85
N TYR B 124 -45.02 -10.80 11.70
CA TYR B 124 -44.92 -9.37 12.13
C TYR B 124 -43.75 -8.60 11.50
N ALA B 125 -43.97 -7.32 11.22
CA ALA B 125 -42.89 -6.42 10.79
C ALA B 125 -42.64 -5.37 11.85
N VAL B 126 -41.43 -5.37 12.41
CA VAL B 126 -41.08 -4.34 13.39
C VAL B 126 -39.87 -3.56 12.91
N GLY B 127 -39.96 -2.23 13.04
CA GLY B 127 -38.80 -1.38 12.79
C GLY B 127 -38.97 0.05 13.26
N GLU B 128 -37.85 0.72 13.52
CA GLU B 128 -37.83 2.16 13.79
C GLU B 128 -38.11 2.91 12.49
N ASN B 129 -37.62 2.39 11.39
CA ASN B 129 -37.80 3.03 10.11
C ASN B 129 -37.94 2.03 9.03
N TYR B 130 -38.53 2.44 7.90
CA TYR B 130 -38.49 1.57 6.75
C TYR B 130 -37.94 2.22 5.50
N SER B 131 -36.81 1.70 5.03
CA SER B 131 -36.34 2.02 3.68
C SER B 131 -37.28 1.40 2.67
N GLN B 132 -37.22 1.89 1.44
CA GLN B 132 -38.07 1.42 0.34
C GLN B 132 -37.93 -0.07 0.08
N GLY B 133 -36.71 -0.56 0.05
CA GLY B 133 -36.45 -1.98 -0.15
C GLY B 133 -37.02 -2.75 1.00
N GLN B 134 -36.90 -2.20 2.21
CA GLN B 134 -37.24 -2.94 3.45
C GLN B 134 -38.72 -3.15 3.59
N TYR B 135 -39.45 -2.12 3.18
CA TYR B 135 -40.86 -1.99 3.35
C TYR B 135 -41.62 -2.83 2.32
N TYR B 136 -40.98 -3.04 1.17
CA TYR B 136 -41.52 -3.91 0.16
C TYR B 136 -41.66 -5.25 0.86
N LEU B 137 -40.57 -5.77 1.38
CA LEU B 137 -40.61 -7.00 2.17
C LEU B 137 -41.55 -6.97 3.39
N ALA B 138 -41.59 -5.85 4.12
CA ALA B 138 -42.32 -5.84 5.36
C ALA B 138 -43.80 -5.89 5.01
N SER B 139 -44.14 -5.39 3.84
CA SER B 139 -45.54 -5.32 3.47
C SER B 139 -46.19 -6.72 3.32
N PHE B 140 -45.39 -7.77 3.25
CA PHE B 140 -45.99 -9.11 3.21
C PHE B 140 -46.37 -9.57 4.63
N ALA B 141 -46.20 -8.72 5.64
CA ALA B 141 -46.51 -9.11 7.04
C ALA B 141 -47.96 -8.86 7.40
N ASN B 142 -48.50 -9.71 8.29
CA ASN B 142 -49.84 -9.48 8.89
C ASN B 142 -49.92 -8.12 9.53
N LYS B 143 -48.88 -7.77 10.29
CA LYS B 143 -48.86 -6.54 11.07
C LYS B 143 -47.52 -5.82 10.95
N ILE B 144 -47.60 -4.52 10.66
CA ILE B 144 -46.42 -3.68 10.49
C ILE B 144 -46.41 -2.63 11.62
N TRP B 145 -45.38 -2.70 12.47
CA TRP B 145 -45.16 -1.72 13.54
C TRP B 145 -44.05 -0.74 13.21
N LEU B 146 -44.38 0.54 13.36
CA LEU B 146 -43.44 1.64 13.20
C LEU B 146 -43.20 2.43 14.53
N SER B 147 -42.00 2.97 14.69
CA SER B 147 -41.78 3.98 15.71
C SER B 147 -42.73 5.20 15.57
N PRO B 148 -43.03 5.92 16.66
CA PRO B 148 -43.76 7.20 16.44
C PRO B 148 -42.84 8.32 15.93
N GLN B 149 -41.53 8.07 15.94
CA GLN B 149 -40.63 9.00 15.26
C GLN B 149 -40.25 8.57 13.82
N GLY B 150 -40.64 7.35 13.44
CA GLY B 150 -40.27 6.72 12.18
C GLY B 150 -40.82 7.26 10.87
N VAL B 151 -40.30 6.69 9.78
CA VAL B 151 -40.63 7.12 8.43
C VAL B 151 -40.75 5.88 7.55
N VAL B 152 -41.67 5.90 6.61
CA VAL B 152 -41.64 4.92 5.51
C VAL B 152 -41.12 5.66 4.27
N ASP B 153 -39.87 5.35 3.92
CA ASP B 153 -39.14 6.12 2.91
C ASP B 153 -39.43 5.65 1.47
N LEU B 154 -40.59 6.02 0.95
CA LEU B 154 -40.99 5.64 -0.39
C LEU B 154 -40.75 6.86 -1.25
N HIS B 155 -40.15 6.65 -2.43
CA HIS B 155 -39.63 7.78 -3.22
C HIS B 155 -39.46 7.43 -4.66
N GLY B 156 -39.59 6.15 -5.01
CA GLY B 156 -39.63 5.75 -6.42
C GLY B 156 -38.33 5.12 -6.86
N PHE B 157 -38.22 4.95 -8.18
CA PHE B 157 -37.01 4.40 -8.76
C PHE B 157 -36.32 5.44 -9.64
N ALA B 158 -35.00 5.36 -9.68
CA ALA B 158 -34.18 6.14 -10.63
C ALA B 158 -33.03 5.37 -11.28
N THR B 159 -32.72 5.82 -12.47
CA THR B 159 -31.63 5.32 -13.23
C THR B 159 -30.73 6.52 -13.36
N ASN B 160 -29.43 6.34 -13.19
CA ASN B 160 -28.51 7.44 -13.57
C ASN B 160 -27.11 6.93 -13.97
N GLY B 161 -26.52 7.54 -15.01
CA GLY B 161 -25.19 7.13 -15.49
C GLY B 161 -24.29 8.28 -15.88
N LEU B 162 -22.98 8.04 -15.90
CA LEU B 162 -22.07 9.08 -16.41
C LEU B 162 -21.95 9.03 -17.93
N TYR B 163 -21.73 10.20 -18.55
CA TYR B 163 -21.52 10.30 -19.97
C TYR B 163 -20.24 11.10 -20.20
N TYR B 164 -19.33 10.52 -20.96
CA TYR B 164 -17.94 10.97 -20.96
C TYR B 164 -17.48 11.69 -22.23
N LYS B 165 -18.34 11.89 -23.22
CA LYS B 165 -17.84 12.28 -24.53
C LYS B 165 -17.05 13.54 -24.50
N SER B 166 -17.59 14.55 -23.85
CA SER B 166 -16.95 15.85 -23.71
C SER B 166 -15.52 15.71 -23.10
N LEU B 167 -15.38 14.86 -22.09
CA LEU B 167 -14.10 14.70 -21.44
C LEU B 167 -13.12 13.99 -22.37
N LEU B 168 -13.61 12.95 -23.05
CA LEU B 168 -12.81 12.19 -24.00
C LEU B 168 -12.31 13.13 -25.13
N ASP B 169 -13.17 13.99 -25.66
CA ASP B 169 -12.70 14.96 -26.66
C ASP B 169 -11.73 15.96 -26.04
N LYS B 170 -11.94 16.36 -24.78
CA LYS B 170 -11.04 17.32 -24.15
C LYS B 170 -9.65 16.69 -24.05
N LEU B 171 -9.62 15.40 -23.70
CA LEU B 171 -8.34 14.71 -23.60
C LEU B 171 -7.79 14.26 -24.98
N LYS B 172 -8.49 14.61 -26.05
CA LYS B 172 -8.13 14.23 -27.42
C LYS B 172 -8.11 12.72 -27.69
N VAL B 173 -8.78 11.95 -26.85
CA VAL B 173 -8.93 10.51 -27.05
C VAL B 173 -9.67 10.20 -28.36
N SER B 174 -9.26 9.12 -29.02
CA SER B 174 -9.90 8.61 -30.23
C SER B 174 -10.81 7.43 -29.90
N THR B 175 -12.10 7.55 -30.20
CA THR B 175 -13.06 6.50 -29.85
C THR B 175 -13.70 5.81 -31.05
N HIS B 176 -13.67 4.49 -31.03
CA HIS B 176 -14.25 3.71 -32.10
C HIS B 176 -15.29 2.81 -31.51
N VAL B 177 -16.55 3.12 -31.86
CA VAL B 177 -17.69 2.37 -31.43
C VAL B 177 -18.21 1.49 -32.57
N PHE B 178 -18.33 0.20 -32.29
CA PHE B 178 -18.89 -0.73 -33.25
C PHE B 178 -20.14 -1.37 -32.63
N ARG B 179 -21.27 -1.15 -33.28
CA ARG B 179 -22.52 -1.41 -32.62
C ARG B 179 -23.64 -1.70 -33.61
N VAL B 180 -24.44 -2.70 -33.29
CA VAL B 180 -25.73 -2.82 -33.94
C VAL B 180 -26.81 -2.83 -32.88
N GLY B 181 -27.76 -1.92 -33.01
CA GLY B 181 -28.82 -1.83 -32.03
C GLY B 181 -29.08 -0.41 -31.59
N THR B 182 -30.03 0.22 -32.26
CA THR B 182 -30.56 1.53 -31.88
C THR B 182 -30.72 1.69 -30.36
N TYR B 183 -31.09 0.61 -29.68
CA TYR B 183 -31.33 0.70 -28.25
C TYR B 183 -30.19 0.15 -27.39
N LYS B 184 -29.14 -0.41 -28.03
CA LYS B 184 -27.95 -0.81 -27.28
C LYS B 184 -27.25 0.42 -26.67
N SER B 185 -27.78 0.89 -25.55
CA SER B 185 -27.43 2.19 -24.96
C SER B 185 -26.19 2.21 -24.03
N ALA B 186 -25.70 1.05 -23.58
CA ALA B 186 -24.46 1.01 -22.78
C ALA B 186 -23.30 1.75 -23.46
N VAL B 187 -23.44 1.96 -24.75
CA VAL B 187 -22.37 2.55 -25.49
C VAL B 187 -22.49 4.07 -25.53
N GLU B 188 -23.64 4.60 -25.13
CA GLU B 188 -23.88 6.06 -25.20
C GLU B 188 -22.92 6.97 -24.42
N PRO B 189 -22.47 6.55 -23.23
CA PRO B 189 -21.43 7.33 -22.53
C PRO B 189 -20.09 7.57 -23.26
N PHE B 190 -19.77 6.72 -24.23
CA PHE B 190 -18.58 6.93 -25.02
C PHE B 190 -18.81 7.86 -26.19
N ILE B 191 -20.07 8.00 -26.59
CA ILE B 191 -20.34 8.73 -27.78
C ILE B 191 -21.19 9.98 -27.61
N ARG B 192 -21.69 10.24 -26.40
CA ARG B 192 -22.48 11.47 -26.20
C ARG B 192 -22.57 11.97 -24.76
N ASP B 193 -23.08 13.20 -24.62
CA ASP B 193 -23.25 13.94 -23.37
C ASP B 193 -24.41 13.54 -22.50
N ASP B 194 -25.38 12.87 -23.13
CA ASP B 194 -26.71 12.65 -22.60
C ASP B 194 -27.38 11.45 -23.30
N MET B 195 -28.54 11.01 -22.80
CA MET B 195 -29.28 9.91 -23.37
C MET B 195 -29.78 10.30 -24.72
N SER B 196 -29.82 9.34 -25.64
CA SER B 196 -30.51 9.56 -26.92
C SER B 196 -31.99 9.42 -26.66
N PRO B 197 -32.83 10.05 -27.47
CA PRO B 197 -34.27 9.78 -27.29
C PRO B 197 -34.60 8.28 -27.27
N ALA B 198 -33.92 7.49 -28.08
CA ALA B 198 -34.15 6.03 -28.08
C ALA B 198 -33.96 5.43 -26.67
N ALA B 199 -32.81 5.73 -26.03
CA ALA B 199 -32.56 5.23 -24.67
C ALA B 199 -33.56 5.69 -23.64
N ARG B 200 -33.96 6.95 -23.68
CA ARG B 200 -34.91 7.42 -22.70
C ARG B 200 -36.33 6.88 -22.92
N GLU B 201 -36.67 6.39 -24.11
CA GLU B 201 -37.91 5.68 -24.31
C GLU B 201 -37.82 4.25 -23.75
N ALA B 202 -36.89 3.45 -24.25
CA ALA B 202 -36.62 2.16 -23.62
C ALA B 202 -36.47 2.22 -22.07
N ASP B 203 -35.82 3.24 -21.50
CA ASP B 203 -35.56 3.24 -20.05
C ASP B 203 -36.72 3.75 -19.21
N SER B 204 -37.48 4.72 -19.73
CA SER B 204 -38.68 5.17 -19.08
C SER B 204 -39.66 4.02 -18.98
N ARG B 205 -39.74 3.24 -20.06
CA ARG B 205 -40.67 2.12 -20.15
C ARG B 205 -40.45 1.09 -19.04
N TRP B 206 -39.28 0.47 -18.99
CA TRP B 206 -39.03 -0.53 -17.96
C TRP B 206 -39.00 0.01 -16.52
N ILE B 207 -38.39 1.17 -16.28
CA ILE B 207 -38.39 1.75 -14.93
C ILE B 207 -39.84 2.03 -14.49
N GLY B 208 -40.64 2.65 -15.33
CA GLY B 208 -42.06 2.85 -15.08
C GLY B 208 -42.77 1.57 -14.70
N GLU B 209 -42.58 0.53 -15.51
CA GLU B 209 -43.22 -0.75 -15.26
C GLU B 209 -42.75 -1.36 -13.94
N LEU B 210 -41.47 -1.22 -13.60
CA LEU B 210 -40.95 -1.84 -12.38
C LEU B 210 -41.46 -1.09 -11.14
N TRP B 211 -41.72 0.20 -11.30
CA TRP B 211 -42.12 0.99 -10.16
C TRP B 211 -43.61 0.67 -9.89
N GLN B 212 -44.40 0.64 -10.98
CA GLN B 212 -45.79 0.24 -10.92
C GLN B 212 -45.94 -1.20 -10.37
N ASN B 213 -45.00 -2.10 -10.64
CA ASN B 213 -45.13 -3.45 -10.07
C ASN B 213 -44.90 -3.36 -8.58
N TYR B 214 -44.00 -2.46 -8.19
CA TYR B 214 -43.69 -2.19 -6.80
C TYR B 214 -44.96 -1.71 -6.12
N LEU B 215 -45.53 -0.64 -6.65
CA LEU B 215 -46.78 -0.13 -6.14
C LEU B 215 -47.85 -1.20 -6.11
N ASN B 216 -48.25 -1.75 -7.26
CA ASN B 216 -49.28 -2.82 -7.26
C ASN B 216 -49.10 -3.92 -6.19
N THR B 217 -47.90 -4.49 -6.05
CA THR B 217 -47.65 -5.53 -5.06
C THR B 217 -47.91 -5.01 -3.66
N VAL B 218 -47.43 -3.80 -3.39
CA VAL B 218 -47.45 -3.25 -2.06
C VAL B 218 -48.89 -2.81 -1.75
N ALA B 219 -49.53 -2.21 -2.74
CA ALA B 219 -50.97 -1.92 -2.67
C ALA B 219 -51.80 -3.15 -2.37
N ALA B 220 -51.48 -4.29 -2.96
CA ALA B 220 -52.28 -5.50 -2.74
C ALA B 220 -52.05 -6.02 -1.34
N ASN B 221 -50.79 -5.98 -0.92
CA ASN B 221 -50.40 -6.43 0.41
C ASN B 221 -51.07 -5.66 1.56
N ARG B 222 -51.35 -4.38 1.32
CA ARG B 222 -51.89 -3.48 2.34
C ARG B 222 -53.39 -3.17 2.12
N GLN B 223 -53.96 -3.82 1.11
CA GLN B 223 -55.35 -3.64 0.69
C GLN B 223 -55.73 -2.18 0.63
N ILE B 224 -54.86 -1.33 0.07
CA ILE B 224 -55.24 0.06 -0.22
C ILE B 224 -54.92 0.29 -1.68
N PRO B 225 -55.46 1.36 -2.28
CA PRO B 225 -55.11 1.53 -3.70
C PRO B 225 -53.66 2.04 -3.84
N ALA B 226 -53.01 1.65 -4.95
CA ALA B 226 -51.65 2.10 -5.32
C ALA B 226 -51.34 3.58 -5.09
N GLU B 227 -52.23 4.47 -5.52
CA GLU B 227 -51.97 5.91 -5.41
C GLU B 227 -51.96 6.37 -3.94
N GLN B 228 -52.40 5.50 -3.04
CA GLN B 228 -52.43 5.80 -1.63
C GLN B 228 -51.09 5.38 -1.04
N VAL B 229 -50.51 4.31 -1.55
CA VAL B 229 -49.17 3.89 -1.14
C VAL B 229 -48.15 5.02 -1.36
N PHE B 230 -48.14 5.60 -2.55
CA PHE B 230 -47.24 6.71 -2.83
C PHE B 230 -47.93 7.63 -3.85
N PRO B 231 -48.47 8.76 -3.39
CA PRO B 231 -49.23 9.67 -4.28
C PRO B 231 -48.42 10.57 -5.23
N GLY B 232 -47.09 10.44 -5.29
CA GLY B 232 -46.25 11.41 -6.01
C GLY B 232 -45.71 12.49 -5.08
N ALA B 233 -44.79 13.31 -5.58
CA ALA B 233 -44.13 14.24 -4.68
C ALA B 233 -45.13 15.22 -4.06
N GLN B 234 -45.94 15.88 -4.89
CA GLN B 234 -46.96 16.83 -4.43
C GLN B 234 -47.81 16.23 -3.31
N GLY B 235 -48.38 15.04 -3.57
CA GLY B 235 -49.28 14.39 -2.62
C GLY B 235 -48.62 14.01 -1.32
N LEU B 236 -47.36 13.60 -1.41
CA LEU B 236 -46.67 13.15 -0.24
C LEU B 236 -46.39 14.37 0.63
N LEU B 237 -45.94 15.45 0.02
CA LEU B 237 -45.65 16.68 0.72
C LEU B 237 -46.90 17.32 1.37
N GLU B 238 -48.06 17.24 0.69
CA GLU B 238 -49.32 17.75 1.24
C GLU B 238 -49.73 16.88 2.43
N GLY B 239 -49.79 15.56 2.21
CA GLY B 239 -50.15 14.64 3.27
C GLY B 239 -49.29 14.78 4.51
N LEU B 240 -48.07 15.28 4.33
CA LEU B 240 -47.08 15.40 5.39
C LEU B 240 -47.16 16.79 6.02
N THR B 241 -48.14 17.55 5.54
CA THR B 241 -48.40 18.93 5.92
C THR B 241 -49.73 19.00 6.69
N LYS B 242 -50.70 18.17 6.29
CA LYS B 242 -51.90 17.88 7.10
C LYS B 242 -51.54 17.10 8.37
N THR B 243 -50.30 17.27 8.87
CA THR B 243 -49.71 16.37 9.88
C THR B 243 -48.45 16.95 10.61
N GLY B 244 -48.09 18.21 10.30
CA GLY B 244 -46.98 18.91 10.98
C GLY B 244 -45.59 18.37 10.69
N GLY B 245 -45.45 17.64 9.59
CA GLY B 245 -44.19 16.98 9.23
C GLY B 245 -43.95 15.67 9.95
N ASP B 246 -45.01 15.13 10.56
CA ASP B 246 -44.91 13.88 11.29
C ASP B 246 -45.02 12.73 10.30
N THR B 247 -43.90 12.04 10.08
CA THR B 247 -43.86 10.95 9.12
C THR B 247 -44.53 9.63 9.56
N ALA B 248 -44.42 9.28 10.85
CA ALA B 248 -45.16 8.12 11.38
C ALA B 248 -46.69 8.31 11.32
N LYS B 249 -47.15 9.51 11.62
CA LYS B 249 -48.60 9.79 11.59
C LYS B 249 -49.14 9.77 10.16
N TYR B 250 -48.29 10.11 9.20
CA TYR B 250 -48.63 10.02 7.79
C TYR B 250 -48.76 8.54 7.41
N ALA B 251 -47.82 7.74 7.87
CA ALA B 251 -47.78 6.34 7.59
C ALA B 251 -48.99 5.59 8.19
N LEU B 252 -49.32 5.89 9.45
CA LEU B 252 -50.48 5.29 10.09
C LEU B 252 -51.83 5.75 9.47
N GLU B 253 -51.98 7.04 9.18
CA GLU B 253 -53.28 7.52 8.67
C GLU B 253 -53.62 7.03 7.27
N ASN B 254 -52.58 6.80 6.45
CA ASN B 254 -52.74 6.33 5.08
C ASN B 254 -52.59 4.80 4.98
N LYS B 255 -52.44 4.15 6.12
CA LYS B 255 -52.50 2.68 6.19
C LYS B 255 -51.25 1.95 5.64
N LEU B 256 -50.12 2.65 5.52
CA LEU B 256 -48.86 2.01 5.19
C LEU B 256 -48.42 1.10 6.32
N VAL B 257 -48.91 1.39 7.51
CA VAL B 257 -48.43 0.82 8.77
C VAL B 257 -49.67 0.55 9.64
N ASP B 258 -49.59 -0.42 10.55
CA ASP B 258 -50.79 -0.87 11.32
C ASP B 258 -50.87 -0.25 12.72
N ALA B 259 -49.69 -0.08 13.33
CA ALA B 259 -49.55 0.64 14.58
C ALA B 259 -48.18 1.34 14.77
N LEU B 260 -48.24 2.53 15.37
CA LEU B 260 -47.07 3.29 15.88
C LEU B 260 -46.80 2.86 17.29
N ALA B 261 -45.56 2.46 17.59
CA ALA B 261 -45.31 1.94 18.90
C ALA B 261 -43.85 2.00 19.37
N SER B 262 -43.67 2.47 20.61
CA SER B 262 -42.38 2.44 21.30
C SER B 262 -41.72 1.08 21.05
N SER B 263 -40.42 1.01 21.25
CA SER B 263 -39.65 -0.23 21.15
C SER B 263 -40.01 -1.20 22.25
N ALA B 264 -40.37 -0.67 23.41
CA ALA B 264 -40.77 -1.47 24.57
C ALA B 264 -42.24 -1.90 24.48
N GLU B 265 -43.09 -1.02 23.94
CA GLU B 265 -44.46 -1.38 23.55
C GLU B 265 -44.51 -2.47 22.46
N ILE B 266 -43.42 -2.66 21.73
CA ILE B 266 -43.35 -3.72 20.73
C ILE B 266 -42.89 -5.00 21.40
N GLU B 267 -41.91 -4.87 22.28
CA GLU B 267 -41.38 -6.00 23.04
C GLU B 267 -42.45 -6.59 23.97
N LYS B 268 -43.46 -5.79 24.32
CA LYS B 268 -44.49 -6.26 25.24
C LYS B 268 -45.53 -7.05 24.47
N ALA B 269 -45.94 -6.52 23.31
CA ALA B 269 -46.85 -7.23 22.42
C ALA B 269 -46.21 -8.44 21.73
N LEU B 270 -44.89 -8.42 21.54
CA LEU B 270 -44.21 -9.58 20.95
C LEU B 270 -44.01 -10.70 21.95
N THR B 271 -43.69 -10.39 23.20
CA THR B 271 -43.85 -11.38 24.27
C THR B 271 -45.35 -11.43 24.46
N LYS B 272 -45.91 -12.44 25.07
CA LYS B 272 -47.36 -12.46 25.05
C LYS B 272 -47.83 -13.27 23.85
N GLU B 273 -47.53 -12.81 22.63
CA GLU B 273 -47.84 -13.59 21.44
C GLU B 273 -46.91 -14.79 21.37
N PHE B 274 -45.62 -14.55 21.58
CA PHE B 274 -44.66 -15.64 21.49
C PHE B 274 -44.20 -16.14 22.85
N GLY B 275 -44.50 -15.37 23.91
CA GLY B 275 -44.10 -15.70 25.27
C GLY B 275 -42.72 -15.19 25.69
N TRP B 276 -42.39 -15.32 26.98
CA TRP B 276 -41.12 -14.85 27.51
C TRP B 276 -40.16 -15.99 27.75
N SER B 277 -38.88 -15.81 27.43
CA SER B 277 -37.83 -16.77 27.79
C SER B 277 -36.93 -16.30 28.96
N LYS B 278 -37.14 -16.88 30.13
CA LYS B 278 -36.35 -16.54 31.32
C LYS B 278 -34.84 -16.73 31.06
N THR B 279 -34.50 -17.67 30.17
CA THR B 279 -33.10 -17.96 29.78
C THR B 279 -32.46 -16.83 28.93
N ASP B 280 -33.14 -16.43 27.86
CA ASP B 280 -32.62 -15.41 26.93
C ASP B 280 -32.99 -14.01 27.39
N LYS B 281 -33.98 -13.95 28.27
CA LYS B 281 -34.59 -12.70 28.75
C LYS B 281 -35.13 -11.83 27.61
N ASN B 282 -35.74 -12.47 26.61
CA ASN B 282 -36.51 -11.77 25.61
C ASN B 282 -37.77 -12.57 25.31
N TYR B 283 -38.54 -12.21 24.29
CA TYR B 283 -39.57 -13.10 23.78
C TYR B 283 -38.99 -14.37 23.17
N ARG B 284 -39.75 -15.47 23.20
CA ARG B 284 -39.23 -16.71 22.63
C ARG B 284 -39.03 -16.52 21.11
N ALA B 285 -37.87 -16.93 20.60
CA ALA B 285 -37.50 -16.64 19.22
C ALA B 285 -36.12 -17.16 18.92
N ILE B 286 -35.90 -17.49 17.65
CA ILE B 286 -34.62 -17.97 17.19
C ILE B 286 -34.36 -17.29 15.85
N SER B 287 -33.14 -16.77 15.71
CA SER B 287 -32.74 -16.03 14.52
C SER B 287 -32.61 -16.97 13.35
N TYR B 288 -32.94 -16.43 12.18
CA TYR B 288 -32.72 -17.11 10.92
C TYR B 288 -31.34 -17.73 10.85
N TYR B 289 -30.31 -16.97 11.28
CA TYR B 289 -28.93 -17.44 11.19
C TYR B 289 -28.61 -18.63 12.10
N ASP B 290 -29.44 -18.84 13.13
CA ASP B 290 -29.28 -19.96 14.09
C ASP B 290 -30.26 -21.11 13.86
N TYR B 291 -31.34 -20.85 13.13
CA TYR B 291 -32.34 -21.88 12.82
C TYR B 291 -31.86 -22.76 11.66
N ALA B 292 -31.44 -23.98 11.96
CA ALA B 292 -30.91 -24.86 10.92
C ALA B 292 -31.94 -25.28 9.86
N LEU B 293 -31.57 -25.05 8.61
CA LEU B 293 -32.36 -25.55 7.51
C LEU B 293 -31.89 -26.97 7.26
N LYS B 294 -32.84 -27.90 7.33
CA LYS B 294 -32.58 -29.32 7.19
C LYS B 294 -32.18 -29.67 5.75
N THR B 295 -31.26 -30.61 5.65
CA THR B 295 -30.65 -31.01 4.40
C THR B 295 -31.49 -32.12 3.73
N PRO B 296 -32.05 -31.82 2.55
CA PRO B 296 -33.07 -32.68 1.92
C PRO B 296 -32.49 -34.02 1.49
N ALA B 297 -33.36 -35.03 1.34
CA ALA B 297 -32.93 -36.41 1.09
C ALA B 297 -32.33 -36.60 -0.33
N ASP B 298 -31.63 -37.72 -0.55
CA ASP B 298 -31.27 -38.14 -1.91
C ASP B 298 -32.31 -39.14 -2.39
N THR B 299 -33.27 -38.64 -3.17
CA THR B 299 -34.37 -39.48 -3.66
C THR B 299 -33.88 -40.65 -4.54
N GLY B 300 -33.27 -40.29 -5.66
CA GLY B 300 -32.99 -41.23 -6.75
C GLY B 300 -33.01 -40.52 -8.11
N ASP B 301 -33.76 -39.42 -8.22
CA ASP B 301 -33.80 -38.63 -9.45
C ASP B 301 -33.54 -37.16 -9.15
N SER B 302 -32.52 -36.60 -9.78
CA SER B 302 -32.19 -35.23 -9.45
C SER B 302 -32.38 -34.26 -10.60
N ILE B 303 -32.54 -32.99 -10.25
CA ILE B 303 -32.62 -31.93 -11.22
C ILE B 303 -31.47 -30.98 -10.94
N GLY B 304 -30.61 -30.80 -11.93
CA GLY B 304 -29.40 -30.00 -11.77
C GLY B 304 -29.72 -28.51 -11.79
N VAL B 305 -29.15 -27.80 -10.83
CA VAL B 305 -29.30 -26.35 -10.71
C VAL B 305 -27.89 -25.75 -10.87
N VAL B 306 -27.74 -24.95 -11.93
CA VAL B 306 -26.51 -24.32 -12.33
C VAL B 306 -26.74 -22.82 -12.34
N PHE B 307 -25.87 -22.10 -11.64
CA PHE B 307 -25.98 -20.67 -11.55
C PHE B 307 -25.14 -19.92 -12.59
N ALA B 308 -25.75 -18.89 -13.15
CA ALA B 308 -25.06 -17.96 -13.99
C ALA B 308 -25.36 -16.62 -13.40
N ASN B 309 -24.56 -16.26 -12.40
CA ASN B 309 -24.81 -15.08 -11.60
C ASN B 309 -23.72 -14.03 -11.76
N GLY B 310 -24.09 -12.90 -12.35
CA GLY B 310 -23.12 -11.86 -12.64
C GLY B 310 -22.66 -11.83 -14.09
N ALA B 311 -21.75 -10.88 -14.37
CA ALA B 311 -21.19 -10.66 -15.71
C ALA B 311 -20.45 -11.89 -16.17
N ILE B 312 -20.60 -12.21 -17.45
CA ILE B 312 -20.01 -13.39 -18.07
C ILE B 312 -18.61 -13.09 -18.64
N MET B 313 -17.57 -13.61 -18.00
CA MET B 313 -16.17 -13.46 -18.45
C MET B 313 -15.68 -14.74 -19.12
N ASP B 314 -14.51 -14.66 -19.75
CA ASP B 314 -13.94 -15.76 -20.52
C ASP B 314 -13.28 -16.92 -19.79
N GLY B 315 -12.62 -16.69 -18.67
CA GLY B 315 -11.89 -17.82 -18.08
C GLY B 315 -12.68 -18.76 -17.17
N GLU B 316 -11.99 -19.16 -16.11
CA GLU B 316 -12.60 -19.70 -14.90
C GLU B 316 -13.35 -18.58 -14.18
N GLU B 317 -14.25 -18.98 -13.28
CA GLU B 317 -14.97 -18.08 -12.39
C GLU B 317 -13.98 -17.28 -11.57
N THR B 318 -14.11 -15.96 -11.63
CA THR B 318 -13.47 -15.06 -10.68
C THR B 318 -14.43 -14.00 -10.17
N GLN B 319 -14.09 -13.46 -8.99
CA GLN B 319 -14.74 -12.29 -8.39
C GLN B 319 -16.21 -12.58 -8.04
N GLY B 320 -17.11 -11.75 -8.56
CA GLY B 320 -18.55 -12.03 -8.54
C GLY B 320 -19.00 -12.05 -10.00
N ASN B 321 -18.40 -12.95 -10.76
CA ASN B 321 -18.64 -13.04 -12.19
C ASN B 321 -18.82 -14.48 -12.64
N VAL B 322 -19.36 -14.63 -13.84
CA VAL B 322 -19.51 -15.93 -14.43
C VAL B 322 -18.24 -16.26 -15.22
N GLY B 323 -17.68 -17.44 -14.99
CA GLY B 323 -16.66 -18.00 -15.86
C GLY B 323 -17.23 -18.94 -16.92
N GLY B 324 -17.15 -18.52 -18.17
CA GLY B 324 -17.56 -19.34 -19.32
C GLY B 324 -17.12 -20.80 -19.24
N ASP B 325 -15.86 -21.04 -18.90
CA ASP B 325 -15.41 -22.42 -18.73
C ASP B 325 -15.88 -23.09 -17.44
N THR B 326 -16.07 -22.33 -16.37
CA THR B 326 -16.51 -22.94 -15.10
C THR B 326 -17.95 -23.46 -15.21
N THR B 327 -18.87 -22.58 -15.57
CA THR B 327 -20.28 -22.90 -15.78
C THR B 327 -20.45 -24.11 -16.72
N ALA B 328 -19.75 -24.09 -17.86
CA ALA B 328 -19.73 -25.18 -18.83
C ALA B 328 -19.35 -26.53 -18.23
N ALA B 329 -18.41 -26.54 -17.29
CA ALA B 329 -17.99 -27.81 -16.75
C ALA B 329 -19.09 -28.31 -15.84
N GLN B 330 -19.80 -27.37 -15.22
CA GLN B 330 -20.90 -27.70 -14.32
C GLN B 330 -22.05 -28.31 -15.16
N ILE B 331 -22.49 -27.59 -16.20
CA ILE B 331 -23.44 -28.10 -17.15
C ILE B 331 -23.00 -29.45 -17.73
N ARG B 332 -21.69 -29.64 -17.88
CA ARG B 332 -21.19 -30.86 -18.51
C ARG B 332 -21.28 -32.02 -17.53
N ASP B 333 -20.99 -31.77 -16.25
CA ASP B 333 -21.18 -32.80 -15.23
C ASP B 333 -22.65 -33.17 -15.19
N ALA B 334 -23.52 -32.16 -15.25
CA ALA B 334 -24.96 -32.40 -15.34
C ALA B 334 -25.32 -33.32 -16.51
N ARG B 335 -24.75 -33.07 -17.69
CA ARG B 335 -25.07 -33.83 -18.90
C ARG B 335 -24.67 -35.32 -18.77
N LEU B 336 -23.64 -35.59 -18.00
CA LEU B 336 -23.01 -36.90 -18.01
C LEU B 336 -23.36 -37.72 -16.78
N ASP B 337 -23.85 -37.07 -15.74
CA ASP B 337 -24.25 -37.76 -14.54
C ASP B 337 -25.64 -38.29 -14.78
N PRO B 338 -25.78 -39.64 -14.93
CA PRO B 338 -27.01 -40.27 -15.50
C PRO B 338 -28.22 -40.13 -14.59
N LYS B 339 -27.95 -39.77 -13.34
CA LYS B 339 -29.00 -39.53 -12.34
C LYS B 339 -29.56 -38.09 -12.38
N VAL B 340 -29.09 -37.28 -13.33
CA VAL B 340 -29.65 -35.97 -13.56
C VAL B 340 -30.57 -36.05 -14.76
N LYS B 341 -31.85 -35.72 -14.55
CA LYS B 341 -32.86 -35.91 -15.57
C LYS B 341 -33.25 -34.60 -16.21
N ALA B 342 -32.97 -33.51 -15.52
CA ALA B 342 -33.23 -32.19 -16.08
C ALA B 342 -32.26 -31.20 -15.52
N ILE B 343 -32.16 -30.07 -16.23
CA ILE B 343 -31.29 -28.99 -15.83
C ILE B 343 -32.05 -27.68 -15.74
N VAL B 344 -31.87 -27.01 -14.61
CA VAL B 344 -32.32 -25.65 -14.48
C VAL B 344 -31.11 -24.72 -14.44
N LEU B 345 -31.19 -23.69 -15.28
CA LEU B 345 -30.15 -22.71 -15.38
C LEU B 345 -30.68 -21.46 -14.70
N ARG B 346 -30.16 -21.13 -13.52
CA ARG B 346 -30.68 -19.94 -12.83
C ARG B 346 -29.89 -18.73 -13.27
N VAL B 347 -30.52 -17.71 -13.86
CA VAL B 347 -29.77 -16.62 -14.46
C VAL B 347 -30.08 -15.28 -13.83
N ASN B 348 -29.02 -14.51 -13.53
CA ASN B 348 -29.13 -13.12 -13.10
C ASN B 348 -27.85 -12.43 -13.59
N SER B 349 -27.89 -11.96 -14.83
CA SER B 349 -26.69 -11.55 -15.53
C SER B 349 -27.02 -10.40 -16.48
N PRO B 350 -26.22 -9.32 -16.45
CA PRO B 350 -26.37 -8.29 -17.48
C PRO B 350 -25.78 -8.75 -18.80
N GLY B 351 -25.04 -9.86 -18.79
CA GLY B 351 -24.38 -10.31 -19.98
C GLY B 351 -22.88 -10.21 -19.86
N GLY B 352 -22.23 -9.71 -20.92
CA GLY B 352 -20.76 -9.73 -21.03
C GLY B 352 -20.14 -10.31 -22.31
N SER B 353 -19.14 -11.18 -22.14
CA SER B 353 -18.34 -11.72 -23.25
C SER B 353 -19.10 -12.71 -24.16
N VAL B 354 -19.13 -12.44 -25.47
CA VAL B 354 -19.82 -13.32 -26.42
C VAL B 354 -19.17 -14.69 -26.59
N THR B 355 -17.85 -14.75 -26.62
CA THR B 355 -17.21 -16.05 -26.77
C THR B 355 -17.50 -16.95 -25.57
N ALA B 356 -17.53 -16.36 -24.39
CA ALA B 356 -17.91 -17.08 -23.15
C ALA B 356 -19.40 -17.44 -23.11
N SER B 357 -20.25 -16.67 -23.78
CA SER B 357 -21.67 -16.96 -23.81
C SER B 357 -21.90 -18.19 -24.66
N GLU B 358 -21.13 -18.28 -25.77
CA GLU B 358 -21.27 -19.34 -26.73
C GLU B 358 -20.80 -20.64 -26.10
N VAL B 359 -19.73 -20.59 -25.36
CA VAL B 359 -19.26 -21.80 -24.68
C VAL B 359 -20.35 -22.39 -23.79
N ILE B 360 -21.08 -21.51 -23.12
CA ILE B 360 -22.12 -21.87 -22.17
C ILE B 360 -23.36 -22.40 -22.93
N ARG B 361 -23.83 -21.60 -23.89
CA ARG B 361 -24.93 -21.97 -24.74
C ARG B 361 -24.70 -23.35 -25.33
N ALA B 362 -23.51 -23.58 -25.91
CA ALA B 362 -23.23 -24.85 -26.57
C ALA B 362 -23.32 -26.04 -25.62
N GLU B 363 -22.82 -25.91 -24.40
CA GLU B 363 -22.92 -27.03 -23.46
C GLU B 363 -24.37 -27.38 -23.14
N LEU B 364 -25.14 -26.36 -22.81
CA LEU B 364 -26.54 -26.46 -22.55
C LEU B 364 -27.31 -27.06 -23.73
N ALA B 365 -26.99 -26.64 -24.95
CA ALA B 365 -27.66 -27.18 -26.14
C ALA B 365 -27.34 -28.65 -26.25
N ALA B 366 -26.17 -29.02 -25.76
CA ALA B 366 -25.73 -30.41 -25.75
C ALA B 366 -26.42 -31.23 -24.64
N ALA B 367 -26.56 -30.68 -23.44
CA ALA B 367 -27.34 -31.42 -22.45
C ALA B 367 -28.74 -31.73 -22.98
N ARG B 368 -29.37 -30.76 -23.66
CA ARG B 368 -30.71 -30.94 -24.22
C ARG B 368 -30.77 -32.04 -25.31
N ALA B 369 -29.83 -31.97 -26.25
CA ALA B 369 -29.70 -32.96 -27.30
C ALA B 369 -29.39 -34.35 -26.74
N ALA B 370 -28.66 -34.41 -25.60
CA ALA B 370 -28.39 -35.68 -24.93
C ALA B 370 -29.62 -36.23 -24.20
N GLY B 371 -30.77 -35.55 -24.37
CA GLY B 371 -32.06 -35.97 -23.79
C GLY B 371 -32.52 -35.34 -22.47
N LYS B 372 -31.61 -34.67 -21.75
CA LYS B 372 -31.95 -33.89 -20.53
C LYS B 372 -32.54 -32.51 -20.84
N PRO B 373 -33.86 -32.28 -20.56
CA PRO B 373 -34.51 -30.97 -20.68
C PRO B 373 -33.81 -29.83 -19.91
N VAL B 374 -33.75 -28.65 -20.52
CA VAL B 374 -33.18 -27.45 -19.97
C VAL B 374 -34.28 -26.40 -19.77
N VAL B 375 -34.46 -25.95 -18.53
CA VAL B 375 -35.37 -24.85 -18.22
C VAL B 375 -34.60 -23.68 -17.59
N VAL B 376 -34.84 -22.49 -18.10
CA VAL B 376 -34.24 -21.28 -17.56
C VAL B 376 -35.18 -20.59 -16.58
N SER B 377 -34.59 -20.18 -15.47
CA SER B 377 -35.22 -19.34 -14.48
C SER B 377 -34.51 -18.03 -14.53
N MET B 378 -35.17 -16.95 -14.94
CA MET B 378 -34.53 -15.62 -14.92
C MET B 378 -34.83 -14.89 -13.62
N GLY B 379 -33.79 -14.36 -12.94
CA GLY B 379 -34.00 -13.64 -11.68
C GLY B 379 -33.58 -12.17 -11.52
N GLY B 380 -34.13 -11.25 -12.28
CA GLY B 380 -33.63 -9.88 -12.02
C GLY B 380 -33.03 -9.33 -13.29
N MET B 381 -31.96 -9.95 -13.75
CA MET B 381 -31.45 -9.69 -15.10
C MET B 381 -31.05 -10.97 -15.84
N ALA B 382 -31.41 -11.00 -17.12
CA ALA B 382 -30.95 -12.03 -18.05
C ALA B 382 -30.93 -11.33 -19.40
N ALA B 383 -30.01 -10.38 -19.54
CA ALA B 383 -30.00 -9.60 -20.75
C ALA B 383 -28.71 -9.83 -21.57
N SER B 384 -28.74 -9.45 -22.84
CA SER B 384 -27.59 -9.59 -23.74
C SER B 384 -27.09 -11.07 -23.70
N GLY B 385 -25.84 -11.26 -23.31
CA GLY B 385 -25.30 -12.62 -23.19
C GLY B 385 -26.09 -13.47 -22.24
N GLY B 386 -26.65 -12.82 -21.22
CA GLY B 386 -27.47 -13.51 -20.25
C GLY B 386 -28.71 -14.07 -20.92
N TYR B 387 -29.15 -13.44 -22.01
CA TYR B 387 -30.22 -13.99 -22.84
C TYR B 387 -29.71 -15.02 -23.89
N TRP B 388 -28.54 -14.76 -24.50
CA TRP B 388 -27.82 -15.69 -25.42
C TRP B 388 -27.74 -17.09 -24.84
N ILE B 389 -27.31 -17.16 -23.58
CA ILE B 389 -27.15 -18.43 -22.89
C ILE B 389 -28.49 -19.09 -22.57
N SER B 390 -29.57 -18.32 -22.64
CA SER B 390 -30.87 -18.82 -22.25
C SER B 390 -31.56 -19.43 -23.46
N THR B 391 -31.09 -19.09 -24.66
CA THR B 391 -31.78 -19.55 -25.86
C THR B 391 -31.85 -21.10 -26.07
N PRO B 392 -30.89 -21.89 -25.56
CA PRO B 392 -31.07 -23.34 -25.84
C PRO B 392 -32.28 -24.03 -25.14
N ALA B 393 -32.88 -23.37 -24.16
CA ALA B 393 -33.78 -24.06 -23.24
C ALA B 393 -35.10 -24.53 -23.86
N ASN B 394 -35.58 -25.68 -23.39
CA ASN B 394 -36.95 -26.08 -23.70
C ASN B 394 -37.91 -24.98 -23.34
N TYR B 395 -37.63 -24.29 -22.23
CA TYR B 395 -38.61 -23.37 -21.64
C TYR B 395 -37.93 -22.24 -20.85
N ILE B 396 -38.45 -21.04 -21.00
CA ILE B 396 -37.93 -19.90 -20.26
C ILE B 396 -38.98 -19.24 -19.36
N VAL B 397 -38.71 -19.17 -18.08
CA VAL B 397 -39.55 -18.39 -17.18
C VAL B 397 -38.88 -17.17 -16.59
N ALA B 398 -39.59 -16.05 -16.69
CA ALA B 398 -39.14 -14.79 -16.16
C ALA B 398 -40.15 -14.18 -15.14
N ASN B 399 -39.63 -13.48 -14.14
CA ASN B 399 -40.49 -12.69 -13.29
C ASN B 399 -40.94 -11.51 -14.13
N PRO B 400 -42.16 -11.00 -13.95
CA PRO B 400 -42.59 -9.82 -14.76
C PRO B 400 -41.68 -8.60 -14.59
N SER B 401 -40.99 -8.56 -13.45
CA SER B 401 -40.05 -7.49 -13.18
C SER B 401 -38.60 -7.85 -13.62
N THR B 402 -38.38 -9.08 -14.11
CA THR B 402 -37.08 -9.45 -14.65
C THR B 402 -36.76 -8.46 -15.76
N LEU B 403 -35.50 -8.06 -15.86
CA LEU B 403 -35.04 -7.24 -17.00
C LEU B 403 -34.28 -8.13 -17.96
N THR B 404 -34.84 -8.36 -19.15
CA THR B 404 -34.20 -9.26 -20.11
C THR B 404 -34.15 -8.60 -21.50
N GLY B 405 -34.02 -9.41 -22.54
CA GLY B 405 -33.89 -8.89 -23.91
C GLY B 405 -32.51 -8.29 -24.14
N SER B 406 -32.48 -7.02 -24.55
CA SER B 406 -31.21 -6.36 -24.91
C SER B 406 -30.40 -7.22 -25.95
N ILE B 407 -31.12 -7.89 -26.86
CA ILE B 407 -30.58 -8.59 -28.04
C ILE B 407 -29.93 -7.60 -29.04
N GLY B 408 -28.60 -7.48 -28.94
CA GLY B 408 -27.85 -6.40 -29.60
C GLY B 408 -26.40 -6.56 -29.19
N ILE B 409 -25.52 -5.79 -29.83
CA ILE B 409 -24.09 -6.09 -29.74
C ILE B 409 -23.23 -4.87 -29.99
N PHE B 410 -22.19 -4.70 -29.21
CA PHE B 410 -21.36 -3.52 -29.37
C PHE B 410 -19.92 -3.78 -28.92
N GLY B 411 -19.04 -2.87 -29.29
CA GLY B 411 -17.64 -2.93 -28.86
C GLY B 411 -17.01 -1.56 -29.03
N VAL B 412 -16.09 -1.25 -28.12
CA VAL B 412 -15.46 0.05 -28.11
C VAL B 412 -13.96 -0.14 -28.08
N ILE B 413 -13.27 0.66 -28.88
CA ILE B 413 -11.82 0.74 -28.91
C ILE B 413 -11.50 2.21 -28.71
N THR B 414 -10.66 2.52 -27.73
CA THR B 414 -10.18 3.89 -27.57
C THR B 414 -8.69 3.85 -27.74
N THR B 415 -8.14 4.82 -28.45
CA THR B 415 -6.70 4.94 -28.59
C THR B 415 -6.28 6.35 -28.20
N VAL B 416 -5.01 6.52 -27.85
CA VAL B 416 -4.57 7.79 -27.27
C VAL B 416 -3.47 8.54 -28.03
N GLU B 417 -3.31 8.25 -29.33
CA GLU B 417 -2.24 8.85 -30.13
C GLU B 417 -2.24 10.37 -30.10
N ASN B 418 -3.41 10.99 -30.19
CA ASN B 418 -3.47 12.46 -30.13
C ASN B 418 -3.29 13.05 -28.70
N SER B 419 -3.57 12.25 -27.67
CA SER B 419 -3.49 12.73 -26.33
C SER B 419 -2.00 12.78 -26.02
N LEU B 420 -1.33 11.66 -26.22
CA LEU B 420 0.16 11.61 -26.19
C LEU B 420 0.82 12.65 -27.14
N ASP B 421 0.32 12.83 -28.36
CA ASP B 421 0.92 13.88 -29.20
C ASP B 421 0.99 15.24 -28.50
N SER B 422 -0.07 15.62 -27.80
CA SER B 422 -0.14 16.97 -27.27
C SER B 422 0.77 17.22 -26.05
N ILE B 423 1.17 16.15 -25.36
CA ILE B 423 2.23 16.27 -24.35
C ILE B 423 3.61 15.87 -24.90
N GLY B 424 3.72 15.77 -26.22
CA GLY B 424 4.99 15.47 -26.89
C GLY B 424 5.54 14.05 -26.75
N VAL B 425 4.64 13.09 -26.56
CA VAL B 425 5.00 11.68 -26.63
C VAL B 425 4.46 11.04 -27.91
N HIS B 426 5.31 10.25 -28.59
CA HIS B 426 4.90 9.56 -29.82
C HIS B 426 5.36 8.13 -29.81
N THR B 427 4.70 7.33 -30.64
CA THR B 427 5.11 5.94 -30.83
C THR B 427 5.54 5.79 -32.27
N ASP B 428 6.49 4.91 -32.51
CA ASP B 428 6.91 4.62 -33.85
C ASP B 428 7.44 3.21 -33.86
N GLY B 429 7.50 2.63 -35.06
CA GLY B 429 8.04 1.31 -35.25
C GLY B 429 7.84 0.76 -36.65
N VAL B 430 8.06 -0.53 -36.80
CA VAL B 430 7.92 -1.17 -38.08
C VAL B 430 6.85 -2.25 -37.96
N SER B 431 6.04 -2.42 -38.99
CA SER B 431 5.07 -3.47 -38.97
C SER B 431 5.06 -4.19 -40.32
N THR B 432 4.78 -5.49 -40.28
CA THR B 432 4.68 -6.26 -41.52
C THR B 432 3.25 -6.24 -42.08
N SER B 433 2.31 -5.74 -41.30
CA SER B 433 0.91 -5.50 -41.72
C SER B 433 0.31 -4.39 -40.87
N PRO B 434 -0.64 -3.60 -41.42
CA PRO B 434 -1.35 -2.61 -40.60
C PRO B 434 -2.18 -3.21 -39.50
N LEU B 435 -2.61 -4.45 -39.68
CA LEU B 435 -3.32 -5.20 -38.65
C LEU B 435 -2.50 -5.50 -37.40
N ALA B 436 -1.18 -5.34 -37.45
CA ALA B 436 -0.32 -5.65 -36.29
C ALA B 436 -0.06 -4.43 -35.38
N ASP B 437 -0.39 -3.24 -35.90
CA ASP B 437 -0.30 -1.99 -35.18
C ASP B 437 -1.55 -1.78 -34.35
N VAL B 438 -1.87 -2.69 -33.45
CA VAL B 438 -3.08 -2.44 -32.68
C VAL B 438 -2.69 -2.48 -31.20
N SER B 439 -2.11 -1.36 -30.75
CA SER B 439 -1.76 -1.04 -29.37
C SER B 439 -2.55 0.24 -29.10
N ILE B 440 -2.85 0.51 -27.82
CA ILE B 440 -3.66 1.67 -27.40
C ILE B 440 -3.06 3.05 -27.74
N THR B 441 -1.76 3.10 -27.97
CA THR B 441 -1.06 4.33 -28.31
C THR B 441 -0.99 4.56 -29.85
N ARG B 442 -1.44 3.57 -30.63
CA ARG B 442 -1.50 3.69 -32.09
C ARG B 442 -2.90 4.05 -32.57
N ALA B 443 -3.01 4.86 -33.61
CA ALA B 443 -4.33 5.05 -34.23
C ALA B 443 -4.85 3.66 -34.65
N LEU B 444 -6.17 3.51 -34.78
CA LEU B 444 -6.72 2.24 -35.25
C LEU B 444 -6.70 2.32 -36.78
N PRO B 445 -5.96 1.40 -37.44
CA PRO B 445 -5.83 1.49 -38.89
C PRO B 445 -7.12 1.16 -39.68
N PRO B 446 -7.34 1.80 -40.85
CA PRO B 446 -8.57 1.66 -41.62
C PRO B 446 -9.00 0.23 -41.90
N GLU B 447 -8.02 -0.66 -42.07
CA GLU B 447 -8.25 -2.08 -42.33
C GLU B 447 -8.86 -2.76 -41.11
N ALA B 448 -8.42 -2.33 -39.93
CA ALA B 448 -8.91 -2.89 -38.69
C ALA B 448 -10.33 -2.38 -38.39
N GLN B 449 -10.61 -1.08 -38.62
CA GLN B 449 -11.97 -0.51 -38.54
C GLN B 449 -12.98 -1.36 -39.34
N LEU B 450 -12.65 -1.60 -40.62
CA LEU B 450 -13.50 -2.41 -41.52
C LEU B 450 -13.73 -3.83 -41.07
N MET B 451 -12.72 -4.47 -40.54
CA MET B 451 -12.91 -5.82 -40.03
C MET B 451 -13.71 -5.84 -38.76
N MET B 452 -13.49 -4.87 -37.88
CA MET B 452 -14.30 -4.74 -36.68
C MET B 452 -15.83 -4.51 -36.95
N GLN B 453 -16.18 -3.66 -37.91
CA GLN B 453 -17.57 -3.43 -38.28
C GLN B 453 -18.22 -4.67 -38.89
N LEU B 454 -17.44 -5.37 -39.70
CA LEU B 454 -17.90 -6.58 -40.34
C LEU B 454 -18.06 -7.70 -39.30
N SER B 455 -17.23 -7.66 -38.28
CA SER B 455 -17.31 -8.64 -37.23
C SER B 455 -18.55 -8.44 -36.36
N ILE B 456 -18.91 -7.18 -36.11
CA ILE B 456 -20.04 -6.83 -35.25
C ILE B 456 -21.38 -7.09 -35.97
N GLU B 457 -21.41 -6.73 -37.24
CA GLU B 457 -22.49 -7.05 -38.15
C GLU B 457 -22.79 -8.52 -38.13
N ASN B 458 -21.75 -9.33 -38.23
CA ASN B 458 -21.90 -10.78 -38.23
C ASN B 458 -22.35 -11.34 -36.89
N GLY B 459 -21.86 -10.74 -35.80
CA GLY B 459 -22.29 -11.09 -34.44
C GLY B 459 -23.78 -10.86 -34.20
N TYR B 460 -24.29 -9.76 -34.74
CA TYR B 460 -25.72 -9.46 -34.59
C TYR B 460 -26.58 -10.45 -35.40
N LYS B 461 -26.15 -10.75 -36.63
CA LYS B 461 -26.76 -11.79 -37.41
C LYS B 461 -26.78 -13.11 -36.65
N ARG B 462 -25.67 -13.53 -36.03
CA ARG B 462 -25.62 -14.80 -35.29
C ARG B 462 -26.65 -14.80 -34.16
N PHE B 463 -26.84 -13.62 -33.55
CA PHE B 463 -27.68 -13.42 -32.39
C PHE B 463 -29.17 -13.46 -32.75
N ILE B 464 -29.62 -12.59 -33.65
CA ILE B 464 -31.03 -12.67 -34.00
C ILE B 464 -31.33 -14.05 -34.59
N THR B 465 -30.33 -14.67 -35.21
CA THR B 465 -30.45 -16.01 -35.76
C THR B 465 -30.59 -17.12 -34.70
N LEU B 466 -29.81 -17.07 -33.63
CA LEU B 466 -30.00 -18.02 -32.52
C LEU B 466 -31.36 -17.87 -31.87
N VAL B 467 -31.83 -16.62 -31.74
CA VAL B 467 -33.06 -16.33 -31.04
C VAL B 467 -34.23 -16.76 -31.93
N ALA B 468 -34.18 -16.41 -33.21
CA ALA B 468 -35.13 -16.92 -34.22
C ALA B 468 -35.30 -18.44 -34.22
N ASP B 469 -34.20 -19.19 -34.16
CA ASP B 469 -34.34 -20.66 -34.12
C ASP B 469 -35.03 -21.01 -32.82
N ALA B 470 -34.58 -20.41 -31.71
CA ALA B 470 -34.97 -20.87 -30.39
C ALA B 470 -36.39 -20.51 -30.04
N ARG B 471 -36.86 -19.39 -30.57
CA ARG B 471 -38.19 -18.84 -30.25
C ARG B 471 -39.22 -19.07 -31.35
N HIS B 472 -38.91 -19.98 -32.27
CA HIS B 472 -39.83 -20.37 -33.32
C HIS B 472 -40.26 -19.16 -34.12
N SER B 473 -39.29 -18.47 -34.68
CA SER B 473 -39.54 -17.16 -35.29
C SER B 473 -38.59 -17.02 -36.46
N THR B 474 -38.64 -15.84 -37.09
CA THR B 474 -37.72 -15.48 -38.17
C THR B 474 -36.87 -14.28 -37.78
N PRO B 475 -35.62 -14.21 -38.28
CA PRO B 475 -34.75 -13.04 -38.05
C PRO B 475 -35.45 -11.70 -38.27
N GLU B 476 -36.31 -11.62 -39.26
CA GLU B 476 -37.07 -10.39 -39.51
C GLU B 476 -37.97 -10.02 -38.32
N GLN B 477 -38.60 -11.03 -37.71
CA GLN B 477 -39.52 -10.78 -36.61
C GLN B 477 -38.76 -10.46 -35.36
N ILE B 478 -37.66 -11.19 -35.14
CA ILE B 478 -36.79 -10.97 -33.99
C ILE B 478 -36.10 -9.59 -34.07
N ASP B 479 -35.73 -9.15 -35.27
CA ASP B 479 -35.14 -7.84 -35.46
C ASP B 479 -36.03 -6.73 -34.88
N LYS B 480 -37.31 -6.70 -35.24
CA LYS B 480 -38.29 -5.77 -34.63
C LYS B 480 -38.27 -5.69 -33.10
N ILE B 481 -37.89 -6.77 -32.42
CA ILE B 481 -37.87 -6.77 -30.94
C ILE B 481 -36.46 -6.90 -30.35
N ALA B 482 -35.46 -6.79 -31.21
CA ALA B 482 -34.06 -6.90 -30.82
C ALA B 482 -33.49 -5.50 -30.82
N GLN B 483 -32.55 -5.19 -31.71
CA GLN B 483 -31.97 -3.85 -31.80
C GLN B 483 -31.45 -3.32 -30.45
N GLY B 484 -31.02 -4.21 -29.58
CA GLY B 484 -30.55 -3.78 -28.25
C GLY B 484 -31.61 -3.47 -27.18
N HIS B 485 -32.89 -3.47 -27.55
CA HIS B 485 -33.99 -3.15 -26.64
C HIS B 485 -34.12 -4.02 -25.35
N VAL B 486 -34.11 -3.35 -24.20
CA VAL B 486 -34.36 -4.01 -22.90
C VAL B 486 -35.86 -4.19 -22.69
N TRP B 487 -36.21 -5.31 -22.11
CA TRP B 487 -37.60 -5.71 -21.99
C TRP B 487 -37.76 -6.28 -20.60
N THR B 488 -38.82 -5.85 -19.93
CA THR B 488 -39.18 -6.48 -18.66
C THR B 488 -39.67 -7.91 -18.95
N GLY B 489 -39.58 -8.78 -17.95
CA GLY B 489 -40.32 -10.05 -17.94
C GLY B 489 -41.68 -10.02 -18.66
N GLN B 490 -42.55 -9.08 -18.32
CA GLN B 490 -43.85 -9.00 -18.94
C GLN B 490 -43.82 -8.65 -20.45
N ASP B 491 -42.94 -7.73 -20.82
CA ASP B 491 -42.79 -7.40 -22.23
C ASP B 491 -42.23 -8.58 -23.03
N ALA B 492 -41.37 -9.37 -22.38
CA ALA B 492 -40.72 -10.52 -23.02
C ALA B 492 -41.66 -11.70 -23.18
N LYS B 493 -42.63 -11.79 -22.29
CA LYS B 493 -43.61 -12.86 -22.36
C LYS B 493 -44.57 -12.48 -23.50
N ALA B 494 -45.00 -11.21 -23.55
CA ALA B 494 -45.88 -10.80 -24.67
C ALA B 494 -45.24 -10.87 -26.06
N ASN B 495 -43.95 -10.64 -26.19
CA ASN B 495 -43.35 -10.65 -27.52
C ASN B 495 -42.72 -11.97 -27.92
N GLY B 496 -42.71 -12.94 -27.01
CA GLY B 496 -42.35 -14.29 -27.33
C GLY B 496 -40.93 -14.70 -27.00
N LEU B 497 -40.18 -13.78 -26.40
CA LEU B 497 -38.81 -14.10 -25.98
C LEU B 497 -38.76 -15.01 -24.72
N VAL B 498 -39.86 -14.99 -23.96
CA VAL B 498 -40.01 -15.80 -22.76
C VAL B 498 -41.33 -16.61 -22.82
N ASP B 499 -41.40 -17.76 -22.18
CA ASP B 499 -42.56 -18.62 -22.31
C ASP B 499 -43.66 -18.35 -21.26
N SER B 500 -43.25 -18.11 -20.01
CA SER B 500 -44.19 -17.87 -18.92
C SER B 500 -43.63 -16.98 -17.86
N LEU B 501 -44.53 -16.41 -17.08
CA LEU B 501 -44.17 -15.57 -15.96
C LEU B 501 -44.34 -16.42 -14.72
N GLY B 502 -43.34 -16.37 -13.85
CA GLY B 502 -43.34 -17.23 -12.70
C GLY B 502 -42.03 -17.03 -11.98
N ASP B 503 -41.59 -18.10 -11.30
CA ASP B 503 -40.45 -17.98 -10.41
C ASP B 503 -39.66 -19.32 -10.35
N PHE B 504 -38.60 -19.39 -9.55
CA PHE B 504 -37.82 -20.61 -9.45
C PHE B 504 -38.68 -21.88 -9.32
N ASP B 505 -39.79 -21.80 -8.58
CA ASP B 505 -40.60 -22.97 -8.32
C ASP B 505 -41.20 -23.49 -9.64
N ASP B 506 -41.66 -22.57 -10.47
CA ASP B 506 -42.23 -22.88 -11.77
C ASP B 506 -41.18 -23.41 -12.73
N ALA B 507 -39.96 -22.86 -12.66
CA ALA B 507 -38.87 -23.39 -13.44
C ALA B 507 -38.68 -24.87 -13.10
N VAL B 508 -38.66 -25.19 -11.80
CA VAL B 508 -38.37 -26.54 -11.34
C VAL B 508 -39.51 -27.50 -11.72
N ALA B 509 -40.73 -27.04 -11.50
CA ALA B 509 -41.90 -27.86 -11.72
C ALA B 509 -41.92 -28.21 -13.20
N LYS B 510 -41.53 -27.25 -14.05
CA LYS B 510 -41.57 -27.42 -15.49
C LYS B 510 -40.51 -28.39 -15.98
N ALA B 511 -39.30 -28.27 -15.43
CA ALA B 511 -38.23 -29.27 -15.65
C ALA B 511 -38.65 -30.70 -15.26
N ALA B 512 -39.33 -30.85 -14.13
CA ALA B 512 -39.74 -32.17 -13.66
C ALA B 512 -40.80 -32.75 -14.58
N GLU B 513 -41.63 -31.89 -15.15
CA GLU B 513 -42.68 -32.29 -16.03
C GLU B 513 -42.13 -32.80 -17.37
N LEU B 514 -41.23 -32.03 -17.98
CA LEU B 514 -40.53 -32.46 -19.20
C LEU B 514 -39.70 -33.72 -18.95
N ALA B 515 -39.27 -33.94 -17.71
CA ALA B 515 -38.48 -35.11 -17.36
C ALA B 515 -39.24 -36.31 -16.71
N LYS B 516 -39.96 -36.09 -15.58
CA LYS B 516 -40.75 -37.09 -14.74
C LYS B 516 -40.38 -37.25 -13.21
N VAL B 517 -41.34 -37.17 -12.27
CA VAL B 517 -41.49 -38.11 -11.11
C VAL B 517 -41.42 -37.62 -9.63
N LYS B 518 -40.31 -37.92 -8.98
CA LYS B 518 -39.95 -37.40 -7.66
C LYS B 518 -38.45 -37.07 -7.68
N GLN B 519 -38.15 -35.85 -7.26
CA GLN B 519 -36.93 -35.17 -7.61
C GLN B 519 -36.33 -34.46 -6.39
N TRP B 520 -35.00 -34.41 -6.36
CA TRP B 520 -34.30 -33.58 -5.40
C TRP B 520 -33.36 -32.67 -6.19
N HIS B 521 -32.83 -31.61 -5.56
CA HIS B 521 -31.90 -30.73 -6.26
C HIS B 521 -30.47 -30.99 -6.00
N LEU B 522 -29.73 -31.13 -7.10
CA LEU B 522 -28.29 -31.29 -7.12
C LEU B 522 -27.71 -29.92 -7.51
N GLU B 523 -26.80 -29.41 -6.70
CA GLU B 523 -26.13 -28.13 -6.98
C GLU B 523 -24.63 -28.27 -7.37
N TYR B 524 -24.03 -27.17 -7.85
CA TYR B 524 -22.59 -27.10 -8.14
C TYR B 524 -21.99 -25.77 -7.65
N ARG C 31 45.97 -23.64 7.36
CA ARG C 31 46.63 -22.35 6.98
C ARG C 31 45.93 -21.81 5.75
N GLY C 32 45.60 -20.52 5.79
CA GLY C 32 45.02 -19.82 4.64
C GLY C 32 45.23 -18.32 4.66
N ALA C 33 44.53 -17.63 3.77
CA ALA C 33 44.42 -16.19 3.75
C ALA C 33 43.14 -15.81 4.47
N LEU C 34 43.12 -14.62 5.08
CA LEU C 34 41.87 -14.01 5.47
C LEU C 34 41.37 -13.27 4.23
N LEU C 35 40.18 -13.65 3.75
CA LEU C 35 39.56 -12.95 2.62
C LEU C 35 38.62 -11.87 3.11
N LEU C 36 38.98 -10.62 2.85
CA LEU C 36 38.17 -9.48 3.27
C LEU C 36 37.27 -9.13 2.13
N ASP C 37 36.17 -9.86 2.03
CA ASP C 37 35.15 -9.63 0.99
C ASP C 37 34.01 -8.87 1.66
N ILE C 38 34.30 -7.63 2.06
CA ILE C 38 33.29 -6.87 2.76
C ILE C 38 32.18 -6.51 1.79
N SER C 39 30.95 -6.84 2.16
CA SER C 39 29.84 -6.42 1.34
C SER C 39 29.03 -5.42 2.16
N GLY C 40 28.79 -4.24 1.60
CA GLY C 40 28.01 -3.22 2.28
C GLY C 40 28.82 -2.01 2.75
N VAL C 41 28.35 -1.41 3.85
CA VAL C 41 28.92 -0.22 4.46
C VAL C 41 29.61 -0.57 5.75
N ILE C 42 30.51 0.33 6.17
CA ILE C 42 31.12 0.27 7.50
C ILE C 42 30.33 1.20 8.43
N VAL C 43 29.91 0.71 9.59
CA VAL C 43 29.30 1.57 10.61
C VAL C 43 29.93 1.34 12.01
N ASP C 44 29.72 2.30 12.93
CA ASP C 44 30.13 2.15 14.34
C ASP C 44 29.42 0.97 15.04
N LYS C 45 28.08 0.92 14.87
CA LYS C 45 27.17 -0.12 15.42
C LYS C 45 25.93 -0.33 14.54
N PRO C 46 25.74 -1.55 14.00
CA PRO C 46 24.50 -2.08 13.36
C PRO C 46 23.12 -1.49 13.77
N ASP C 47 22.28 -1.21 12.78
CA ASP C 47 20.91 -0.62 12.94
C ASP C 47 20.62 0.13 14.25
N ARG C 66 27.32 -12.14 4.15
CA ARG C 66 27.74 -10.88 3.52
C ARG C 66 26.76 -9.72 3.84
N LEU C 67 26.69 -9.35 5.13
CA LEU C 67 25.75 -8.33 5.66
C LEU C 67 25.91 -7.00 4.96
N GLN C 68 24.84 -6.17 4.93
CA GLN C 68 24.94 -4.78 4.46
C GLN C 68 25.52 -3.77 5.48
N GLU C 69 25.35 -4.01 6.77
CA GLU C 69 26.00 -3.13 7.74
C GLU C 69 27.13 -3.86 8.45
N ASN C 70 28.34 -3.34 8.37
CA ASN C 70 29.48 -4.01 9.00
C ASN C 70 30.11 -3.14 10.07
N SER C 71 30.38 -3.74 11.22
CA SER C 71 30.95 -3.04 12.38
C SER C 71 32.43 -2.68 12.17
N LEU C 72 32.76 -1.41 12.31
CA LEU C 72 34.16 -0.97 12.22
C LEU C 72 35.06 -1.74 13.20
N PHE C 73 34.60 -1.94 14.43
CA PHE C 73 35.47 -2.48 15.46
C PHE C 73 35.67 -3.97 15.26
N ASP C 74 34.60 -4.65 14.85
CA ASP C 74 34.69 -6.04 14.45
C ASP C 74 35.64 -6.26 13.28
N ILE C 75 35.60 -5.40 12.26
CA ILE C 75 36.60 -5.53 11.19
C ILE C 75 38.04 -5.38 11.73
N VAL C 76 38.34 -4.24 12.33
CA VAL C 76 39.66 -3.99 12.91
C VAL C 76 40.14 -5.12 13.85
N ASN C 77 39.28 -5.54 14.76
CA ASN C 77 39.68 -6.54 15.75
C ASN C 77 39.94 -7.92 15.11
N THR C 78 39.31 -8.19 13.98
CA THR C 78 39.45 -9.45 13.27
C THR C 78 40.79 -9.43 12.57
N ILE C 79 41.05 -8.34 11.82
CA ILE C 79 42.37 -8.11 11.27
C ILE C 79 43.53 -8.28 12.29
N ARG C 80 43.33 -7.79 13.50
CA ARG C 80 44.34 -7.90 14.56
C ARG C 80 44.46 -9.32 15.09
N GLN C 81 43.34 -10.03 15.18
CA GLN C 81 43.40 -11.45 15.44
C GLN C 81 44.12 -12.16 14.29
N ALA C 82 43.85 -11.77 13.05
CA ALA C 82 44.45 -12.47 11.92
C ALA C 82 45.96 -12.31 11.99
N LYS C 83 46.40 -11.14 12.45
CA LYS C 83 47.81 -10.79 12.62
C LYS C 83 48.55 -11.83 13.46
N ASP C 84 48.06 -12.09 14.67
CA ASP C 84 48.77 -12.94 15.61
C ASP C 84 48.50 -14.42 15.36
N ASP C 85 47.54 -14.70 14.48
CA ASP C 85 47.08 -16.07 14.26
C ASP C 85 47.97 -16.84 13.26
N ARG C 86 48.63 -17.88 13.77
CA ARG C 86 49.56 -18.74 13.01
C ARG C 86 48.93 -19.32 11.72
N ASN C 87 47.63 -19.61 11.77
CA ASN C 87 46.91 -20.25 10.67
C ASN C 87 46.59 -19.29 9.51
N ILE C 88 46.58 -17.98 9.76
CA ILE C 88 46.48 -17.03 8.67
C ILE C 88 47.84 -16.51 8.22
N THR C 89 48.07 -16.59 6.92
CA THR C 89 49.36 -16.23 6.34
C THR C 89 49.25 -15.00 5.44
N GLY C 90 48.10 -14.33 5.43
CA GLY C 90 47.92 -13.22 4.50
C GLY C 90 46.49 -12.74 4.48
N ILE C 91 46.30 -11.55 3.95
CA ILE C 91 44.98 -11.02 3.70
C ILE C 91 44.82 -10.77 2.19
N VAL C 92 43.63 -11.05 1.65
CA VAL C 92 43.23 -10.60 0.30
C VAL C 92 42.00 -9.70 0.41
N MET C 93 42.08 -8.53 -0.20
CA MET C 93 40.94 -7.62 -0.18
C MET C 93 40.17 -7.67 -1.49
N ASP C 94 38.92 -8.10 -1.37
CA ASP C 94 38.00 -8.18 -2.51
C ASP C 94 36.85 -7.23 -2.20
N LEU C 95 36.92 -6.02 -2.74
CA LEU C 95 36.02 -4.97 -2.24
C LEU C 95 34.93 -4.58 -3.23
N LYS C 96 34.53 -5.47 -4.13
CA LYS C 96 33.52 -5.11 -5.14
C LYS C 96 32.18 -4.69 -4.54
N ASN C 97 31.78 -5.32 -3.45
CA ASN C 97 30.45 -5.07 -2.89
C ASN C 97 30.52 -4.14 -1.70
N PHE C 98 31.68 -3.51 -1.53
CA PHE C 98 31.90 -2.63 -0.43
C PHE C 98 31.50 -1.23 -0.83
N ALA C 99 30.49 -0.71 -0.12
CA ALA C 99 29.85 0.58 -0.45
C ALA C 99 30.46 1.84 0.22
N GLY C 100 31.30 1.65 1.23
CA GLY C 100 32.06 2.76 1.79
C GLY C 100 31.85 2.99 3.26
N GLY C 101 32.58 3.93 3.80
CA GLY C 101 32.57 4.27 5.22
C GLY C 101 33.04 5.71 5.24
N ASP C 102 32.90 6.40 6.37
CA ASP C 102 33.51 7.71 6.47
C ASP C 102 35.06 7.61 6.46
N GLN C 103 35.72 8.68 6.05
CA GLN C 103 37.17 8.72 6.09
C GLN C 103 37.81 8.32 7.46
N PRO C 104 37.34 8.89 8.61
CA PRO C 104 37.97 8.38 9.86
C PRO C 104 37.88 6.89 10.08
N SER C 105 36.80 6.26 9.66
CA SER C 105 36.65 4.82 9.86
C SER C 105 37.54 3.99 8.93
N MET C 106 37.67 4.44 7.68
CA MET C 106 38.46 3.71 6.75
C MET C 106 39.94 3.85 7.13
N GLN C 107 40.31 4.99 7.71
CA GLN C 107 41.70 5.19 8.11
C GLN C 107 42.10 4.23 9.25
N TYR C 108 41.15 3.98 10.15
CA TYR C 108 41.28 2.97 11.20
C TYR C 108 41.44 1.54 10.68
N ILE C 109 40.69 1.13 9.68
CA ILE C 109 40.86 -0.21 9.10
C ILE C 109 42.26 -0.29 8.46
N GLY C 110 42.64 0.79 7.79
CA GLY C 110 43.99 0.99 7.29
C GLY C 110 45.11 0.77 8.31
N LYS C 111 45.09 1.51 9.42
CA LYS C 111 45.99 1.25 10.55
C LYS C 111 46.13 -0.24 10.94
N ALA C 112 45.01 -0.94 11.11
CA ALA C 112 45.04 -2.41 11.33
C ALA C 112 45.73 -3.24 10.21
N LEU C 113 45.64 -2.76 8.96
CA LEU C 113 46.27 -3.39 7.84
C LEU C 113 47.80 -3.11 7.80
N LYS C 114 48.23 -1.88 8.09
CA LYS C 114 49.67 -1.61 8.26
C LYS C 114 50.26 -2.47 9.38
N GLU C 115 49.61 -2.51 10.54
CA GLU C 115 50.09 -3.36 11.63
C GLU C 115 50.22 -4.81 11.12
N PHE C 116 49.27 -5.20 10.28
CA PHE C 116 49.24 -6.55 9.76
C PHE C 116 50.43 -6.75 8.86
N ARG C 117 50.65 -5.83 7.93
CA ARG C 117 51.79 -5.92 7.02
C ARG C 117 53.15 -5.89 7.72
N ASP C 118 53.27 -5.04 8.75
CA ASP C 118 54.48 -4.87 9.53
C ASP C 118 54.85 -6.16 10.23
N SER C 119 53.88 -7.06 10.44
CA SER C 119 54.23 -8.43 10.92
C SER C 119 54.86 -9.33 9.81
N GLY C 120 54.89 -8.84 8.58
CA GLY C 120 55.45 -9.60 7.47
C GLY C 120 54.47 -10.57 6.83
N LYS C 121 53.19 -10.28 6.94
CA LYS C 121 52.20 -11.02 6.19
C LYS C 121 51.73 -10.16 5.02
N PRO C 122 51.61 -10.78 3.82
CA PRO C 122 51.13 -9.96 2.71
C PRO C 122 49.64 -9.63 2.80
N VAL C 123 49.32 -8.44 2.29
CA VAL C 123 47.98 -7.93 2.08
C VAL C 123 47.94 -7.62 0.57
N TYR C 124 47.03 -8.27 -0.15
CA TYR C 124 46.78 -8.06 -1.58
C TYR C 124 45.42 -7.38 -1.75
N ALA C 125 45.30 -6.53 -2.77
CA ALA C 125 43.99 -6.04 -3.15
C ALA C 125 43.75 -6.39 -4.62
N VAL C 126 42.62 -7.06 -4.85
CA VAL C 126 42.19 -7.47 -6.17
C VAL C 126 40.84 -6.84 -6.59
N GLY C 127 40.62 -6.66 -7.89
CA GLY C 127 39.30 -6.23 -8.38
C GLY C 127 39.33 -5.92 -9.86
N GLU C 128 38.15 -5.93 -10.50
CA GLU C 128 38.04 -5.46 -11.89
C GLU C 128 38.12 -3.93 -11.89
N ASN C 129 37.66 -3.31 -10.81
CA ASN C 129 37.53 -1.85 -10.75
C ASN C 129 37.67 -1.35 -9.32
N TYR C 130 38.00 -0.08 -9.15
CA TYR C 130 37.88 0.51 -7.82
C TYR C 130 37.14 1.81 -7.86
N SER C 131 36.06 1.90 -7.08
CA SER C 131 35.52 3.21 -6.74
C SER C 131 36.51 3.95 -5.84
N GLN C 132 36.33 5.27 -5.71
CA GLN C 132 37.16 6.11 -4.87
C GLN C 132 37.23 5.60 -3.43
N GLY C 133 36.10 5.16 -2.90
CA GLY C 133 36.06 4.52 -1.60
C GLY C 133 36.79 3.19 -1.46
N GLN C 134 36.66 2.28 -2.43
CA GLN C 134 37.35 0.98 -2.35
C GLN C 134 38.86 1.14 -2.48
N TYR C 135 39.25 2.11 -3.31
CA TYR C 135 40.64 2.36 -3.57
C TYR C 135 41.38 2.90 -2.34
N TYR C 136 40.70 3.76 -1.59
CA TYR C 136 41.25 4.30 -0.38
C TYR C 136 41.67 3.09 0.45
N LEU C 137 40.74 2.18 0.77
CA LEU C 137 41.09 1.00 1.60
C LEU C 137 42.15 0.12 0.95
N ALA C 138 41.96 -0.15 -0.34
CA ALA C 138 42.85 -0.97 -1.11
C ALA C 138 44.23 -0.35 -1.09
N SER C 139 44.32 0.96 -0.92
CA SER C 139 45.66 1.58 -1.01
C SER C 139 46.62 1.14 0.08
N PHE C 140 46.09 0.59 1.17
CA PHE C 140 46.93 0.12 2.28
C PHE C 140 47.52 -1.26 1.98
N ALA C 141 47.24 -1.78 0.78
CA ALA C 141 47.75 -3.09 0.39
C ALA C 141 49.21 -3.02 -0.08
N ASN C 142 49.98 -4.04 0.30
CA ASN C 142 51.28 -4.33 -0.30
C ASN C 142 51.25 -4.22 -1.80
N LYS C 143 50.19 -4.80 -2.37
CA LYS C 143 50.09 -5.03 -3.80
C LYS C 143 48.64 -4.95 -4.34
N ILE C 144 48.46 -4.12 -5.39
CA ILE C 144 47.15 -3.83 -5.98
C ILE C 144 47.00 -4.33 -7.44
N TRP C 145 46.03 -5.22 -7.62
CA TRP C 145 45.74 -5.82 -8.89
C TRP C 145 44.52 -5.21 -9.53
N LEU C 146 44.67 -4.76 -10.77
CA LEU C 146 43.56 -4.26 -11.56
C LEU C 146 43.30 -5.07 -12.84
N SER C 147 42.04 -5.23 -13.21
CA SER C 147 41.72 -5.71 -14.53
C SER C 147 42.38 -4.85 -15.64
N PRO C 148 42.71 -5.49 -16.79
CA PRO C 148 43.31 -4.72 -17.91
C PRO C 148 42.30 -3.85 -18.66
N GLN C 149 41.02 -4.03 -18.33
CA GLN C 149 40.02 -3.12 -18.83
C GLN C 149 39.36 -2.26 -17.71
N GLY C 150 39.92 -2.35 -16.50
CA GLY C 150 39.39 -1.71 -15.29
C GLY C 150 39.76 -0.24 -15.14
N VAL C 151 39.07 0.46 -14.22
CA VAL C 151 39.31 1.87 -13.86
C VAL C 151 39.61 2.05 -12.38
N VAL C 152 40.53 2.96 -12.05
CA VAL C 152 40.56 3.55 -10.69
C VAL C 152 39.86 4.91 -10.70
N ASP C 153 38.69 4.93 -10.07
CA ASP C 153 37.75 6.04 -10.26
C ASP C 153 37.92 7.17 -9.23
N LEU C 154 38.91 8.00 -9.43
CA LEU C 154 39.20 9.08 -8.53
C LEU C 154 38.66 10.34 -9.14
N HIS C 155 37.85 11.08 -8.38
CA HIS C 155 37.13 12.22 -8.95
C HIS C 155 36.93 13.35 -7.97
N GLY C 156 37.28 13.16 -6.70
CA GLY C 156 37.18 14.26 -5.74
C GLY C 156 35.99 14.13 -4.83
N PHE C 157 35.74 15.18 -4.06
CA PHE C 157 34.58 15.28 -3.13
C PHE C 157 33.67 16.42 -3.54
N ALA C 158 32.40 16.27 -3.22
CA ALA C 158 31.43 17.28 -3.55
C ALA C 158 30.34 17.17 -2.49
N THR C 159 29.77 18.32 -2.17
CA THR C 159 28.66 18.46 -1.26
C THR C 159 27.50 18.96 -2.15
N ASN C 160 26.27 18.65 -1.80
CA ASN C 160 25.17 19.11 -2.66
C ASN C 160 23.82 19.18 -1.95
N GLY C 161 23.10 20.30 -2.13
CA GLY C 161 21.80 20.47 -1.48
C GLY C 161 20.82 21.31 -2.30
N LEU C 162 19.54 21.15 -2.00
CA LEU C 162 18.47 21.85 -2.67
C LEU C 162 18.20 23.12 -1.90
N TYR C 163 17.76 24.18 -2.59
CA TYR C 163 17.43 25.45 -1.98
C TYR C 163 16.08 25.88 -2.54
N TYR C 164 15.13 26.23 -1.67
CA TYR C 164 13.71 26.32 -2.06
C TYR C 164 13.04 27.66 -1.84
N LYS C 165 13.78 28.70 -1.46
CA LYS C 165 13.15 29.98 -1.19
C LYS C 165 12.14 30.36 -2.26
N SER C 166 12.59 30.30 -3.50
CA SER C 166 11.79 30.70 -4.65
C SER C 166 10.52 29.86 -4.80
N LEU C 167 10.60 28.59 -4.43
CA LEU C 167 9.44 27.70 -4.45
C LEU C 167 8.48 28.00 -3.32
N LEU C 168 9.03 28.41 -2.18
CA LEU C 168 8.20 28.77 -1.03
C LEU C 168 7.42 30.07 -1.34
N ASP C 169 8.08 31.05 -1.96
CA ASP C 169 7.39 32.28 -2.41
C ASP C 169 6.23 31.98 -3.37
N LYS C 170 6.46 31.04 -4.29
CA LYS C 170 5.44 30.73 -5.29
C LYS C 170 4.26 30.01 -4.64
N LEU C 171 4.53 29.19 -3.62
CA LEU C 171 3.46 28.48 -2.91
C LEU C 171 2.82 29.38 -1.86
N LYS C 172 3.44 30.54 -1.64
CA LYS C 172 3.00 31.53 -0.67
C LYS C 172 3.14 31.03 0.77
N VAL C 173 4.07 30.10 0.98
CA VAL C 173 4.42 29.59 2.29
C VAL C 173 5.14 30.71 3.06
N SER C 174 4.76 30.88 4.33
CA SER C 174 5.39 31.83 5.26
C SER C 174 6.48 31.14 6.10
N THR C 175 7.69 31.69 6.07
CA THR C 175 8.81 31.03 6.70
C THR C 175 9.42 31.89 7.81
N HIS C 176 9.69 31.27 8.95
CA HIS C 176 10.40 31.93 10.02
C HIS C 176 11.56 31.12 10.55
N VAL C 177 12.71 31.75 10.49
CA VAL C 177 13.96 31.16 10.94
C VAL C 177 14.42 31.88 12.21
N PHE C 178 14.61 31.12 13.27
CA PHE C 178 15.23 31.67 14.48
C PHE C 178 16.54 30.92 14.60
N ARG C 179 17.61 31.70 14.68
CA ARG C 179 18.94 31.11 14.62
C ARG C 179 19.95 32.05 15.22
N VAL C 180 20.94 31.47 15.88
CA VAL C 180 22.15 32.20 16.23
C VAL C 180 23.30 31.39 15.61
N GLY C 181 24.03 32.03 14.73
CA GLY C 181 25.16 31.41 14.05
C GLY C 181 25.23 31.76 12.58
N THR C 182 26.08 32.73 12.26
CA THR C 182 26.34 33.16 10.88
C THR C 182 26.59 31.98 9.93
N TYR C 183 27.17 30.92 10.46
CA TYR C 183 27.57 29.77 9.72
C TYR C 183 26.76 28.57 9.98
N LYS C 184 25.62 28.72 10.62
CA LYS C 184 24.70 27.63 10.84
C LYS C 184 23.80 27.36 9.68
N SER C 185 24.37 26.92 8.58
CA SER C 185 23.71 26.96 7.27
C SER C 185 22.68 25.90 6.93
N ALA C 186 22.32 25.00 7.85
CA ALA C 186 21.24 24.03 7.53
C ALA C 186 19.93 24.78 7.29
N VAL C 187 19.89 26.02 7.70
CA VAL C 187 18.73 26.87 7.55
C VAL C 187 18.55 27.45 6.14
N GLU C 188 19.63 27.47 5.36
CA GLU C 188 19.64 28.26 4.13
C GLU C 188 18.62 27.87 3.08
N PRO C 189 18.33 26.56 2.91
CA PRO C 189 17.29 26.17 1.94
C PRO C 189 15.90 26.86 2.05
N PHE C 190 15.48 27.26 3.25
CA PHE C 190 14.20 27.92 3.35
C PHE C 190 14.30 29.39 2.97
N ILE C 191 15.51 29.97 2.99
CA ILE C 191 15.65 31.41 2.89
C ILE C 191 16.67 31.92 1.86
N ARG C 192 17.23 31.00 1.06
CA ARG C 192 18.09 31.38 -0.05
C ARG C 192 17.77 30.53 -1.25
N ASP C 193 18.17 30.97 -2.44
CA ASP C 193 18.15 30.10 -3.62
C ASP C 193 19.53 29.53 -3.93
N ASP C 194 20.45 29.71 -2.98
CA ASP C 194 21.84 29.32 -3.15
C ASP C 194 22.54 29.36 -1.79
N MET C 195 23.74 28.81 -1.70
CA MET C 195 24.41 28.83 -0.43
C MET C 195 24.96 30.23 -0.15
N SER C 196 25.02 30.62 1.12
CA SER C 196 25.47 31.96 1.47
C SER C 196 26.95 32.05 1.31
N PRO C 197 27.48 33.28 1.15
CA PRO C 197 28.95 33.35 1.11
C PRO C 197 29.66 32.80 2.38
N ALA C 198 29.01 32.90 3.54
CA ALA C 198 29.63 32.37 4.76
C ALA C 198 29.65 30.84 4.69
N ALA C 199 28.51 30.28 4.28
CA ALA C 199 28.36 28.85 4.17
C ALA C 199 29.40 28.32 3.21
N ARG C 200 29.56 29.04 2.10
CA ARG C 200 30.46 28.59 1.06
C ARG C 200 31.87 28.51 1.60
N GLU C 201 32.30 29.49 2.40
CA GLU C 201 33.67 29.49 2.87
C GLU C 201 33.95 28.44 3.94
N ALA C 202 33.03 28.25 4.88
CA ALA C 202 33.16 27.13 5.81
C ALA C 202 33.15 25.78 5.12
N ASP C 203 32.22 25.54 4.18
CA ASP C 203 32.16 24.23 3.49
C ASP C 203 33.38 23.95 2.55
N SER C 204 33.86 24.95 1.82
CA SER C 204 35.13 24.82 1.08
C SER C 204 36.34 24.46 1.97
N ARG C 205 36.42 25.07 3.14
CA ARG C 205 37.52 24.81 4.04
C ARG C 205 37.51 23.32 4.41
N TRP C 206 36.48 22.86 5.12
CA TRP C 206 36.44 21.43 5.45
C TRP C 206 36.60 20.47 4.26
N ILE C 207 35.80 20.61 3.20
CA ILE C 207 35.86 19.64 2.09
C ILE C 207 37.22 19.60 1.40
N GLY C 208 37.83 20.78 1.24
CA GLY C 208 39.13 20.87 0.62
C GLY C 208 40.13 20.14 1.45
N GLU C 209 39.94 20.16 2.77
CA GLU C 209 40.85 19.47 3.67
C GLU C 209 40.63 17.97 3.70
N LEU C 210 39.37 17.54 3.65
CA LEU C 210 39.09 16.11 3.81
C LEU C 210 39.63 15.42 2.59
N TRP C 211 39.65 16.15 1.47
CA TRP C 211 40.13 15.64 0.23
C TRP C 211 41.67 15.65 0.14
N GLN C 212 42.29 16.68 0.72
CA GLN C 212 43.75 16.68 0.82
C GLN C 212 44.18 15.49 1.72
N ASN C 213 43.39 15.15 2.74
CA ASN C 213 43.76 14.06 3.61
C ASN C 213 43.58 12.75 2.88
N TYR C 214 42.63 12.72 1.94
CA TYR C 214 42.41 11.53 1.15
C TYR C 214 43.67 11.28 0.27
N LEU C 215 44.06 12.32 -0.46
CA LEU C 215 45.25 12.29 -1.28
C LEU C 215 46.53 12.06 -0.51
N ASN C 216 46.73 12.77 0.62
CA ASN C 216 47.98 12.54 1.40
C ASN C 216 48.08 11.12 1.90
N THR C 217 47.02 10.60 2.51
CA THR C 217 46.99 9.20 2.92
C THR C 217 47.31 8.25 1.78
N VAL C 218 46.59 8.36 0.67
CA VAL C 218 46.74 7.42 -0.47
C VAL C 218 48.11 7.57 -1.12
N ALA C 219 48.53 8.81 -1.31
CA ALA C 219 49.88 9.15 -1.75
C ALA C 219 50.92 8.43 -0.93
N ALA C 220 50.87 8.57 0.39
CA ALA C 220 51.85 7.93 1.25
C ALA C 220 51.81 6.40 1.12
N ASN C 221 50.59 5.87 1.05
CA ASN C 221 50.38 4.44 0.89
C ASN C 221 51.04 3.89 -0.39
N ARG C 222 51.06 4.70 -1.44
CA ARG C 222 51.51 4.29 -2.77
C ARG C 222 52.94 4.75 -3.05
N GLN C 223 53.42 5.69 -2.22
CA GLN C 223 54.75 6.28 -2.27
C GLN C 223 54.97 7.10 -3.53
N ILE C 224 53.94 7.79 -3.98
CA ILE C 224 54.05 8.70 -5.12
C ILE C 224 53.52 10.05 -4.65
N PRO C 225 53.94 11.16 -5.27
CA PRO C 225 53.34 12.43 -4.79
C PRO C 225 51.82 12.52 -5.00
N ALA C 226 51.15 13.33 -4.17
CA ALA C 226 49.69 13.51 -4.17
C ALA C 226 49.13 13.91 -5.53
N GLU C 227 49.85 14.79 -6.25
CA GLU C 227 49.37 15.26 -7.56
C GLU C 227 49.36 14.12 -8.60
N GLN C 228 49.94 12.98 -8.27
CA GLN C 228 49.99 11.89 -9.21
C GLN C 228 48.88 10.93 -8.89
N VAL C 229 48.40 10.96 -7.64
CA VAL C 229 47.25 10.16 -7.26
C VAL C 229 46.06 10.67 -8.04
N PHE C 230 45.92 12.00 -8.05
CA PHE C 230 44.89 12.69 -8.79
C PHE C 230 45.41 14.05 -9.24
N PRO C 231 45.74 14.20 -10.54
CA PRO C 231 46.28 15.49 -11.01
C PRO C 231 45.28 16.62 -11.27
N GLY C 232 44.00 16.38 -10.98
CA GLY C 232 42.94 17.31 -11.42
C GLY C 232 42.36 16.83 -12.75
N ALA C 233 41.31 17.50 -13.18
CA ALA C 233 40.57 17.07 -14.35
C ALA C 233 41.38 17.22 -15.65
N GLN C 234 41.98 18.39 -15.88
CA GLN C 234 42.87 18.59 -17.06
C GLN C 234 43.91 17.47 -17.20
N GLY C 235 44.76 17.31 -16.20
CA GLY C 235 45.76 16.22 -16.19
C GLY C 235 45.26 14.78 -16.33
N LEU C 236 44.07 14.49 -15.79
CA LEU C 236 43.51 13.14 -15.88
C LEU C 236 43.13 12.86 -17.31
N LEU C 237 42.56 13.87 -17.95
CA LEU C 237 42.10 13.75 -19.31
C LEU C 237 43.30 13.62 -20.27
N GLU C 238 44.37 14.39 -19.99
CA GLU C 238 45.63 14.32 -20.75
C GLU C 238 46.23 12.91 -20.62
N GLY C 239 46.39 12.45 -19.37
CA GLY C 239 46.86 11.09 -19.07
C GLY C 239 46.05 10.05 -19.79
N LEU C 240 44.73 10.19 -19.73
CA LEU C 240 43.83 9.20 -20.35
C LEU C 240 43.88 9.23 -21.88
N THR C 241 44.28 10.36 -22.43
CA THR C 241 44.37 10.49 -23.86
C THR C 241 45.61 9.79 -24.46
N LYS C 242 46.78 9.93 -23.81
CA LYS C 242 47.96 9.14 -24.22
C LYS C 242 47.53 7.67 -24.42
N THR C 243 47.14 7.05 -23.32
CA THR C 243 46.79 5.65 -23.28
C THR C 243 45.59 5.29 -24.21
N GLY C 244 45.15 6.26 -25.02
CA GLY C 244 44.05 6.05 -25.96
C GLY C 244 42.74 5.73 -25.26
N GLY C 245 42.58 6.28 -24.05
CA GLY C 245 41.37 6.07 -23.26
C GLY C 245 41.39 4.84 -22.39
N ASP C 246 42.55 4.21 -22.28
CA ASP C 246 42.71 3.01 -21.47
C ASP C 246 43.00 3.43 -20.04
N THR C 247 41.98 3.28 -19.20
CA THR C 247 42.01 3.69 -17.82
C THR C 247 43.00 2.83 -17.00
N ALA C 248 43.16 1.56 -17.38
CA ALA C 248 43.99 0.63 -16.62
C ALA C 248 45.49 0.83 -16.84
N LYS C 249 45.88 1.27 -18.04
CA LYS C 249 47.29 1.61 -18.35
C LYS C 249 47.66 2.94 -17.72
N TYR C 250 46.71 3.87 -17.69
CA TYR C 250 46.90 5.13 -16.96
C TYR C 250 47.15 4.82 -15.47
N ALA C 251 46.36 3.89 -14.94
CA ALA C 251 46.50 3.44 -13.59
C ALA C 251 47.86 2.78 -13.37
N LEU C 252 48.28 1.90 -14.29
CA LEU C 252 49.55 1.23 -14.11
C LEU C 252 50.74 2.16 -14.29
N GLU C 253 50.69 3.05 -15.28
CA GLU C 253 51.83 3.92 -15.57
C GLU C 253 52.03 4.99 -14.50
N ASN C 254 51.00 5.21 -13.71
CA ASN C 254 51.06 6.27 -12.69
C ASN C 254 51.18 5.72 -11.29
N LYS C 255 51.30 4.40 -11.19
CA LYS C 255 51.66 3.68 -9.96
C LYS C 255 50.47 3.58 -8.99
N LEU C 256 49.26 3.74 -9.54
CA LEU C 256 48.05 3.62 -8.73
C LEU C 256 47.79 2.17 -8.42
N VAL C 257 48.45 1.31 -9.20
CA VAL C 257 48.16 -0.10 -9.25
C VAL C 257 49.49 -0.77 -9.55
N ASP C 258 49.66 -2.04 -9.18
CA ASP C 258 50.99 -2.65 -9.29
C ASP C 258 51.14 -3.53 -10.52
N ALA C 259 50.04 -4.24 -10.84
CA ALA C 259 49.97 -5.10 -11.97
C ALA C 259 48.55 -5.05 -12.56
N LEU C 260 48.46 -5.10 -13.89
CA LEU C 260 47.20 -5.40 -14.57
C LEU C 260 47.16 -6.90 -14.81
N ALA C 261 46.03 -7.51 -14.54
CA ALA C 261 45.95 -8.93 -14.71
C ALA C 261 44.51 -9.38 -14.70
N SER C 262 44.22 -10.37 -15.52
CA SER C 262 42.89 -10.97 -15.62
C SER C 262 42.54 -11.68 -14.33
N SER C 263 41.26 -12.00 -14.17
CA SER C 263 40.79 -12.81 -13.04
C SER C 263 41.47 -14.19 -12.86
N ALA C 264 41.89 -14.81 -13.96
CA ALA C 264 42.53 -16.14 -13.89
C ALA C 264 44.02 -16.05 -13.64
N GLU C 265 44.66 -15.01 -14.16
CA GLU C 265 46.04 -14.72 -13.79
C GLU C 265 46.16 -14.39 -12.28
N ILE C 266 45.16 -13.66 -11.76
CA ILE C 266 45.10 -13.28 -10.34
C ILE C 266 45.03 -14.54 -9.49
N GLU C 267 44.17 -15.45 -9.91
CA GLU C 267 43.92 -16.69 -9.20
C GLU C 267 45.21 -17.54 -9.18
N LYS C 268 45.97 -17.50 -10.26
CA LYS C 268 47.17 -18.31 -10.34
C LYS C 268 48.19 -17.80 -9.32
N ALA C 269 48.34 -16.48 -9.28
CA ALA C 269 49.27 -15.82 -8.39
C ALA C 269 48.87 -15.99 -6.91
N LEU C 270 47.56 -15.97 -6.64
CA LEU C 270 47.02 -16.20 -5.30
C LEU C 270 47.14 -17.65 -4.81
N THR C 271 46.98 -18.63 -5.71
CA THR C 271 47.19 -20.01 -5.27
C THR C 271 48.67 -20.27 -5.06
N LYS C 272 49.51 -19.54 -5.78
CA LYS C 272 50.95 -19.69 -5.62
C LYS C 272 51.43 -19.19 -4.26
N GLU C 273 50.87 -18.07 -3.77
CA GLU C 273 51.26 -17.57 -2.45
C GLU C 273 50.48 -18.28 -1.32
N PHE C 274 49.25 -18.71 -1.58
CA PHE C 274 48.45 -19.32 -0.52
C PHE C 274 48.14 -20.82 -0.64
N GLY C 275 48.48 -21.42 -1.79
CA GLY C 275 48.18 -22.83 -2.04
C GLY C 275 46.75 -23.09 -2.47
N TRP C 276 46.51 -24.29 -2.97
CA TRP C 276 45.23 -24.71 -3.54
C TRP C 276 44.48 -25.61 -2.58
N SER C 277 43.18 -25.42 -2.45
CA SER C 277 42.34 -26.26 -1.61
C SER C 277 41.41 -27.19 -2.42
N LYS C 278 41.61 -28.49 -2.28
CA LYS C 278 40.83 -29.46 -3.06
C LYS C 278 39.33 -29.49 -2.71
N THR C 279 39.00 -29.14 -1.48
CA THR C 279 37.60 -29.10 -1.05
C THR C 279 36.88 -27.87 -1.63
N ASP C 280 37.49 -26.69 -1.49
CA ASP C 280 36.87 -25.42 -1.89
C ASP C 280 36.95 -25.20 -3.41
N LYS C 281 37.97 -25.81 -4.02
CA LYS C 281 38.32 -25.60 -5.42
C LYS C 281 38.87 -24.19 -5.70
N ASN C 282 39.49 -23.59 -4.69
CA ASN C 282 40.13 -22.28 -4.87
C ASN C 282 41.52 -22.21 -4.19
N TYR C 283 42.14 -21.03 -4.16
CA TYR C 283 43.30 -20.83 -3.30
C TYR C 283 42.84 -20.96 -1.86
N ARG C 284 43.76 -21.28 -0.95
CA ARG C 284 43.42 -21.50 0.46
C ARG C 284 43.04 -20.15 1.11
N ALA C 285 41.80 -20.04 1.61
CA ALA C 285 41.33 -18.82 2.24
C ALA C 285 40.06 -19.08 3.01
N ILE C 286 39.70 -18.15 3.89
CA ILE C 286 38.45 -18.18 4.67
C ILE C 286 37.93 -16.74 4.80
N SER C 287 36.66 -16.55 4.46
CA SER C 287 36.07 -15.24 4.36
C SER C 287 35.89 -14.56 5.70
N TYR C 288 35.98 -13.22 5.71
CA TYR C 288 35.74 -12.42 6.92
C TYR C 288 34.54 -12.98 7.66
N TYR C 289 33.46 -13.23 6.92
CA TYR C 289 32.18 -13.58 7.51
C TYR C 289 32.12 -14.96 8.20
N ASP C 290 33.07 -15.85 7.86
CA ASP C 290 33.21 -17.20 8.47
C ASP C 290 34.39 -17.26 9.46
N TYR C 291 35.25 -16.26 9.45
CA TYR C 291 36.37 -16.25 10.37
C TYR C 291 35.92 -15.81 11.76
N ALA C 292 36.15 -16.66 12.76
CA ALA C 292 35.57 -16.43 14.11
C ALA C 292 36.43 -15.48 14.96
N LEU C 293 35.82 -14.36 15.35
CA LEU C 293 36.51 -13.41 16.21
C LEU C 293 36.39 -13.91 17.64
N LYS C 294 37.52 -14.35 18.21
CA LYS C 294 37.56 -14.87 19.56
C LYS C 294 37.07 -13.83 20.57
N THR C 295 36.02 -14.18 21.29
CA THR C 295 35.43 -13.30 22.32
C THR C 295 36.42 -13.04 23.46
N PRO C 296 36.72 -11.76 23.71
CA PRO C 296 37.86 -11.43 24.58
C PRO C 296 37.64 -11.88 26.04
N ALA C 297 38.74 -12.31 26.69
CA ALA C 297 38.70 -12.72 28.10
C ALA C 297 38.36 -11.53 29.00
N ASP C 298 37.51 -11.75 30.01
CA ASP C 298 37.17 -10.65 30.91
C ASP C 298 38.01 -10.58 32.20
N THR C 299 38.71 -9.46 32.34
CA THR C 299 39.40 -9.07 33.55
C THR C 299 38.39 -8.83 34.70
N GLY C 300 37.97 -7.57 34.88
CA GLY C 300 37.27 -7.11 36.08
C GLY C 300 37.32 -5.58 36.10
N ASP C 301 38.49 -5.02 35.73
CA ASP C 301 38.53 -3.62 35.39
C ASP C 301 38.04 -3.48 33.97
N SER C 302 36.81 -2.99 33.81
CA SER C 302 36.34 -2.76 32.46
C SER C 302 36.21 -1.27 32.10
N ILE C 303 36.31 -0.96 30.83
CA ILE C 303 36.02 0.38 30.34
C ILE C 303 34.70 0.30 29.56
N GLY C 304 33.69 1.05 30.00
CA GLY C 304 32.38 1.06 29.33
C GLY C 304 32.42 1.80 28.01
N VAL C 305 31.76 1.25 27.00
CA VAL C 305 31.74 1.87 25.67
C VAL C 305 30.29 2.12 25.21
N VAL C 306 29.90 3.39 25.15
CA VAL C 306 28.53 3.80 24.81
C VAL C 306 28.49 4.50 23.44
N PHE C 307 27.63 4.02 22.55
CA PHE C 307 27.56 4.62 21.23
C PHE C 307 26.57 5.77 21.14
N ALA C 308 26.96 6.82 20.43
CA ALA C 308 25.99 7.79 20.05
C ALA C 308 26.09 7.86 18.55
N ASN C 309 25.50 6.88 17.91
CA ASN C 309 25.58 6.74 16.47
C ASN C 309 24.28 7.23 15.88
N GLY C 310 24.27 8.45 15.33
CA GLY C 310 23.10 8.95 14.60
C GLY C 310 22.49 10.25 15.10
N ALA C 311 21.42 10.67 14.44
CA ALA C 311 20.64 11.83 14.87
C ALA C 311 20.08 11.53 16.25
N ILE C 312 20.18 12.53 17.12
CA ILE C 312 19.78 12.47 18.52
C ILE C 312 18.32 12.92 18.69
N MET C 313 17.44 11.97 19.02
CA MET C 313 16.01 12.25 19.25
C MET C 313 15.64 12.05 20.73
N ASP C 314 14.46 12.54 21.10
CA ASP C 314 14.05 12.65 22.47
C ASP C 314 13.75 11.38 23.26
N GLY C 315 13.24 10.33 22.62
CA GLY C 315 12.70 9.24 23.44
C GLY C 315 13.58 8.03 23.70
N GLU C 316 13.01 6.87 23.40
CA GLU C 316 13.76 5.64 23.23
C GLU C 316 14.41 5.65 21.84
N GLU C 317 15.45 4.84 21.69
CA GLU C 317 16.12 4.66 20.43
C GLU C 317 15.17 4.01 19.45
N THR C 318 14.91 4.70 18.35
CA THR C 318 14.09 4.20 17.24
C THR C 318 14.91 4.21 15.96
N GLN C 319 14.33 3.70 14.86
CA GLN C 319 14.98 3.75 13.55
C GLN C 319 16.48 3.44 13.67
N GLY C 320 17.31 4.35 13.15
CA GLY C 320 18.79 4.27 13.24
C GLY C 320 19.28 5.53 13.90
N ASN C 321 18.57 5.93 14.95
CA ASN C 321 18.84 7.18 15.62
C ASN C 321 19.28 6.98 17.07
N VAL C 322 19.69 8.06 17.71
CA VAL C 322 20.01 7.99 19.14
C VAL C 322 18.76 8.41 19.91
N GLY C 323 18.39 7.64 20.91
CA GLY C 323 17.37 8.02 21.85
C GLY C 323 17.98 8.54 23.13
N GLY C 324 17.73 9.80 23.42
CA GLY C 324 18.19 10.38 24.69
C GLY C 324 18.05 9.46 25.88
N ASP C 325 16.86 8.94 26.12
CA ASP C 325 16.67 8.12 27.33
C ASP C 325 17.38 6.77 27.27
N THR C 326 17.50 6.16 26.09
CA THR C 326 18.20 4.89 25.97
C THR C 326 19.69 5.04 26.28
N THR C 327 20.29 6.11 25.78
CA THR C 327 21.71 6.34 25.91
C THR C 327 22.00 6.76 27.36
N ALA C 328 21.17 7.64 27.90
CA ALA C 328 21.31 8.01 29.31
C ALA C 328 21.21 6.80 30.22
N ALA C 329 20.36 5.84 29.89
CA ALA C 329 20.24 4.63 30.73
C ALA C 329 21.46 3.71 30.61
N GLN C 330 22.13 3.75 29.46
CA GLN C 330 23.35 2.95 29.26
C GLN C 330 24.51 3.61 30.03
N ILE C 331 24.57 4.94 29.99
CA ILE C 331 25.55 5.67 30.77
C ILE C 331 25.35 5.42 32.26
N ARG C 332 24.12 5.61 32.76
CA ARG C 332 23.76 5.29 34.14
C ARG C 332 24.24 3.90 34.54
N ASP C 333 23.99 2.94 33.67
CA ASP C 333 24.45 1.60 33.94
C ASP C 333 25.93 1.52 34.31
N ALA C 334 26.79 2.11 33.48
CA ALA C 334 28.23 2.06 33.71
C ALA C 334 28.59 2.88 34.93
N ARG C 335 27.96 4.04 35.09
CA ARG C 335 28.14 4.87 36.28
C ARG C 335 27.86 4.15 37.60
N LEU C 336 27.01 3.14 37.61
CA LEU C 336 26.68 2.42 38.82
C LEU C 336 27.29 1.04 38.85
N ASP C 337 27.80 0.55 37.72
CA ASP C 337 28.50 -0.73 37.77
C ASP C 337 29.91 -0.52 38.38
N PRO C 338 30.19 -1.10 39.57
CA PRO C 338 31.48 -0.88 40.26
C PRO C 338 32.65 -1.46 39.46
N LYS C 339 32.35 -2.45 38.62
CA LYS C 339 33.28 -3.14 37.71
C LYS C 339 33.85 -2.18 36.65
N VAL C 340 32.98 -1.30 36.15
CA VAL C 340 33.31 -0.36 35.08
C VAL C 340 34.09 0.80 35.68
N LYS C 341 35.32 0.98 35.18
CA LYS C 341 36.26 1.97 35.72
C LYS C 341 36.38 3.32 34.98
N ALA C 342 35.93 3.36 33.72
CA ALA C 342 35.98 4.57 32.91
C ALA C 342 34.98 4.36 31.80
N ILE C 343 34.54 5.45 31.19
CA ILE C 343 33.64 5.39 30.05
C ILE C 343 34.22 6.01 28.77
N VAL C 344 34.02 5.32 27.65
CA VAL C 344 34.33 5.94 26.38
C VAL C 344 33.00 6.13 25.66
N LEU C 345 32.75 7.35 25.19
CA LEU C 345 31.56 7.65 24.44
C LEU C 345 31.94 7.74 22.95
N ARG C 346 31.51 6.76 22.16
CA ARG C 346 31.88 6.78 20.75
C ARG C 346 30.84 7.55 19.95
N VAL C 347 31.19 8.75 19.48
CA VAL C 347 30.23 9.67 18.88
C VAL C 347 30.34 9.73 17.37
N ASN C 348 29.21 9.51 16.69
CA ASN C 348 29.08 9.75 15.25
C ASN C 348 27.70 10.31 14.94
N SER C 349 27.54 11.61 15.21
CA SER C 349 26.23 12.26 15.24
C SER C 349 26.35 13.64 14.60
N PRO C 350 25.37 13.99 13.72
CA PRO C 350 25.29 15.39 13.32
C PRO C 350 24.63 16.26 14.40
N GLY C 351 24.09 15.62 15.45
CA GLY C 351 23.23 16.31 16.41
C GLY C 351 21.73 15.93 16.36
N GLY C 352 20.85 16.88 16.70
CA GLY C 352 19.44 16.57 16.82
C GLY C 352 18.71 17.40 17.86
N SER C 353 18.08 16.73 18.82
CA SER C 353 17.26 17.40 19.81
C SER C 353 18.10 17.95 20.98
N VAL C 354 18.02 19.26 21.20
CA VAL C 354 18.64 19.90 22.40
C VAL C 354 18.21 19.33 23.77
N THR C 355 16.94 18.96 23.96
CA THR C 355 16.53 18.33 25.22
C THR C 355 17.17 16.94 25.38
N ALA C 356 17.19 16.18 24.28
CA ALA C 356 17.86 14.85 24.24
C ALA C 356 19.36 14.93 24.58
N SER C 357 20.02 15.97 24.06
CA SER C 357 21.45 16.15 24.25
C SER C 357 21.74 16.42 25.72
N GLU C 358 20.97 17.35 26.29
CA GLU C 358 21.10 17.71 27.68
C GLU C 358 21.01 16.50 28.61
N VAL C 359 20.04 15.65 28.35
CA VAL C 359 19.80 14.45 29.12
C VAL C 359 21.03 13.56 29.12
N ILE C 360 21.59 13.29 27.93
CA ILE C 360 22.85 12.55 27.78
C ILE C 360 24.06 13.25 28.47
N ARG C 361 24.22 14.54 28.22
CA ARG C 361 25.26 15.31 28.86
C ARG C 361 25.24 15.12 30.39
N ALA C 362 24.04 15.33 30.96
CA ALA C 362 23.81 15.26 32.41
C ALA C 362 24.40 13.99 33.01
N GLU C 363 24.10 12.87 32.35
CA GLU C 363 24.60 11.56 32.75
C GLU C 363 26.12 11.40 32.68
N LEU C 364 26.73 11.65 31.52
CA LEU C 364 28.18 11.67 31.45
C LEU C 364 28.74 12.56 32.57
N ALA C 365 28.17 13.76 32.77
CA ALA C 365 28.70 14.64 33.83
C ALA C 365 28.57 13.96 35.20
N ALA C 366 27.51 13.18 35.38
CA ALA C 366 27.36 12.51 36.64
C ALA C 366 28.42 11.41 36.75
N ALA C 367 28.56 10.59 35.71
CA ALA C 367 29.63 9.57 35.68
C ALA C 367 30.99 10.14 36.08
N ARG C 368 31.44 11.20 35.41
CA ARG C 368 32.72 11.79 35.74
C ARG C 368 32.75 12.29 37.18
N ALA C 369 31.67 12.93 37.62
CA ALA C 369 31.55 13.38 39.02
C ALA C 369 31.54 12.21 40.01
N ALA C 370 31.04 11.05 39.58
CA ALA C 370 31.12 9.84 40.42
C ALA C 370 32.55 9.31 40.52
N GLY C 371 33.49 9.96 39.84
CA GLY C 371 34.89 9.51 39.80
C GLY C 371 35.25 8.53 38.69
N LYS C 372 34.34 8.32 37.73
CA LYS C 372 34.68 7.56 36.51
C LYS C 372 35.00 8.51 35.37
N PRO C 373 36.30 8.58 34.97
CA PRO C 373 36.69 9.38 33.79
C PRO C 373 35.91 9.05 32.50
N VAL C 374 35.59 10.12 31.77
CA VAL C 374 34.87 10.06 30.52
C VAL C 374 35.77 10.53 29.39
N VAL C 375 35.94 9.68 28.36
CA VAL C 375 36.72 10.02 27.17
C VAL C 375 35.82 9.90 25.92
N VAL C 376 35.78 10.96 25.12
CA VAL C 376 35.00 10.92 23.90
C VAL C 376 35.89 10.47 22.72
N SER C 377 35.35 9.56 21.89
CA SER C 377 36.01 9.17 20.69
C SER C 377 35.16 9.64 19.54
N MET C 378 35.65 10.58 18.76
CA MET C 378 34.89 11.09 17.62
C MET C 378 35.25 10.39 16.30
N GLY C 379 34.23 9.90 15.58
CA GLY C 379 34.53 9.18 14.35
C GLY C 379 33.85 9.57 13.05
N GLY C 380 33.93 10.80 12.59
CA GLY C 380 33.24 11.05 11.30
C GLY C 380 32.42 12.28 11.44
N MET C 381 31.45 12.19 12.34
CA MET C 381 30.74 13.38 12.76
C MET C 381 30.60 13.42 14.28
N ALA C 382 30.80 14.58 14.87
CA ALA C 382 30.42 14.84 16.25
C ALA C 382 30.16 16.30 16.31
N ALA C 383 29.12 16.73 15.65
CA ALA C 383 28.83 18.12 15.50
C ALA C 383 27.45 18.51 16.01
N SER C 384 27.23 19.79 16.17
CA SER C 384 26.11 20.34 16.91
C SER C 384 25.81 19.71 18.21
N GLY C 385 24.67 19.06 18.29
CA GLY C 385 24.33 18.28 19.42
C GLY C 385 25.25 17.17 19.74
N GLY C 386 25.94 16.67 18.75
CA GLY C 386 26.94 15.69 19.00
C GLY C 386 28.20 16.24 19.57
N TYR C 387 28.38 17.54 19.50
CA TYR C 387 29.48 18.14 20.23
C TYR C 387 29.00 18.45 21.64
N TRP C 388 27.70 18.76 21.74
CA TRP C 388 27.05 19.13 23.00
C TRP C 388 27.23 17.99 23.96
N ILE C 389 26.93 16.77 23.51
CA ILE C 389 27.02 15.56 24.35
C ILE C 389 28.45 15.21 24.74
N SER C 390 29.44 15.70 23.98
CA SER C 390 30.88 15.40 24.23
C SER C 390 31.50 16.30 25.30
N THR C 391 30.88 17.44 25.58
CA THR C 391 31.49 18.47 26.42
C THR C 391 31.92 18.08 27.83
N PRO C 392 31.17 17.21 28.51
CA PRO C 392 31.52 16.94 29.91
C PRO C 392 32.72 16.05 30.04
N ALA C 393 33.31 15.64 28.93
CA ALA C 393 34.38 14.65 28.98
C ALA C 393 35.74 15.17 29.50
N ASN C 394 36.42 14.30 30.23
CA ASN C 394 37.81 14.57 30.60
C ASN C 394 38.67 14.89 29.39
N TYR C 395 38.44 14.16 28.30
CA TYR C 395 39.32 14.19 27.13
C TYR C 395 38.55 13.90 25.83
N ILE C 396 38.79 14.73 24.82
CA ILE C 396 38.16 14.58 23.52
C ILE C 396 39.22 14.28 22.45
N VAL C 397 39.09 13.13 21.83
CA VAL C 397 39.93 12.77 20.70
C VAL C 397 39.12 12.67 19.44
N ALA C 398 39.62 13.30 18.37
CA ALA C 398 39.02 13.34 17.06
C ALA C 398 40.02 12.88 15.96
N ASN C 399 39.46 12.40 14.85
CA ASN C 399 40.24 12.14 13.69
C ASN C 399 40.41 13.45 12.91
N PRO C 400 41.57 13.66 12.31
CA PRO C 400 41.80 14.91 11.55
C PRO C 400 40.70 15.20 10.53
N SER C 401 40.18 14.12 9.92
CA SER C 401 39.10 14.16 8.97
C SER C 401 37.69 14.15 9.63
N THR C 402 37.61 14.15 10.96
CA THR C 402 36.33 14.24 11.68
C THR C 402 35.67 15.58 11.44
N LEU C 403 34.34 15.61 11.36
CA LEU C 403 33.63 16.88 11.26
C LEU C 403 32.99 17.21 12.58
N THR C 404 33.34 18.35 13.16
CA THR C 404 32.88 18.68 14.48
C THR C 404 32.50 20.17 14.60
N GLY C 405 32.53 20.70 15.83
CA GLY C 405 31.97 22.02 16.12
C GLY C 405 30.52 22.19 15.70
N SER C 406 30.28 23.14 14.79
CA SER C 406 28.97 23.58 14.43
C SER C 406 28.22 23.99 15.68
N ILE C 407 28.91 24.72 16.55
CA ILE C 407 28.33 25.16 17.82
C ILE C 407 27.41 26.34 17.58
N GLY C 408 26.12 26.05 17.39
CA GLY C 408 25.12 27.06 17.04
C GLY C 408 23.74 26.47 17.17
N ILE C 409 22.72 27.23 16.81
CA ILE C 409 21.38 26.77 17.14
C ILE C 409 20.37 27.38 16.18
N PHE C 410 19.37 26.59 15.77
CA PHE C 410 18.37 27.10 14.85
C PHE C 410 17.01 26.43 15.03
N GLY C 411 15.97 27.13 14.54
CA GLY C 411 14.60 26.63 14.54
C GLY C 411 13.89 27.28 13.36
N VAL C 412 13.00 26.51 12.73
CA VAL C 412 12.28 26.91 11.52
C VAL C 412 10.76 26.63 11.67
N ILE C 413 9.96 27.67 11.39
CA ILE C 413 8.50 27.57 11.48
C ILE C 413 8.03 27.99 10.09
N THR C 414 7.37 27.07 9.39
CA THR C 414 6.69 27.42 8.16
C THR C 414 5.21 27.40 8.44
N THR C 415 4.48 28.34 7.84
CA THR C 415 3.03 28.33 7.90
C THR C 415 2.42 28.60 6.52
N VAL C 416 1.14 28.22 6.39
CA VAL C 416 0.56 28.04 5.07
C VAL C 416 -0.78 28.79 4.94
N GLU C 417 -1.01 29.76 5.82
CA GLU C 417 -2.25 30.53 5.80
C GLU C 417 -2.49 31.13 4.42
N ASN C 418 -1.44 31.65 3.77
CA ASN C 418 -1.60 32.30 2.43
C ASN C 418 -1.73 31.30 1.29
N SER C 419 -1.07 30.16 1.42
CA SER C 419 -1.20 29.10 0.44
C SER C 419 -2.66 28.61 0.43
N LEU C 420 -3.18 28.31 1.61
CA LEU C 420 -4.59 27.96 1.74
C LEU C 420 -5.51 29.09 1.29
N ASP C 421 -5.22 30.33 1.66
CA ASP C 421 -6.05 31.45 1.23
C ASP C 421 -6.25 31.48 -0.27
N SER C 422 -5.20 31.20 -1.03
CA SER C 422 -5.26 31.36 -2.48
C SER C 422 -6.18 30.31 -3.15
N ILE C 423 -6.40 29.19 -2.48
CA ILE C 423 -7.37 28.21 -2.95
C ILE C 423 -8.67 28.26 -2.14
N GLY C 424 -8.93 29.37 -1.47
CA GLY C 424 -10.15 29.53 -0.68
C GLY C 424 -10.36 28.70 0.59
N VAL C 425 -9.30 28.14 1.16
CA VAL C 425 -9.39 27.55 2.49
C VAL C 425 -8.91 28.55 3.55
N HIS C 426 -9.70 28.76 4.59
CA HIS C 426 -9.26 29.60 5.72
C HIS C 426 -9.35 28.84 7.04
N THR C 427 -8.68 29.37 8.06
CA THR C 427 -8.91 28.84 9.41
C THR C 427 -9.39 29.98 10.24
N ASP C 428 -10.20 29.62 11.23
CA ASP C 428 -10.68 30.61 12.16
C ASP C 428 -10.96 29.91 13.46
N GLY C 429 -11.01 30.71 14.51
CA GLY C 429 -11.14 30.16 15.84
C GLY C 429 -11.01 31.21 16.91
N VAL C 430 -11.09 30.71 18.15
CA VAL C 430 -10.97 31.54 19.33
C VAL C 430 -9.82 31.06 20.19
N SER C 431 -9.09 32.00 20.77
CA SER C 431 -8.10 31.65 21.77
C SER C 431 -8.10 32.60 23.00
N THR C 432 -7.49 32.12 24.07
CA THR C 432 -7.43 32.83 25.33
C THR C 432 -6.12 33.61 25.40
N SER C 433 -5.14 33.15 24.64
CA SER C 433 -3.87 33.87 24.42
C SER C 433 -3.33 33.66 22.98
N PRO C 434 -2.72 34.69 22.38
CA PRO C 434 -2.08 34.55 21.08
C PRO C 434 -0.99 33.47 21.09
N LEU C 435 -0.36 33.27 22.25
CA LEU C 435 0.60 32.20 22.46
C LEU C 435 0.02 30.81 22.18
N ALA C 436 -1.29 30.73 22.05
CA ALA C 436 -1.96 29.45 21.80
C ALA C 436 -2.35 29.16 20.31
N ASP C 437 -2.37 30.18 19.42
CA ASP C 437 -2.54 29.95 17.96
C ASP C 437 -1.24 29.62 17.27
N VAL C 438 -0.48 28.66 17.75
CA VAL C 438 0.64 28.24 16.93
C VAL C 438 0.23 26.92 16.31
N SER C 439 0.05 26.97 14.99
CA SER C 439 -0.41 25.85 14.17
C SER C 439 0.07 26.11 12.73
N ILE C 440 0.36 25.05 11.98
CA ILE C 440 0.78 25.17 10.58
C ILE C 440 -0.16 26.00 9.67
N THR C 441 -1.45 25.99 9.98
CA THR C 441 -2.44 26.69 9.12
C THR C 441 -2.74 28.12 9.56
N ARG C 442 -2.04 28.61 10.58
CA ARG C 442 -2.26 29.99 11.04
C ARG C 442 -0.99 30.80 10.95
N ALA C 443 -1.14 32.09 10.74
CA ALA C 443 -0.02 32.99 10.78
C ALA C 443 0.63 32.85 12.16
N LEU C 444 1.96 32.98 12.24
CA LEU C 444 2.67 33.00 13.51
C LEU C 444 2.37 34.35 14.14
N PRO C 445 1.85 34.36 15.37
CA PRO C 445 1.66 35.63 16.04
C PRO C 445 2.98 36.26 16.51
N PRO C 446 3.05 37.58 16.48
CA PRO C 446 4.25 38.28 16.90
C PRO C 446 4.66 37.98 18.37
N GLU C 447 3.70 37.67 19.24
CA GLU C 447 3.99 37.25 20.63
C GLU C 447 4.84 35.98 20.63
N ALA C 448 4.51 35.08 19.70
CA ALA C 448 5.14 33.77 19.63
C ALA C 448 6.51 33.95 18.98
N GLN C 449 6.60 34.89 18.03
CA GLN C 449 7.89 35.29 17.45
C GLN C 449 8.87 35.75 18.53
N LEU C 450 8.40 36.62 19.44
CA LEU C 450 9.26 37.19 20.47
C LEU C 450 9.78 36.12 21.38
N MET C 451 8.93 35.17 21.73
CA MET C 451 9.32 34.10 22.64
C MET C 451 10.32 33.17 21.96
N MET C 452 10.07 32.88 20.69
CA MET C 452 10.95 32.03 19.92
C MET C 452 12.39 32.63 19.70
N GLN C 453 12.46 33.93 19.42
CA GLN C 453 13.71 34.60 19.31
C GLN C 453 14.46 34.65 20.65
N LEU C 454 13.73 34.78 21.75
CA LEU C 454 14.36 34.79 23.07
C LEU C 454 14.83 33.39 23.48
N SER C 455 14.03 32.40 23.14
CA SER C 455 14.42 31.05 23.39
C SER C 455 15.72 30.66 22.69
N ILE C 456 15.89 31.16 21.47
CA ILE C 456 17.00 30.74 20.64
C ILE C 456 18.30 31.47 21.07
N GLU C 457 18.16 32.73 21.47
CA GLU C 457 19.26 33.54 22.01
C GLU C 457 19.72 32.90 23.30
N ASN C 458 18.76 32.44 24.11
CA ASN C 458 19.07 31.79 25.37
C ASN C 458 19.77 30.46 25.22
N GLY C 459 19.31 29.64 24.27
CA GLY C 459 19.92 28.35 23.93
C GLY C 459 21.35 28.44 23.40
N TYR C 460 21.61 29.47 22.57
CA TYR C 460 22.97 29.73 22.12
C TYR C 460 23.91 30.10 23.25
N LYS C 461 23.45 30.92 24.20
CA LYS C 461 24.23 31.27 25.38
C LYS C 461 24.49 30.00 26.18
N ARG C 462 23.51 29.11 26.19
CA ARG C 462 23.65 27.87 26.94
C ARG C 462 24.81 27.05 26.38
N PHE C 463 24.86 26.96 25.05
CA PHE C 463 25.79 26.12 24.33
C PHE C 463 27.23 26.62 24.52
N ILE C 464 27.47 27.89 24.21
CA ILE C 464 28.81 28.46 24.33
C ILE C 464 29.30 28.52 25.77
N THR C 465 28.39 28.63 26.73
CA THR C 465 28.70 28.54 28.15
C THR C 465 29.15 27.13 28.59
N LEU C 466 28.37 26.11 28.27
CA LEU C 466 28.80 24.73 28.46
C LEU C 466 30.20 24.40 27.89
N VAL C 467 30.49 24.95 26.72
CA VAL C 467 31.68 24.62 25.99
C VAL C 467 32.75 25.45 26.63
N ALA C 468 32.44 26.73 26.88
CA ALA C 468 33.37 27.60 27.64
C ALA C 468 33.81 26.98 28.96
N ASP C 469 32.89 26.42 29.73
CA ASP C 469 33.27 25.81 31.02
C ASP C 469 33.98 24.47 30.81
N ALA C 470 33.62 23.75 29.75
CA ALA C 470 34.24 22.46 29.45
C ALA C 470 35.67 22.61 28.93
N ARG C 471 35.90 23.59 28.06
CA ARG C 471 37.17 23.80 27.38
C ARG C 471 38.14 24.80 28.06
N HIS C 472 37.86 25.18 29.31
CA HIS C 472 38.74 26.09 30.08
C HIS C 472 38.86 27.39 29.36
N SER C 473 37.71 27.90 28.96
CA SER C 473 37.69 29.09 28.15
C SER C 473 36.61 30.02 28.69
N THR C 474 36.28 30.99 27.86
CA THR C 474 35.39 32.08 28.16
C THR C 474 34.25 32.05 27.12
N PRO C 475 33.01 32.41 27.52
CA PRO C 475 31.97 32.43 26.48
C PRO C 475 32.31 33.34 25.30
N GLU C 476 33.04 34.42 25.57
CA GLU C 476 33.47 35.35 24.53
C GLU C 476 34.50 34.75 23.56
N GLN C 477 35.48 34.02 24.08
CA GLN C 477 36.41 33.26 23.23
C GLN C 477 35.69 32.15 22.47
N ILE C 478 34.68 31.53 23.07
CA ILE C 478 33.98 30.45 22.35
C ILE C 478 33.14 31.04 21.21
N ASP C 479 32.55 32.20 21.43
CA ASP C 479 31.84 32.90 20.33
C ASP C 479 32.71 33.01 19.08
N LYS C 480 33.96 33.41 19.22
CA LYS C 480 34.94 33.55 18.10
C LYS C 480 35.16 32.30 17.23
N ILE C 481 34.86 31.12 17.76
CA ILE C 481 35.06 29.88 17.03
C ILE C 481 33.75 29.05 17.00
N ALA C 482 32.64 29.68 17.40
CA ALA C 482 31.34 29.04 17.37
C ALA C 482 30.49 29.59 16.23
N GLN C 483 29.45 30.38 16.52
CA GLN C 483 28.59 30.92 15.46
C GLN C 483 28.19 29.90 14.37
N GLY C 484 28.08 28.64 14.76
CA GLY C 484 27.62 27.59 13.85
C GLY C 484 28.67 27.04 12.90
N HIS C 485 29.93 27.47 13.06
CA HIS C 485 31.04 27.05 12.21
C HIS C 485 31.46 25.61 12.43
N VAL C 486 31.34 24.82 11.37
CA VAL C 486 31.80 23.43 11.37
C VAL C 486 33.33 23.38 11.18
N TRP C 487 34.00 22.55 11.98
CA TRP C 487 35.44 22.43 11.90
C TRP C 487 35.84 20.97 11.71
N THR C 488 36.91 20.74 10.97
CA THR C 488 37.45 19.39 10.90
C THR C 488 38.12 19.20 12.23
N GLY C 489 38.37 17.95 12.59
CA GLY C 489 39.18 17.62 13.74
C GLY C 489 40.50 18.35 13.82
N GLN C 490 41.16 18.58 12.68
CA GLN C 490 42.42 19.33 12.69
C GLN C 490 42.26 20.79 13.16
N ASP C 491 41.29 21.48 12.59
CA ASP C 491 40.92 22.82 13.06
C ASP C 491 40.50 22.82 14.53
N ALA C 492 39.68 21.82 14.93
CA ALA C 492 39.16 21.75 16.32
C ALA C 492 40.29 21.54 17.34
N LYS C 493 41.35 20.86 16.90
CA LYS C 493 42.44 20.60 17.78
C LYS C 493 43.18 21.92 17.91
N ALA C 494 43.27 22.64 16.79
CA ALA C 494 44.02 23.88 16.79
C ALA C 494 43.31 24.95 17.63
N ASN C 495 41.98 24.99 17.60
CA ASN C 495 41.29 26.03 18.36
C ASN C 495 40.81 25.67 19.76
N GLY C 496 41.08 24.46 20.22
CA GLY C 496 40.83 24.08 21.61
C GLY C 496 39.63 23.18 21.84
N LEU C 497 38.85 22.96 20.76
CA LEU C 497 37.57 22.24 20.88
C LEU C 497 37.79 20.75 21.14
N VAL C 498 38.95 20.26 20.77
CA VAL C 498 39.27 18.86 20.90
C VAL C 498 40.70 18.79 21.50
N ASP C 499 41.10 17.68 22.11
CA ASP C 499 42.37 17.64 22.83
C ASP C 499 43.50 17.00 22.03
N SER C 500 43.22 15.89 21.35
CA SER C 500 44.24 15.25 20.55
C SER C 500 43.67 14.61 19.33
N LEU C 501 44.50 14.53 18.29
CA LEU C 501 44.14 13.90 17.04
C LEU C 501 44.47 12.44 17.17
N GLY C 502 43.53 11.57 16.84
CA GLY C 502 43.73 10.14 17.00
C GLY C 502 42.54 9.28 16.62
N ASP C 503 42.48 8.11 17.24
CA ASP C 503 41.42 7.14 16.95
C ASP C 503 40.90 6.44 18.22
N PHE C 504 39.93 5.55 18.07
CA PHE C 504 39.37 4.84 19.21
C PHE C 504 40.45 4.19 20.13
N ASP C 505 41.54 3.68 19.55
CA ASP C 505 42.64 3.10 20.34
C ASP C 505 43.17 4.16 21.33
N ASP C 506 43.30 5.38 20.84
CA ASP C 506 43.88 6.46 21.58
C ASP C 506 42.90 6.88 22.69
N ALA C 507 41.59 6.78 22.40
CA ALA C 507 40.56 7.15 23.40
C ALA C 507 40.55 6.13 24.55
N VAL C 508 40.65 4.86 24.20
CA VAL C 508 40.62 3.77 25.15
C VAL C 508 41.85 3.84 26.04
N ALA C 509 43.03 3.93 25.44
CA ALA C 509 44.29 4.01 26.15
C ALA C 509 44.29 5.14 27.17
N LYS C 510 43.64 6.26 26.82
CA LYS C 510 43.54 7.45 27.67
C LYS C 510 42.61 7.24 28.85
N ALA C 511 41.49 6.57 28.61
CA ALA C 511 40.55 6.23 29.68
C ALA C 511 41.21 5.31 30.69
N ALA C 512 42.02 4.39 30.19
CA ALA C 512 42.75 3.45 31.02
C ALA C 512 43.84 4.15 31.84
N GLU C 513 44.55 5.10 31.22
CA GLU C 513 45.51 5.97 31.88
C GLU C 513 44.90 6.79 33.04
N LEU C 514 43.63 7.16 32.94
CA LEU C 514 42.92 7.72 34.10
C LEU C 514 42.42 6.55 35.05
N ALA C 515 43.36 5.72 35.52
CA ALA C 515 43.15 4.69 36.59
C ALA C 515 44.20 3.57 36.61
N LYS C 516 43.92 2.44 35.93
CA LYS C 516 44.77 1.22 35.97
C LYS C 516 44.98 0.38 34.63
N VAL C 517 45.51 -0.84 34.75
CA VAL C 517 46.46 -1.38 33.75
C VAL C 517 46.13 -2.67 32.98
N LYS C 518 45.13 -3.43 33.45
CA LYS C 518 44.55 -4.49 32.63
C LYS C 518 43.05 -4.24 32.52
N GLN C 519 42.58 -3.98 31.30
CA GLN C 519 41.17 -3.66 31.02
C GLN C 519 40.56 -4.63 30.02
N TRP C 520 39.25 -4.70 30.01
CA TRP C 520 38.53 -5.28 28.88
C TRP C 520 37.32 -4.37 28.56
N HIS C 521 36.67 -4.57 27.44
CA HIS C 521 35.55 -3.70 27.11
C HIS C 521 34.15 -4.21 27.38
N LEU C 522 33.35 -3.38 28.05
CA LEU C 522 31.95 -3.64 28.23
C LEU C 522 31.23 -2.76 27.21
N GLU C 523 30.58 -3.38 26.25
CA GLU C 523 29.77 -2.64 25.28
C GLU C 523 28.29 -2.66 25.80
N TYR C 524 27.46 -1.74 25.31
CA TYR C 524 26.05 -1.73 25.76
C TYR C 524 25.08 -1.94 24.59
N TYR C 525 25.61 -2.46 23.49
CA TYR C 525 24.82 -3.05 22.42
C TYR C 525 23.99 -4.22 22.99
N VAL C 526 22.87 -3.87 23.63
CA VAL C 526 21.87 -4.79 24.22
C VAL C 526 20.62 -4.01 24.62
N ARG D 31 -3.43 -45.83 -20.94
CA ARG D 31 -3.13 -45.62 -22.40
C ARG D 31 -3.92 -44.46 -23.04
N GLY D 32 -3.51 -43.22 -22.77
CA GLY D 32 -4.20 -42.07 -23.35
C GLY D 32 -3.51 -41.23 -24.40
N ALA D 33 -4.15 -40.12 -24.75
CA ALA D 33 -3.48 -39.02 -25.44
C ALA D 33 -2.57 -38.30 -24.45
N LEU D 34 -1.54 -37.62 -24.96
CA LEU D 34 -0.81 -36.69 -24.15
C LEU D 34 -1.49 -35.35 -24.36
N LEU D 35 -1.96 -34.75 -23.28
CA LEU D 35 -2.64 -33.47 -23.34
C LEU D 35 -1.67 -32.31 -23.12
N LEU D 36 -1.36 -31.61 -24.21
CA LEU D 36 -0.55 -30.40 -24.16
C LEU D 36 -1.44 -29.17 -23.94
N ASP D 37 -2.01 -29.10 -22.73
CA ASP D 37 -2.84 -27.99 -22.30
C ASP D 37 -1.94 -26.97 -21.60
N ILE D 38 -0.99 -26.43 -22.36
CA ILE D 38 0.02 -25.52 -21.83
C ILE D 38 -0.56 -24.17 -21.40
N SER D 39 -0.23 -23.76 -20.17
CA SER D 39 -0.73 -22.50 -19.69
C SER D 39 0.38 -21.52 -19.34
N GLY D 40 0.39 -20.38 -20.00
CA GLY D 40 1.40 -19.38 -19.72
C GLY D 40 2.32 -19.21 -20.91
N VAL D 41 3.57 -18.83 -20.62
CA VAL D 41 4.59 -18.64 -21.63
C VAL D 41 5.61 -19.78 -21.63
N ILE D 42 6.40 -19.85 -22.70
CA ILE D 42 7.56 -20.74 -22.83
C ILE D 42 8.82 -19.90 -22.53
N VAL D 43 9.72 -20.43 -21.70
CA VAL D 43 10.97 -19.73 -21.34
C VAL D 43 12.08 -20.77 -21.25
N ASP D 44 13.32 -20.34 -21.44
CA ASP D 44 14.47 -21.22 -21.31
C ASP D 44 14.58 -21.82 -19.92
N LYS D 45 14.32 -21.00 -18.90
CA LYS D 45 14.48 -21.39 -17.49
C LYS D 45 13.43 -20.67 -16.62
N PRO D 46 12.46 -21.43 -16.08
CA PRO D 46 11.45 -20.89 -15.17
C PRO D 46 12.07 -20.35 -13.89
N ASP D 47 11.62 -19.16 -13.47
CA ASP D 47 12.24 -18.46 -12.35
C ASP D 47 11.56 -18.76 -11.01
N SER D 48 11.92 -19.93 -10.43
CA SER D 48 11.34 -20.46 -9.17
C SER D 48 11.45 -19.49 -7.98
N LEU D 67 0.59 -23.17 -15.55
CA LEU D 67 1.73 -22.75 -14.76
C LEU D 67 1.94 -21.22 -14.82
N GLN D 68 2.52 -20.77 -15.94
CA GLN D 68 2.79 -19.35 -16.27
C GLN D 68 4.14 -19.32 -16.97
N GLU D 69 5.19 -19.82 -16.33
CA GLU D 69 6.47 -20.00 -17.00
C GLU D 69 6.74 -21.48 -17.21
N ASN D 70 6.65 -21.93 -18.45
CA ASN D 70 6.92 -23.33 -18.82
C ASN D 70 8.27 -23.46 -19.50
N SER D 71 8.95 -24.54 -19.18
CA SER D 71 10.33 -24.73 -19.62
C SER D 71 10.37 -25.30 -21.04
N LEU D 72 11.06 -24.58 -21.93
CA LEU D 72 11.26 -25.05 -23.29
C LEU D 72 11.71 -26.51 -23.34
N PHE D 73 12.65 -26.85 -22.46
CA PHE D 73 13.33 -28.12 -22.53
C PHE D 73 12.47 -29.24 -22.01
N ASP D 74 11.85 -29.03 -20.85
CA ASP D 74 10.86 -29.97 -20.33
C ASP D 74 9.75 -30.27 -21.33
N ILE D 75 9.22 -29.27 -22.03
CA ILE D 75 8.22 -29.54 -23.07
C ILE D 75 8.78 -30.45 -24.18
N VAL D 76 9.87 -30.02 -24.81
CA VAL D 76 10.48 -30.81 -25.87
C VAL D 76 10.89 -32.21 -25.41
N ASN D 77 11.40 -32.33 -24.18
CA ASN D 77 11.86 -33.65 -23.72
C ASN D 77 10.73 -34.59 -23.30
N THR D 78 9.57 -34.03 -22.97
CA THR D 78 8.39 -34.78 -22.60
C THR D 78 7.68 -35.30 -23.84
N ILE D 79 7.66 -34.52 -24.91
CA ILE D 79 7.14 -34.99 -26.20
C ILE D 79 7.97 -36.16 -26.76
N ARG D 80 9.29 -36.02 -26.75
CA ARG D 80 10.19 -37.14 -27.15
C ARG D 80 10.04 -38.42 -26.31
N GLN D 81 9.99 -38.29 -24.99
CA GLN D 81 9.61 -39.42 -24.14
C GLN D 81 8.27 -40.00 -24.58
N ALA D 82 7.29 -39.14 -24.90
CA ALA D 82 5.95 -39.62 -25.21
C ALA D 82 5.89 -40.33 -26.56
N LYS D 83 6.92 -40.12 -27.37
CA LYS D 83 7.04 -40.78 -28.64
C LYS D 83 7.38 -42.27 -28.48
N ASP D 84 8.26 -42.60 -27.53
CA ASP D 84 8.66 -43.99 -27.30
C ASP D 84 7.86 -44.73 -26.23
N ASP D 85 6.92 -44.04 -25.59
CA ASP D 85 6.12 -44.61 -24.50
C ASP D 85 4.86 -45.21 -25.10
N ARG D 86 4.72 -46.52 -24.95
CA ARG D 86 3.59 -47.25 -25.55
C ARG D 86 2.29 -46.87 -24.86
N ASN D 87 2.37 -46.14 -23.74
CA ASN D 87 1.18 -45.66 -23.02
C ASN D 87 0.54 -44.41 -23.62
N ILE D 88 1.22 -43.78 -24.57
CA ILE D 88 0.77 -42.55 -25.18
C ILE D 88 0.50 -42.85 -26.62
N THR D 89 -0.73 -42.66 -27.07
CA THR D 89 -1.11 -43.03 -28.42
C THR D 89 -1.23 -41.86 -29.42
N GLY D 90 -1.23 -40.64 -28.90
CA GLY D 90 -1.22 -39.44 -29.72
C GLY D 90 -1.02 -38.22 -28.84
N ILE D 91 -1.05 -37.04 -29.44
CA ILE D 91 -1.02 -35.80 -28.69
C ILE D 91 -2.24 -34.98 -29.04
N VAL D 92 -2.86 -34.35 -28.04
CA VAL D 92 -3.87 -33.33 -28.27
C VAL D 92 -3.37 -32.02 -27.69
N MET D 93 -3.40 -30.99 -28.52
CA MET D 93 -3.00 -29.65 -28.15
C MET D 93 -4.21 -28.78 -27.89
N ASP D 94 -4.25 -28.26 -26.67
CA ASP D 94 -5.30 -27.35 -26.23
C ASP D 94 -4.58 -26.12 -25.78
N LEU D 95 -4.63 -25.05 -26.54
CA LEU D 95 -3.71 -23.95 -26.27
C LEU D 95 -4.37 -22.64 -25.86
N LYS D 96 -5.56 -22.72 -25.27
CA LYS D 96 -6.37 -21.52 -25.07
C LYS D 96 -5.78 -20.61 -24.00
N ASN D 97 -4.97 -21.20 -23.11
CA ASN D 97 -4.31 -20.48 -22.04
C ASN D 97 -2.82 -20.35 -22.26
N PHE D 98 -2.42 -20.51 -23.53
CA PHE D 98 -1.06 -20.38 -23.96
C PHE D 98 -0.82 -19.00 -24.50
N ALA D 99 0.03 -18.30 -23.75
CA ALA D 99 0.33 -16.88 -23.93
C ALA D 99 1.57 -16.59 -24.82
N GLY D 100 2.17 -17.62 -25.40
CA GLY D 100 3.29 -17.39 -26.33
C GLY D 100 4.70 -17.83 -25.90
N GLY D 101 5.59 -17.88 -26.90
CA GLY D 101 7.01 -18.14 -26.74
C GLY D 101 7.71 -17.37 -27.85
N ASP D 102 9.03 -17.23 -27.76
CA ASP D 102 9.72 -16.65 -28.91
C ASP D 102 9.69 -17.66 -30.08
N GLN D 103 9.89 -17.14 -31.29
CA GLN D 103 9.79 -17.94 -32.48
C GLN D 103 10.78 -19.12 -32.58
N PRO D 104 12.11 -18.93 -32.30
CA PRO D 104 13.06 -20.06 -32.25
C PRO D 104 12.61 -21.19 -31.33
N SER D 105 11.89 -20.82 -30.28
CA SER D 105 11.56 -21.75 -29.24
C SER D 105 10.35 -22.58 -29.64
N MET D 106 9.36 -21.94 -30.23
CA MET D 106 8.18 -22.63 -30.67
C MET D 106 8.56 -23.47 -31.89
N GLN D 107 9.59 -23.02 -32.61
CA GLN D 107 10.08 -23.80 -33.73
C GLN D 107 10.63 -25.16 -33.24
N TYR D 108 11.19 -25.12 -32.04
CA TYR D 108 11.90 -26.23 -31.44
C TYR D 108 10.91 -27.28 -30.92
N ILE D 109 9.85 -26.81 -30.28
CA ILE D 109 8.73 -27.68 -29.88
C ILE D 109 8.09 -28.29 -31.13
N GLY D 110 7.80 -27.44 -32.12
CA GLY D 110 7.38 -27.88 -33.46
C GLY D 110 8.16 -29.09 -33.95
N LYS D 111 9.48 -29.03 -33.79
CA LYS D 111 10.35 -30.08 -34.26
C LYS D 111 10.14 -31.39 -33.51
N ALA D 112 9.92 -31.32 -32.20
CA ALA D 112 9.58 -32.50 -31.40
C ALA D 112 8.26 -33.10 -31.88
N LEU D 113 7.30 -32.20 -32.17
CA LEU D 113 6.00 -32.53 -32.70
C LEU D 113 6.05 -33.28 -34.05
N LYS D 114 6.80 -32.75 -35.02
CA LYS D 114 7.11 -33.47 -36.24
C LYS D 114 7.74 -34.84 -36.01
N GLU D 115 8.65 -34.95 -35.03
CA GLU D 115 9.24 -36.27 -34.68
C GLU D 115 8.19 -37.24 -34.09
N PHE D 116 7.41 -36.77 -33.14
CA PHE D 116 6.29 -37.56 -32.65
C PHE D 116 5.41 -38.07 -33.81
N ARG D 117 5.03 -37.16 -34.69
CA ARG D 117 4.22 -37.46 -35.87
C ARG D 117 4.82 -38.48 -36.82
N ASP D 118 6.06 -38.23 -37.26
CA ASP D 118 6.81 -39.16 -38.11
C ASP D 118 6.92 -40.60 -37.57
N SER D 119 6.73 -40.79 -36.25
CA SER D 119 6.65 -42.15 -35.69
C SER D 119 5.27 -42.84 -35.84
N GLY D 120 4.33 -42.14 -36.47
CA GLY D 120 2.99 -42.68 -36.70
C GLY D 120 1.92 -42.45 -35.65
N LYS D 121 2.22 -41.68 -34.61
CA LYS D 121 1.19 -41.23 -33.67
C LYS D 121 0.53 -39.92 -34.12
N PRO D 122 -0.80 -39.78 -33.94
CA PRO D 122 -1.37 -38.52 -34.43
C PRO D 122 -1.21 -37.38 -33.45
N VAL D 123 -1.11 -36.15 -33.97
CA VAL D 123 -1.19 -34.92 -33.19
C VAL D 123 -2.44 -34.16 -33.67
N TYR D 124 -3.35 -33.85 -32.75
CA TYR D 124 -4.56 -33.07 -33.05
C TYR D 124 -4.52 -31.72 -32.38
N ALA D 125 -4.98 -30.67 -33.04
CA ALA D 125 -5.14 -29.36 -32.39
C ALA D 125 -6.60 -28.97 -32.27
N VAL D 126 -6.96 -28.42 -31.11
CA VAL D 126 -8.32 -28.04 -30.80
C VAL D 126 -8.41 -26.64 -30.14
N GLY D 127 -9.35 -25.82 -30.59
CA GLY D 127 -9.67 -24.58 -29.88
C GLY D 127 -10.97 -23.96 -30.40
N GLU D 128 -11.58 -23.08 -29.59
CA GLU D 128 -12.64 -22.21 -30.12
C GLU D 128 -11.94 -21.18 -31.00
N ASN D 129 -10.74 -20.75 -30.58
CA ASN D 129 -9.96 -19.75 -31.30
C ASN D 129 -8.48 -20.09 -31.37
N TYR D 130 -7.79 -19.50 -32.34
CA TYR D 130 -6.34 -19.46 -32.33
C TYR D 130 -5.79 -18.02 -32.46
N SER D 131 -5.02 -17.60 -31.45
CA SER D 131 -4.21 -16.40 -31.53
C SER D 131 -3.05 -16.67 -32.47
N GLN D 132 -2.37 -15.60 -32.91
CA GLN D 132 -1.25 -15.77 -33.86
C GLN D 132 -0.20 -16.78 -33.39
N GLY D 133 0.23 -16.66 -32.13
CA GLY D 133 1.19 -17.60 -31.53
C GLY D 133 0.67 -19.01 -31.29
N GLN D 134 -0.53 -19.14 -30.75
CA GLN D 134 -1.19 -20.44 -30.60
C GLN D 134 -1.28 -21.25 -31.91
N TYR D 135 -1.37 -20.56 -33.04
CA TYR D 135 -1.62 -21.18 -34.31
C TYR D 135 -0.33 -21.74 -34.95
N TYR D 136 0.80 -21.07 -34.68
CA TYR D 136 2.11 -21.55 -35.03
C TYR D 136 2.25 -22.98 -34.52
N LEU D 137 2.09 -23.19 -33.21
CA LEU D 137 2.22 -24.54 -32.65
C LEU D 137 1.18 -25.45 -33.20
N ALA D 138 -0.08 -24.96 -33.19
CA ALA D 138 -1.19 -25.76 -33.67
C ALA D 138 -0.83 -26.31 -35.05
N SER D 139 -0.15 -25.52 -35.85
CA SER D 139 -0.03 -25.86 -37.25
C SER D 139 0.81 -27.11 -37.45
N PHE D 140 1.52 -27.55 -36.40
CA PHE D 140 2.37 -28.74 -36.52
C PHE D 140 1.52 -30.00 -36.36
N ALA D 141 0.29 -29.83 -35.88
CA ALA D 141 -0.65 -30.94 -35.74
C ALA D 141 -1.14 -31.55 -37.08
N ASN D 142 -1.59 -32.80 -37.05
CA ASN D 142 -2.06 -33.54 -38.25
C ASN D 142 -3.39 -32.98 -38.70
N LYS D 143 -4.15 -32.52 -37.71
CA LYS D 143 -5.51 -32.07 -37.92
C LYS D 143 -5.83 -30.99 -36.89
N ILE D 144 -6.45 -29.91 -37.38
CA ILE D 144 -6.81 -28.76 -36.55
C ILE D 144 -8.32 -28.57 -36.56
N TRP D 145 -8.87 -28.51 -35.36
CA TRP D 145 -10.28 -28.25 -35.15
C TRP D 145 -10.46 -26.82 -34.66
N LEU D 146 -11.42 -26.11 -35.25
CA LEU D 146 -11.82 -24.78 -34.80
C LEU D 146 -13.32 -24.75 -34.55
N SER D 147 -13.75 -23.95 -33.57
CA SER D 147 -15.14 -23.65 -33.34
C SER D 147 -15.84 -23.17 -34.59
N PRO D 148 -17.17 -23.40 -34.69
CA PRO D 148 -17.81 -23.04 -35.97
C PRO D 148 -17.98 -21.54 -36.08
N GLN D 149 -17.80 -20.84 -34.98
CA GLN D 149 -17.85 -19.38 -35.04
C GLN D 149 -16.52 -18.68 -34.70
N GLY D 150 -15.43 -19.46 -34.64
CA GLY D 150 -14.14 -18.96 -34.16
C GLY D 150 -13.23 -18.38 -35.21
N VAL D 151 -12.09 -17.85 -34.77
CA VAL D 151 -11.17 -17.13 -35.67
C VAL D 151 -9.72 -17.66 -35.59
N VAL D 152 -9.04 -17.71 -36.73
CA VAL D 152 -7.58 -17.82 -36.72
C VAL D 152 -7.05 -16.41 -36.92
N ASP D 153 -6.45 -15.87 -35.87
CA ASP D 153 -6.09 -14.47 -35.81
C ASP D 153 -4.63 -14.21 -36.26
N LEU D 154 -4.43 -14.19 -37.57
CA LEU D 154 -3.14 -13.84 -38.15
C LEU D 154 -3.14 -12.39 -38.55
N HIS D 155 -2.11 -11.64 -38.14
CA HIS D 155 -2.10 -10.19 -38.41
C HIS D 155 -0.73 -9.62 -38.71
N GLY D 156 0.33 -10.40 -38.53
CA GLY D 156 1.70 -9.93 -38.81
C GLY D 156 2.49 -9.64 -37.55
N PHE D 157 3.68 -9.07 -37.73
CA PHE D 157 4.51 -8.61 -36.59
C PHE D 157 4.64 -7.12 -36.59
N ALA D 158 4.88 -6.56 -35.40
CA ALA D 158 5.00 -5.11 -35.25
C ALA D 158 5.92 -4.78 -34.11
N THR D 159 6.63 -3.69 -34.29
CA THR D 159 7.48 -3.12 -33.26
C THR D 159 6.75 -1.91 -32.78
N ASN D 160 6.97 -1.54 -31.53
CA ASN D 160 6.37 -0.32 -31.00
C ASN D 160 7.18 0.28 -29.88
N GLY D 161 7.59 1.53 -30.01
CA GLY D 161 8.38 2.23 -28.97
C GLY D 161 7.94 3.65 -28.72
N LEU D 162 8.14 4.15 -27.51
CA LEU D 162 7.81 5.54 -27.16
C LEU D 162 8.95 6.43 -27.49
N TYR D 163 8.61 7.65 -27.87
CA TYR D 163 9.59 8.65 -28.20
C TYR D 163 9.15 9.95 -27.53
N TYR D 164 10.09 10.61 -26.85
CA TYR D 164 9.71 11.73 -26.01
C TYR D 164 10.69 12.89 -26.01
N LYS D 165 11.35 13.12 -27.13
CA LYS D 165 12.13 14.33 -27.25
C LYS D 165 11.26 15.57 -26.94
N SER D 166 10.11 15.75 -27.59
CA SER D 166 9.26 16.92 -27.32
C SER D 166 8.88 17.06 -25.82
N LEU D 167 8.57 15.96 -25.16
CA LEU D 167 8.26 15.97 -23.74
C LEU D 167 9.45 16.54 -22.97
N LEU D 168 10.58 15.86 -23.07
CA LEU D 168 11.78 16.28 -22.39
C LEU D 168 12.11 17.75 -22.64
N ASP D 169 11.82 18.28 -23.83
CA ASP D 169 12.01 19.71 -24.06
C ASP D 169 11.01 20.60 -23.28
N LYS D 170 9.72 20.22 -23.29
CA LYS D 170 8.66 20.90 -22.51
C LYS D 170 8.98 20.83 -21.03
N LEU D 171 9.52 19.69 -20.60
CA LEU D 171 9.84 19.52 -19.20
C LEU D 171 11.21 20.13 -18.82
N LYS D 172 11.88 20.76 -19.79
CA LYS D 172 13.18 21.41 -19.60
C LYS D 172 14.32 20.48 -19.13
N VAL D 173 14.15 19.18 -19.36
CA VAL D 173 15.17 18.18 -19.05
C VAL D 173 16.37 18.36 -19.98
N SER D 174 17.57 18.21 -19.42
CA SER D 174 18.80 18.17 -20.19
C SER D 174 19.17 16.72 -20.54
N THR D 175 19.43 16.47 -21.81
CA THR D 175 19.79 15.13 -22.24
C THR D 175 21.22 15.06 -22.77
N HIS D 176 21.91 14.00 -22.39
CA HIS D 176 23.24 13.79 -22.85
C HIS D 176 23.35 12.35 -23.30
N VAL D 177 23.74 12.21 -24.56
CA VAL D 177 23.89 10.92 -25.18
C VAL D 177 25.35 10.65 -25.55
N PHE D 178 25.82 9.47 -25.16
CA PHE D 178 27.18 9.03 -25.51
C PHE D 178 27.00 7.72 -26.23
N ARG D 179 27.32 7.72 -27.52
CA ARG D 179 26.97 6.59 -28.34
C ARG D 179 28.00 6.36 -29.39
N VAL D 180 28.19 5.08 -29.70
CA VAL D 180 28.84 4.67 -30.94
C VAL D 180 28.01 3.49 -31.48
N GLY D 181 27.36 3.75 -32.61
CA GLY D 181 26.38 2.82 -33.17
C GLY D 181 25.28 3.58 -33.89
N THR D 182 25.50 3.79 -35.18
CA THR D 182 24.53 4.40 -36.07
C THR D 182 23.14 3.67 -36.02
N TYR D 183 23.16 2.36 -35.86
CA TYR D 183 21.93 1.56 -35.71
C TYR D 183 21.74 1.11 -34.26
N LYS D 184 22.53 1.66 -33.34
CA LYS D 184 22.38 1.44 -31.87
C LYS D 184 21.21 2.32 -31.40
N SER D 185 20.02 1.85 -31.73
CA SER D 185 18.83 2.69 -31.89
C SER D 185 18.07 2.94 -30.61
N ALA D 186 18.45 2.24 -29.53
CA ALA D 186 17.70 2.33 -28.27
C ALA D 186 17.93 3.67 -27.57
N VAL D 187 18.71 4.53 -28.21
CA VAL D 187 18.91 5.88 -27.70
C VAL D 187 17.90 6.89 -28.29
N GLU D 188 17.39 6.59 -29.47
CA GLU D 188 16.51 7.51 -30.24
C GLU D 188 15.30 8.11 -29.46
N PRO D 189 14.68 7.34 -28.56
CA PRO D 189 13.66 7.92 -27.68
C PRO D 189 13.99 9.25 -26.97
N PHE D 190 15.26 9.51 -26.65
CA PHE D 190 15.61 10.73 -25.88
C PHE D 190 15.89 11.91 -26.79
N ILE D 191 16.22 11.61 -28.03
CA ILE D 191 16.71 12.62 -28.94
C ILE D 191 15.87 12.78 -30.19
N ARG D 192 14.82 11.97 -30.38
CA ARG D 192 13.92 12.10 -31.54
C ARG D 192 12.44 11.95 -31.13
N ASP D 193 11.54 12.25 -32.07
CA ASP D 193 10.12 12.11 -31.84
C ASP D 193 9.56 10.99 -32.69
N ASP D 194 10.44 10.35 -33.48
CA ASP D 194 10.14 9.21 -34.37
C ASP D 194 11.46 8.49 -34.69
N MET D 195 11.40 7.31 -35.33
CA MET D 195 12.60 6.54 -35.74
C MET D 195 13.45 7.31 -36.73
N SER D 196 14.77 7.13 -36.68
CA SER D 196 15.65 7.64 -37.74
C SER D 196 15.53 6.74 -38.98
N PRO D 197 15.84 7.29 -40.16
CA PRO D 197 15.75 6.41 -41.34
C PRO D 197 16.60 5.15 -41.20
N ALA D 198 17.80 5.29 -40.63
CA ALA D 198 18.70 4.17 -40.40
C ALA D 198 18.05 3.09 -39.52
N ALA D 199 17.36 3.53 -38.47
CA ALA D 199 16.65 2.64 -37.59
C ALA D 199 15.50 1.91 -38.28
N ARG D 200 14.73 2.61 -39.08
CA ARG D 200 13.66 1.97 -39.83
C ARG D 200 14.20 0.85 -40.75
N GLU D 201 15.33 1.10 -41.42
CA GLU D 201 15.89 0.16 -42.38
C GLU D 201 16.29 -1.13 -41.68
N ALA D 202 17.03 -0.98 -40.61
CA ALA D 202 17.49 -2.12 -39.86
C ALA D 202 16.33 -2.91 -39.25
N ASP D 203 15.40 -2.26 -38.53
CA ASP D 203 14.24 -2.93 -37.93
C ASP D 203 13.30 -3.56 -38.98
N SER D 204 13.13 -2.91 -40.13
CA SER D 204 12.35 -3.48 -41.24
C SER D 204 12.94 -4.79 -41.76
N ARG D 205 14.27 -4.84 -41.91
CA ARG D 205 14.92 -6.04 -42.42
C ARG D 205 14.63 -7.24 -41.52
N TRP D 206 14.93 -7.13 -40.22
CA TRP D 206 14.70 -8.29 -39.34
C TRP D 206 13.23 -8.63 -39.15
N ILE D 207 12.38 -7.63 -38.92
CA ILE D 207 10.97 -7.93 -38.71
C ILE D 207 10.40 -8.65 -39.95
N GLY D 208 10.77 -8.17 -41.14
CA GLY D 208 10.35 -8.79 -42.39
C GLY D 208 10.73 -10.25 -42.47
N GLU D 209 12.00 -10.55 -42.19
CA GLU D 209 12.53 -11.90 -42.20
C GLU D 209 11.79 -12.80 -41.22
N LEU D 210 11.55 -12.31 -40.00
CA LEU D 210 10.93 -13.13 -38.98
C LEU D 210 9.49 -13.43 -39.34
N TRP D 211 8.80 -12.49 -39.97
CA TRP D 211 7.44 -12.77 -40.31
C TRP D 211 7.38 -13.75 -41.50
N GLN D 212 8.30 -13.61 -42.45
CA GLN D 212 8.46 -14.60 -43.50
C GLN D 212 8.82 -16.00 -42.93
N ASN D 213 9.67 -16.03 -41.89
CA ASN D 213 10.02 -17.31 -41.28
C ASN D 213 8.77 -17.96 -40.70
N TYR D 214 7.91 -17.11 -40.12
CA TYR D 214 6.67 -17.54 -39.56
C TYR D 214 5.78 -18.06 -40.70
N LEU D 215 5.57 -17.26 -41.73
CA LEU D 215 4.72 -17.71 -42.82
C LEU D 215 5.27 -18.98 -43.47
N ASN D 216 6.55 -18.98 -43.91
CA ASN D 216 7.13 -20.17 -44.57
C ASN D 216 6.97 -21.46 -43.77
N THR D 217 7.12 -21.39 -42.46
CA THR D 217 6.98 -22.57 -41.58
C THR D 217 5.55 -23.00 -41.53
N VAL D 218 4.64 -22.02 -41.43
CA VAL D 218 3.24 -22.38 -41.25
C VAL D 218 2.70 -22.90 -42.55
N ALA D 219 3.00 -22.19 -43.64
CA ALA D 219 2.73 -22.67 -44.99
C ALA D 219 3.15 -24.14 -45.19
N ALA D 220 4.38 -24.48 -44.83
CA ALA D 220 4.93 -25.85 -45.04
C ALA D 220 4.13 -26.91 -44.27
N ASN D 221 3.83 -26.59 -43.01
CA ASN D 221 3.04 -27.41 -42.13
C ASN D 221 1.65 -27.66 -42.66
N ARG D 222 1.10 -26.71 -43.42
CA ARG D 222 -0.30 -26.82 -43.86
C ARG D 222 -0.36 -27.23 -45.33
N GLN D 223 0.82 -27.17 -45.98
CA GLN D 223 1.02 -27.60 -47.36
C GLN D 223 0.25 -26.66 -48.29
N ILE D 224 0.28 -25.36 -48.01
CA ILE D 224 -0.40 -24.38 -48.86
C ILE D 224 0.53 -23.22 -49.06
N PRO D 225 0.29 -22.43 -50.13
CA PRO D 225 1.24 -21.34 -50.35
C PRO D 225 1.20 -20.33 -49.20
N ALA D 226 2.32 -19.64 -48.98
CA ALA D 226 2.48 -18.70 -47.87
C ALA D 226 1.54 -17.49 -47.95
N GLU D 227 1.26 -17.03 -49.17
CA GLU D 227 0.22 -16.01 -49.38
C GLU D 227 -1.20 -16.52 -49.07
N GLN D 228 -1.38 -17.82 -48.91
CA GLN D 228 -2.73 -18.30 -48.58
C GLN D 228 -2.85 -18.42 -47.08
N VAL D 229 -1.76 -18.72 -46.40
CA VAL D 229 -1.73 -18.59 -44.94
C VAL D 229 -2.09 -17.15 -44.51
N PHE D 230 -1.58 -16.14 -45.22
CA PHE D 230 -1.87 -14.76 -44.91
C PHE D 230 -1.67 -13.85 -46.12
N PRO D 231 -2.76 -13.50 -46.82
CA PRO D 231 -2.73 -12.73 -48.08
C PRO D 231 -2.40 -11.23 -47.99
N GLY D 232 -2.08 -10.73 -46.80
CA GLY D 232 -1.97 -9.31 -46.50
C GLY D 232 -3.30 -8.88 -45.89
N ALA D 233 -3.38 -7.65 -45.37
CA ALA D 233 -4.61 -7.09 -44.75
C ALA D 233 -5.77 -6.93 -45.72
N GLN D 234 -5.42 -6.65 -46.97
CA GLN D 234 -6.36 -6.37 -48.02
C GLN D 234 -7.00 -7.69 -48.40
N GLY D 235 -6.16 -8.71 -48.58
CA GLY D 235 -6.64 -10.07 -48.83
C GLY D 235 -7.53 -10.60 -47.72
N LEU D 236 -7.14 -10.36 -46.48
CA LEU D 236 -7.99 -10.80 -45.38
C LEU D 236 -9.37 -10.11 -45.42
N LEU D 237 -9.37 -8.81 -45.70
CA LEU D 237 -10.58 -8.05 -45.81
C LEU D 237 -11.47 -8.64 -46.93
N GLU D 238 -10.82 -8.98 -48.05
CA GLU D 238 -11.49 -9.60 -49.16
C GLU D 238 -12.11 -10.93 -48.73
N GLY D 239 -11.29 -11.90 -48.34
CA GLY D 239 -11.77 -13.24 -47.97
C GLY D 239 -12.91 -13.23 -46.97
N LEU D 240 -12.92 -12.22 -46.12
CA LEU D 240 -13.89 -12.05 -45.06
C LEU D 240 -15.20 -11.35 -45.49
N THR D 241 -15.09 -10.31 -46.33
CA THR D 241 -16.26 -9.76 -46.99
C THR D 241 -17.04 -10.85 -47.77
N LYS D 242 -16.32 -11.68 -48.55
CA LYS D 242 -16.93 -12.80 -49.33
C LYS D 242 -17.67 -13.83 -48.46
N THR D 243 -17.65 -13.63 -47.16
CA THR D 243 -18.02 -14.65 -46.22
C THR D 243 -19.01 -14.05 -45.19
N GLY D 244 -19.14 -12.73 -45.21
CA GLY D 244 -20.04 -12.04 -44.31
C GLY D 244 -19.50 -11.85 -42.91
N GLY D 245 -18.18 -11.70 -42.81
CA GLY D 245 -17.50 -11.44 -41.55
C GLY D 245 -17.45 -12.72 -40.72
N ASP D 246 -17.52 -13.86 -41.41
CA ASP D 246 -17.48 -15.14 -40.76
C ASP D 246 -16.07 -15.74 -40.88
N THR D 247 -15.34 -15.62 -39.78
CA THR D 247 -13.94 -15.99 -39.70
C THR D 247 -13.65 -17.50 -39.82
N ALA D 248 -14.52 -18.33 -39.22
CA ALA D 248 -14.40 -19.79 -39.32
C ALA D 248 -14.54 -20.34 -40.75
N LYS D 249 -15.48 -19.82 -41.53
CA LYS D 249 -15.60 -20.21 -42.94
C LYS D 249 -14.38 -19.82 -43.77
N TYR D 250 -13.90 -18.59 -43.62
CA TYR D 250 -12.62 -18.18 -44.23
C TYR D 250 -11.54 -19.19 -43.91
N ALA D 251 -11.35 -19.45 -42.63
CA ALA D 251 -10.32 -20.33 -42.16
C ALA D 251 -10.41 -21.71 -42.75
N LEU D 252 -11.65 -22.17 -42.91
CA LEU D 252 -11.92 -23.50 -43.36
C LEU D 252 -11.75 -23.61 -44.85
N GLU D 253 -12.21 -22.61 -45.60
CA GLU D 253 -12.05 -22.63 -47.06
C GLU D 253 -10.63 -22.36 -47.54
N ASN D 254 -9.87 -21.55 -46.79
CA ASN D 254 -8.44 -21.37 -47.07
C ASN D 254 -7.50 -22.35 -46.43
N LYS D 255 -8.02 -23.34 -45.71
CA LYS D 255 -7.24 -24.52 -45.37
C LYS D 255 -6.31 -24.26 -44.17
N LEU D 256 -6.47 -23.12 -43.51
CA LEU D 256 -5.80 -22.85 -42.22
C LEU D 256 -6.18 -23.89 -41.17
N VAL D 257 -7.42 -24.35 -41.26
CA VAL D 257 -8.02 -25.26 -40.29
C VAL D 257 -8.61 -26.45 -41.07
N ASP D 258 -8.89 -27.55 -40.36
CA ASP D 258 -9.36 -28.78 -41.04
C ASP D 258 -10.86 -29.06 -40.86
N ALA D 259 -11.41 -28.62 -39.74
CA ALA D 259 -12.80 -28.91 -39.44
C ALA D 259 -13.38 -27.97 -38.40
N LEU D 260 -14.71 -27.79 -38.46
CA LEU D 260 -15.43 -26.90 -37.55
C LEU D 260 -16.37 -27.69 -36.63
N ALA D 261 -16.25 -27.46 -35.32
CA ALA D 261 -17.02 -28.21 -34.29
C ALA D 261 -17.10 -27.52 -32.94
N SER D 262 -18.19 -27.79 -32.21
CA SER D 262 -18.33 -27.31 -30.84
C SER D 262 -17.53 -28.26 -29.95
N SER D 263 -17.37 -27.88 -28.68
CA SER D 263 -16.56 -28.64 -27.76
C SER D 263 -17.10 -30.04 -27.60
N ALA D 264 -18.44 -30.14 -27.57
CA ALA D 264 -19.13 -31.39 -27.31
C ALA D 264 -19.05 -32.37 -28.47
N GLU D 265 -18.72 -31.89 -29.68
CA GLU D 265 -18.49 -32.78 -30.85
C GLU D 265 -17.05 -33.27 -30.93
N ILE D 266 -16.10 -32.34 -30.80
CA ILE D 266 -14.66 -32.64 -30.75
C ILE D 266 -14.44 -33.76 -29.77
N GLU D 267 -14.99 -33.59 -28.57
CA GLU D 267 -15.02 -34.61 -27.51
C GLU D 267 -15.34 -35.98 -28.13
N LYS D 268 -16.47 -36.06 -28.83
CA LYS D 268 -16.89 -37.29 -29.46
C LYS D 268 -15.74 -37.82 -30.35
N ALA D 269 -15.31 -36.99 -31.30
CA ALA D 269 -14.28 -37.39 -32.26
C ALA D 269 -13.01 -37.85 -31.60
N LEU D 270 -12.67 -37.26 -30.45
CA LEU D 270 -11.43 -37.54 -29.74
C LEU D 270 -11.51 -38.79 -28.88
N THR D 271 -12.72 -39.10 -28.37
CA THR D 271 -12.92 -40.36 -27.68
C THR D 271 -13.03 -41.54 -28.65
N LYS D 272 -13.39 -41.25 -29.90
CA LYS D 272 -13.32 -42.26 -30.95
C LYS D 272 -11.85 -42.70 -31.15
N GLU D 273 -10.96 -41.72 -31.25
CA GLU D 273 -9.55 -41.94 -31.43
C GLU D 273 -8.83 -42.45 -30.19
N PHE D 274 -9.24 -42.01 -29.00
CA PHE D 274 -8.48 -42.33 -27.81
C PHE D 274 -9.21 -43.22 -26.81
N GLY D 275 -10.49 -43.47 -27.04
CA GLY D 275 -11.31 -44.26 -26.12
C GLY D 275 -11.71 -43.48 -24.90
N TRP D 276 -12.80 -43.92 -24.27
CA TRP D 276 -13.46 -43.18 -23.21
C TRP D 276 -13.08 -43.70 -21.83
N SER D 277 -12.57 -42.84 -20.95
CA SER D 277 -12.33 -43.22 -19.56
C SER D 277 -13.59 -43.08 -18.73
N LYS D 278 -14.06 -44.21 -18.20
CA LYS D 278 -15.29 -44.26 -17.41
C LYS D 278 -15.06 -43.60 -16.05
N THR D 279 -13.82 -43.71 -15.60
CA THR D 279 -13.43 -43.23 -14.30
C THR D 279 -13.33 -41.71 -14.31
N ASP D 280 -12.79 -41.16 -15.41
CA ASP D 280 -12.57 -39.72 -15.52
C ASP D 280 -13.69 -38.98 -16.27
N LYS D 281 -14.63 -39.76 -16.83
CA LYS D 281 -15.79 -39.27 -17.56
C LYS D 281 -15.34 -38.35 -18.68
N ASN D 282 -14.40 -38.85 -19.49
CA ASN D 282 -13.72 -38.07 -20.52
C ASN D 282 -12.91 -39.00 -21.41
N TYR D 283 -12.54 -38.55 -22.62
CA TYR D 283 -11.63 -39.33 -23.48
C TYR D 283 -10.29 -39.60 -22.79
N ARG D 284 -9.67 -40.75 -23.10
CA ARG D 284 -8.43 -41.18 -22.42
C ARG D 284 -7.25 -40.27 -22.71
N ALA D 285 -6.77 -39.59 -21.68
CA ALA D 285 -5.76 -38.56 -21.82
C ALA D 285 -5.12 -38.31 -20.48
N ILE D 286 -3.93 -37.70 -20.51
CA ILE D 286 -3.22 -37.24 -19.32
C ILE D 286 -2.58 -35.89 -19.64
N SER D 287 -2.71 -34.93 -18.73
CA SER D 287 -2.09 -33.62 -18.95
C SER D 287 -0.58 -33.64 -18.81
N TYR D 288 0.06 -32.90 -19.69
CA TYR D 288 1.48 -32.58 -19.59
C TYR D 288 1.92 -32.43 -18.15
N TYR D 289 1.09 -31.74 -17.36
CA TYR D 289 1.43 -31.34 -15.99
C TYR D 289 1.50 -32.48 -15.00
N ASP D 290 0.83 -33.58 -15.35
CA ASP D 290 0.76 -34.75 -14.49
C ASP D 290 1.64 -35.89 -14.99
N TYR D 291 2.08 -35.79 -16.24
CA TYR D 291 2.82 -36.86 -16.92
C TYR D 291 4.31 -36.71 -16.62
N ALA D 292 4.85 -37.67 -15.89
CA ALA D 292 6.21 -37.56 -15.37
C ALA D 292 7.30 -37.71 -16.44
N LEU D 293 8.10 -36.67 -16.61
CA LEU D 293 9.30 -36.80 -17.42
C LEU D 293 10.37 -37.54 -16.60
N LYS D 294 10.98 -38.56 -17.18
CA LYS D 294 11.97 -39.36 -16.45
C LYS D 294 13.33 -38.67 -16.39
N THR D 295 13.92 -38.63 -15.19
CA THR D 295 15.29 -38.13 -15.05
C THR D 295 16.23 -39.07 -15.77
N PRO D 296 16.96 -38.58 -16.79
CA PRO D 296 17.76 -39.46 -17.66
C PRO D 296 18.81 -40.29 -16.87
N ALA D 297 19.21 -41.44 -17.42
CA ALA D 297 20.29 -42.22 -16.81
C ALA D 297 21.54 -41.37 -16.58
N ASP D 298 22.27 -41.68 -15.51
CA ASP D 298 23.52 -41.00 -15.20
C ASP D 298 24.75 -41.74 -15.72
N THR D 299 25.51 -41.05 -16.57
CA THR D 299 26.66 -41.65 -17.25
C THR D 299 28.03 -41.48 -16.54
N GLY D 300 28.39 -40.24 -16.19
CA GLY D 300 29.76 -39.88 -15.77
C GLY D 300 30.54 -39.66 -17.05
N ASP D 301 30.74 -38.38 -17.40
CA ASP D 301 30.92 -37.85 -18.79
C ASP D 301 29.67 -37.00 -19.04
N SER D 302 29.75 -35.74 -18.68
CA SER D 302 28.59 -34.90 -18.79
C SER D 302 28.89 -33.69 -19.63
N ILE D 303 27.85 -33.13 -20.23
CA ILE D 303 27.96 -31.81 -20.83
C ILE D 303 27.16 -30.85 -19.99
N GLY D 304 27.78 -29.76 -19.56
CA GLY D 304 27.13 -28.82 -18.67
C GLY D 304 26.35 -27.74 -19.40
N VAL D 305 25.17 -27.45 -18.89
CA VAL D 305 24.31 -26.46 -19.53
C VAL D 305 24.17 -25.25 -18.60
N VAL D 306 24.66 -24.09 -19.01
CA VAL D 306 24.52 -22.86 -18.23
C VAL D 306 23.61 -21.89 -18.98
N PHE D 307 22.60 -21.35 -18.28
CA PHE D 307 21.66 -20.42 -18.90
C PHE D 307 22.08 -18.97 -18.78
N ALA D 308 21.92 -18.23 -19.86
CA ALA D 308 22.09 -16.80 -19.80
C ALA D 308 20.78 -16.18 -20.29
N ASN D 309 19.76 -16.28 -19.44
CA ASN D 309 18.40 -15.86 -19.77
C ASN D 309 17.98 -14.51 -19.14
N GLY D 310 18.02 -13.46 -19.93
CA GLY D 310 17.52 -12.18 -19.49
C GLY D 310 18.57 -11.09 -19.52
N ALA D 311 18.18 -9.91 -19.05
CA ALA D 311 19.09 -8.77 -18.93
C ALA D 311 20.27 -9.19 -18.05
N ILE D 312 21.45 -8.69 -18.39
CA ILE D 312 22.73 -9.01 -17.75
C ILE D 312 23.02 -7.95 -16.70
N MET D 313 23.02 -8.35 -15.43
CA MET D 313 23.29 -7.42 -14.30
C MET D 313 24.62 -7.70 -13.60
N ASP D 314 25.14 -6.68 -12.93
CA ASP D 314 26.38 -6.79 -12.17
C ASP D 314 26.28 -7.66 -10.93
N GLY D 315 25.11 -7.75 -10.32
CA GLY D 315 25.09 -8.43 -9.04
C GLY D 315 25.34 -9.94 -9.06
N GLU D 316 24.73 -10.63 -8.10
CA GLU D 316 24.33 -11.98 -8.36
C GLU D 316 22.90 -11.92 -8.90
N GLU D 317 22.31 -13.10 -9.16
CA GLU D 317 21.08 -13.23 -9.90
C GLU D 317 19.89 -12.35 -9.47
N THR D 318 19.28 -12.69 -8.35
CA THR D 318 17.90 -12.27 -8.04
C THR D 318 17.22 -11.26 -9.04
N GLN D 319 16.25 -11.82 -9.78
CA GLN D 319 15.08 -11.13 -10.40
C GLN D 319 14.51 -12.07 -11.47
N GLY D 320 14.33 -11.53 -12.68
CA GLY D 320 14.17 -12.32 -13.91
C GLY D 320 15.39 -11.99 -14.76
N ASN D 321 16.55 -11.99 -14.11
CA ASN D 321 17.73 -11.44 -14.74
C ASN D 321 18.97 -12.29 -14.61
N VAL D 322 19.93 -11.99 -15.46
CA VAL D 322 21.20 -12.67 -15.38
C VAL D 322 22.09 -11.88 -14.43
N GLY D 323 22.64 -12.58 -13.44
CA GLY D 323 23.67 -12.00 -12.58
C GLY D 323 25.07 -12.40 -12.94
N GLY D 324 25.88 -11.45 -13.40
CA GLY D 324 27.33 -11.67 -13.59
C GLY D 324 28.02 -12.71 -12.69
N ASP D 325 27.98 -12.50 -11.36
CA ASP D 325 28.71 -13.37 -10.43
C ASP D 325 28.17 -14.77 -10.39
N THR D 326 26.85 -14.88 -10.52
CA THR D 326 26.12 -16.15 -10.43
C THR D 326 26.41 -17.03 -11.63
N THR D 327 26.40 -16.43 -12.83
CA THR D 327 26.69 -17.14 -14.03
C THR D 327 28.16 -17.54 -14.08
N ALA D 328 29.07 -16.63 -13.70
CA ALA D 328 30.51 -16.98 -13.58
C ALA D 328 30.77 -18.14 -12.62
N ALA D 329 30.04 -18.19 -11.51
CA ALA D 329 30.28 -19.27 -10.56
C ALA D 329 29.80 -20.60 -11.10
N GLN D 330 28.70 -20.58 -11.85
CA GLN D 330 28.18 -21.78 -12.51
C GLN D 330 29.19 -22.29 -13.56
N ILE D 331 29.75 -21.38 -14.34
CA ILE D 331 30.73 -21.72 -15.35
C ILE D 331 32.01 -22.27 -14.71
N ARG D 332 32.35 -21.75 -13.53
CA ARG D 332 33.51 -22.20 -12.77
C ARG D 332 33.31 -23.62 -12.29
N ASP D 333 32.16 -23.89 -11.67
CA ASP D 333 31.86 -25.24 -11.21
C ASP D 333 32.12 -26.22 -12.36
N ALA D 334 31.58 -25.91 -13.53
CA ALA D 334 31.61 -26.79 -14.70
C ALA D 334 33.03 -26.89 -15.21
N ARG D 335 33.73 -25.76 -15.28
CA ARG D 335 35.16 -25.72 -15.61
C ARG D 335 36.05 -26.62 -14.73
N LEU D 336 35.74 -26.72 -13.45
CA LEU D 336 36.64 -27.43 -12.56
C LEU D 336 36.15 -28.84 -12.28
N ASP D 337 34.88 -29.13 -12.57
CA ASP D 337 34.36 -30.49 -12.44
C ASP D 337 34.97 -31.40 -13.52
N PRO D 338 35.82 -32.35 -13.12
CA PRO D 338 36.49 -33.19 -14.14
C PRO D 338 35.48 -34.05 -14.91
N LYS D 339 34.32 -34.30 -14.30
CA LYS D 339 33.21 -35.00 -14.95
C LYS D 339 32.76 -34.29 -16.24
N VAL D 340 32.68 -32.95 -16.20
CA VAL D 340 32.15 -32.16 -17.30
C VAL D 340 33.15 -32.08 -18.43
N LYS D 341 32.74 -32.52 -19.62
CA LYS D 341 33.65 -32.63 -20.77
C LYS D 341 33.56 -31.49 -21.79
N ALA D 342 32.47 -30.74 -21.73
CA ALA D 342 32.19 -29.62 -22.64
C ALA D 342 31.18 -28.71 -21.93
N ILE D 343 31.14 -27.45 -22.34
CA ILE D 343 30.08 -26.57 -21.83
C ILE D 343 29.22 -25.98 -22.96
N VAL D 344 27.90 -26.00 -22.74
CA VAL D 344 26.98 -25.28 -23.60
C VAL D 344 26.39 -24.12 -22.84
N LEU D 345 26.44 -22.96 -23.48
CA LEU D 345 25.86 -21.75 -22.94
C LEU D 345 24.60 -21.40 -23.72
N ARG D 346 23.45 -21.63 -23.09
CA ARG D 346 22.16 -21.35 -23.69
C ARG D 346 21.83 -19.90 -23.46
N VAL D 347 21.84 -19.10 -24.51
CA VAL D 347 21.71 -17.65 -24.40
C VAL D 347 20.40 -17.13 -24.93
N ASN D 348 19.71 -16.35 -24.09
CA ASN D 348 18.54 -15.58 -24.50
C ASN D 348 18.50 -14.25 -23.73
N SER D 349 19.10 -13.22 -24.29
CA SER D 349 19.43 -12.06 -23.47
C SER D 349 19.49 -10.88 -24.38
N PRO D 350 18.88 -9.76 -23.96
CA PRO D 350 19.04 -8.50 -24.67
C PRO D 350 20.36 -7.84 -24.37
N GLY D 351 21.06 -8.31 -23.36
CA GLY D 351 22.28 -7.64 -22.95
C GLY D 351 22.22 -7.02 -21.57
N GLY D 352 22.96 -5.91 -21.43
CA GLY D 352 23.01 -5.20 -20.15
C GLY D 352 24.37 -4.63 -19.79
N SER D 353 24.85 -5.00 -18.61
CA SER D 353 26.08 -4.45 -18.06
C SER D 353 27.34 -4.99 -18.75
N VAL D 354 28.17 -4.07 -19.25
CA VAL D 354 29.48 -4.40 -19.82
C VAL D 354 30.39 -5.14 -18.83
N THR D 355 30.45 -4.67 -17.60
CA THR D 355 31.35 -5.25 -16.61
C THR D 355 30.90 -6.66 -16.20
N ALA D 356 29.59 -6.89 -16.10
CA ALA D 356 29.06 -8.25 -15.86
C ALA D 356 29.24 -9.15 -17.08
N SER D 357 29.14 -8.58 -18.27
CA SER D 357 29.37 -9.38 -19.45
C SER D 357 30.81 -9.90 -19.44
N GLU D 358 31.74 -9.00 -19.09
CA GLU D 358 33.16 -9.32 -19.01
C GLU D 358 33.39 -10.46 -18.04
N VAL D 359 32.69 -10.44 -16.92
CA VAL D 359 32.90 -11.45 -15.91
C VAL D 359 32.59 -12.82 -16.47
N ILE D 360 31.41 -12.92 -17.09
CA ILE D 360 30.93 -14.14 -17.73
C ILE D 360 31.90 -14.60 -18.84
N ARG D 361 32.21 -13.72 -19.77
CA ARG D 361 33.15 -14.03 -20.84
C ARG D 361 34.47 -14.63 -20.32
N ALA D 362 35.08 -13.96 -19.33
CA ALA D 362 36.38 -14.38 -18.83
C ALA D 362 36.35 -15.83 -18.28
N GLU D 363 35.27 -16.21 -17.63
CA GLU D 363 35.14 -17.58 -17.15
C GLU D 363 35.00 -18.56 -18.32
N LEU D 364 34.22 -18.17 -19.33
CA LEU D 364 34.07 -18.95 -20.56
C LEU D 364 35.41 -19.11 -21.27
N ALA D 365 36.16 -18.03 -21.38
CA ALA D 365 37.45 -18.05 -22.07
C ALA D 365 38.43 -18.96 -21.35
N ALA D 366 38.33 -18.99 -20.02
CA ALA D 366 39.19 -19.79 -19.17
C ALA D 366 38.83 -21.26 -19.31
N ALA D 367 37.53 -21.53 -19.38
CA ALA D 367 36.98 -22.86 -19.63
C ALA D 367 37.58 -23.43 -20.91
N ARG D 368 37.57 -22.62 -21.96
CA ARG D 368 38.07 -23.08 -23.24
C ARG D 368 39.60 -23.24 -23.20
N ALA D 369 40.28 -22.30 -22.54
CA ALA D 369 41.73 -22.34 -22.44
C ALA D 369 42.24 -23.58 -21.65
N ALA D 370 41.41 -24.06 -20.74
CA ALA D 370 41.68 -25.25 -19.93
C ALA D 370 41.33 -26.54 -20.65
N GLY D 371 40.93 -26.44 -21.92
CA GLY D 371 40.62 -27.61 -22.74
C GLY D 371 39.17 -28.09 -22.83
N LYS D 372 38.23 -27.42 -22.17
CA LYS D 372 36.79 -27.73 -22.35
C LYS D 372 36.12 -26.88 -23.41
N PRO D 373 35.61 -27.52 -24.47
CA PRO D 373 34.97 -26.71 -25.52
C PRO D 373 33.70 -26.04 -24.99
N VAL D 374 33.46 -24.84 -25.48
CA VAL D 374 32.31 -24.05 -25.12
C VAL D 374 31.57 -23.92 -26.44
N VAL D 375 30.29 -24.26 -26.42
CA VAL D 375 29.42 -24.05 -27.57
C VAL D 375 28.26 -23.16 -27.11
N VAL D 376 28.06 -22.04 -27.80
CA VAL D 376 26.89 -21.22 -27.58
C VAL D 376 25.67 -21.72 -28.38
N SER D 377 24.54 -21.69 -27.69
CA SER D 377 23.24 -21.98 -28.22
C SER D 377 22.40 -20.70 -28.14
N MET D 378 22.26 -19.95 -29.22
CA MET D 378 21.44 -18.75 -29.16
C MET D 378 19.95 -19.02 -29.34
N GLY D 379 19.14 -18.67 -28.33
CA GLY D 379 17.66 -18.76 -28.42
C GLY D 379 17.03 -17.50 -29.04
N GLY D 380 16.04 -16.92 -28.36
CA GLY D 380 15.23 -15.83 -28.95
C GLY D 380 16.09 -14.62 -29.27
N MET D 381 16.89 -14.21 -28.30
CA MET D 381 17.72 -13.04 -28.43
C MET D 381 19.17 -13.34 -27.96
N ALA D 382 20.16 -12.76 -28.63
CA ALA D 382 21.56 -12.81 -28.11
C ALA D 382 22.29 -11.62 -28.65
N ALA D 383 21.94 -10.45 -28.12
CA ALA D 383 22.38 -9.18 -28.70
C ALA D 383 23.16 -8.31 -27.74
N SER D 384 23.99 -7.43 -28.30
CA SER D 384 24.78 -6.48 -27.50
C SER D 384 25.56 -7.29 -26.45
N GLY D 385 25.37 -6.99 -25.18
CA GLY D 385 25.92 -7.83 -24.10
C GLY D 385 25.70 -9.33 -24.22
N GLY D 386 24.50 -9.76 -24.67
CA GLY D 386 24.28 -11.18 -24.97
C GLY D 386 25.14 -11.72 -26.12
N TYR D 387 25.78 -10.87 -26.91
CA TYR D 387 26.71 -11.35 -27.93
C TYR D 387 28.12 -11.35 -27.36
N TRP D 388 28.41 -10.33 -26.55
CA TRP D 388 29.67 -10.18 -25.81
C TRP D 388 30.08 -11.46 -25.12
N ILE D 389 29.16 -12.04 -24.36
CA ILE D 389 29.40 -13.25 -23.59
C ILE D 389 29.51 -14.51 -24.46
N SER D 390 29.00 -14.43 -25.69
CA SER D 390 28.93 -15.56 -26.60
C SER D 390 30.29 -15.71 -27.30
N THR D 391 30.96 -14.58 -27.35
CA THR D 391 32.15 -14.39 -28.15
C THR D 391 33.29 -15.42 -27.92
N PRO D 392 33.53 -15.87 -26.67
CA PRO D 392 34.66 -16.80 -26.48
C PRO D 392 34.46 -18.25 -26.92
N ALA D 393 33.34 -18.59 -27.53
CA ALA D 393 33.03 -20.00 -27.73
C ALA D 393 33.73 -20.59 -28.99
N ASN D 394 34.06 -21.88 -28.93
CA ASN D 394 34.54 -22.63 -30.11
C ASN D 394 33.58 -22.49 -31.28
N TYR D 395 32.29 -22.63 -30.97
CA TYR D 395 31.19 -22.65 -31.95
C TYR D 395 29.94 -21.87 -31.55
N ILE D 396 29.44 -21.02 -32.44
CA ILE D 396 28.14 -20.38 -32.24
C ILE D 396 27.00 -20.87 -33.17
N VAL D 397 26.01 -21.50 -32.59
CA VAL D 397 24.80 -21.81 -33.30
C VAL D 397 23.64 -20.89 -32.89
N ALA D 398 22.95 -20.35 -33.90
CA ALA D 398 21.70 -19.57 -33.72
C ALA D 398 20.57 -20.16 -34.58
N ASN D 399 19.33 -19.96 -34.12
CA ASN D 399 18.17 -20.20 -34.93
C ASN D 399 18.07 -19.08 -35.98
N PRO D 400 17.61 -19.39 -37.22
CA PRO D 400 17.57 -18.31 -38.23
C PRO D 400 16.70 -17.12 -37.83
N SER D 401 15.76 -17.33 -36.92
CA SER D 401 14.89 -16.26 -36.40
C SER D 401 15.42 -15.59 -35.10
N THR D 402 16.63 -15.93 -34.68
CA THR D 402 17.26 -15.36 -33.47
C THR D 402 17.63 -13.93 -33.78
N LEU D 403 17.47 -13.02 -32.81
CA LEU D 403 18.01 -11.69 -33.02
C LEU D 403 19.31 -11.51 -32.26
N THR D 404 20.36 -11.17 -32.98
CA THR D 404 21.68 -11.13 -32.40
C THR D 404 22.38 -9.88 -32.88
N GLY D 405 23.71 -9.91 -32.89
CA GLY D 405 24.50 -8.77 -33.26
C GLY D 405 24.25 -7.64 -32.29
N SER D 406 23.94 -6.47 -32.83
CA SER D 406 23.73 -5.27 -32.03
C SER D 406 25.05 -4.85 -31.34
N ILE D 407 26.16 -5.04 -32.04
CA ILE D 407 27.49 -4.70 -31.54
C ILE D 407 27.69 -3.18 -31.55
N GLY D 408 27.58 -2.59 -30.35
CA GLY D 408 27.70 -1.15 -30.17
C GLY D 408 27.59 -0.82 -28.70
N ILE D 409 27.51 0.46 -28.38
CA ILE D 409 27.60 0.89 -26.99
C ILE D 409 26.91 2.23 -26.82
N PHE D 410 26.17 2.38 -25.73
CA PHE D 410 25.45 3.63 -25.55
C PHE D 410 25.39 4.06 -24.10
N GLY D 411 25.15 5.36 -23.91
CA GLY D 411 25.05 5.98 -22.58
C GLY D 411 24.12 7.18 -22.60
N VAL D 412 23.15 7.20 -21.69
CA VAL D 412 22.30 8.38 -21.58
C VAL D 412 22.34 8.91 -20.16
N ILE D 413 22.46 10.23 -20.06
CA ILE D 413 22.40 11.00 -18.82
C ILE D 413 21.39 12.11 -19.05
N THR D 414 20.39 12.18 -18.17
CA THR D 414 19.46 13.27 -18.15
C THR D 414 19.66 13.99 -16.81
N THR D 415 19.58 15.31 -16.81
CA THR D 415 19.66 16.08 -15.59
C THR D 415 18.49 17.08 -15.57
N VAL D 416 18.17 17.58 -14.38
CA VAL D 416 16.88 18.23 -14.26
C VAL D 416 17.04 19.63 -13.70
N GLU D 417 18.20 20.21 -13.90
CA GLU D 417 18.52 21.47 -13.26
C GLU D 417 17.60 22.60 -13.73
N ASN D 418 17.24 22.60 -15.03
CA ASN D 418 16.37 23.62 -15.61
C ASN D 418 14.88 23.42 -15.32
N SER D 419 14.52 22.18 -15.02
CA SER D 419 13.18 21.79 -14.65
C SER D 419 12.89 22.27 -13.23
N LEU D 420 13.84 22.00 -12.33
CA LEU D 420 13.83 22.54 -10.98
C LEU D 420 13.85 24.09 -10.98
N ASP D 421 14.65 24.71 -11.83
CA ASP D 421 14.80 26.17 -11.78
C ASP D 421 13.49 26.86 -12.11
N SER D 422 12.72 26.26 -13.00
CA SER D 422 11.51 26.87 -13.44
C SER D 422 10.41 26.78 -12.36
N ILE D 423 10.49 25.82 -11.44
CA ILE D 423 9.64 25.84 -10.27
C ILE D 423 10.34 26.37 -8.95
N GLY D 424 11.34 27.24 -9.11
CA GLY D 424 12.08 27.77 -7.96
C GLY D 424 12.85 26.83 -7.03
N VAL D 425 13.31 25.70 -7.54
CA VAL D 425 14.17 24.81 -6.79
C VAL D 425 15.60 24.85 -7.40
N HIS D 426 16.63 24.93 -6.55
CA HIS D 426 18.00 25.08 -7.06
C HIS D 426 18.98 24.20 -6.30
N THR D 427 20.11 23.90 -6.91
CA THR D 427 21.10 23.16 -6.15
C THR D 427 22.30 24.03 -5.93
N ASP D 428 23.09 23.69 -4.93
CA ASP D 428 24.31 24.40 -4.70
C ASP D 428 25.13 23.59 -3.73
N GLY D 429 26.42 23.88 -3.71
CA GLY D 429 27.32 23.16 -2.86
C GLY D 429 28.74 23.47 -3.26
N VAL D 430 29.66 22.70 -2.70
CA VAL D 430 31.08 22.89 -2.95
C VAL D 430 31.70 21.61 -3.49
N SER D 431 32.79 21.75 -4.26
CA SER D 431 33.46 20.57 -4.81
C SER D 431 34.95 20.78 -4.93
N THR D 432 35.72 19.69 -4.85
CA THR D 432 37.14 19.75 -5.14
C THR D 432 37.50 19.50 -6.62
N SER D 433 36.56 18.98 -7.41
CA SER D 433 36.74 18.82 -8.86
C SER D 433 35.38 18.83 -9.62
N PRO D 434 35.34 19.35 -10.85
CA PRO D 434 34.01 19.23 -11.49
C PRO D 434 33.63 17.77 -11.66
N LEU D 435 34.62 16.89 -11.68
CA LEU D 435 34.38 15.44 -11.79
C LEU D 435 33.57 14.90 -10.64
N ALA D 436 33.59 15.58 -9.51
CA ALA D 436 32.82 15.11 -8.37
C ALA D 436 31.38 15.59 -8.43
N ASP D 437 31.13 16.55 -9.30
CA ASP D 437 29.90 17.33 -9.32
C ASP D 437 28.79 16.76 -10.27
N VAL D 438 28.51 15.46 -10.14
CA VAL D 438 27.66 14.74 -11.07
C VAL D 438 26.45 14.09 -10.33
N SER D 439 25.24 14.48 -10.68
CA SER D 439 24.04 13.92 -10.10
C SER D 439 22.86 14.44 -10.88
N ILE D 440 21.70 13.83 -10.69
CA ILE D 440 20.53 14.18 -11.51
C ILE D 440 20.13 15.67 -11.43
N THR D 441 20.38 16.32 -10.31
CA THR D 441 19.91 17.68 -10.10
C THR D 441 20.90 18.78 -10.51
N ARG D 442 22.02 18.41 -11.11
CA ARG D 442 23.05 19.42 -11.51
C ARG D 442 23.31 19.35 -13.00
N ALA D 443 23.68 20.46 -13.61
CA ALA D 443 24.20 20.41 -14.98
C ALA D 443 25.37 19.42 -15.10
N LEU D 444 25.39 18.64 -16.18
CA LEU D 444 26.53 17.79 -16.44
C LEU D 444 27.73 18.70 -16.80
N PRO D 445 28.78 18.65 -15.96
CA PRO D 445 29.93 19.53 -16.18
C PRO D 445 30.72 19.15 -17.43
N PRO D 446 31.18 20.15 -18.18
CA PRO D 446 31.88 19.86 -19.45
C PRO D 446 33.04 18.83 -19.31
N GLU D 447 33.73 18.87 -18.17
CA GLU D 447 34.82 17.95 -17.85
C GLU D 447 34.37 16.50 -17.73
N ALA D 448 33.14 16.28 -17.26
CA ALA D 448 32.55 14.94 -17.13
C ALA D 448 32.10 14.41 -18.48
N GLN D 449 31.56 15.31 -19.31
CA GLN D 449 31.16 15.03 -20.67
C GLN D 449 32.34 14.43 -21.40
N LEU D 450 33.45 15.17 -21.44
CA LEU D 450 34.62 14.68 -22.14
C LEU D 450 35.03 13.31 -21.65
N MET D 451 34.95 13.06 -20.34
CA MET D 451 35.31 11.75 -19.80
C MET D 451 34.36 10.63 -20.19
N MET D 452 33.07 10.90 -20.21
CA MET D 452 32.09 9.89 -20.64
C MET D 452 32.18 9.54 -22.12
N GLN D 453 32.45 10.54 -22.94
CA GLN D 453 32.71 10.35 -24.35
C GLN D 453 33.99 9.53 -24.63
N LEU D 454 35.03 9.71 -23.83
CA LEU D 454 36.24 8.90 -24.03
C LEU D 454 35.89 7.48 -23.69
N SER D 455 35.30 7.31 -22.53
CA SER D 455 34.81 6.04 -22.08
C SER D 455 34.00 5.29 -23.19
N ILE D 456 33.05 5.98 -23.84
CA ILE D 456 32.18 5.34 -24.83
C ILE D 456 32.96 4.92 -26.10
N GLU D 457 33.89 5.79 -26.50
CA GLU D 457 34.77 5.52 -27.65
C GLU D 457 35.65 4.28 -27.37
N ASN D 458 36.15 4.22 -26.15
CA ASN D 458 36.97 3.10 -25.71
C ASN D 458 36.17 1.82 -25.53
N GLY D 459 34.97 1.91 -24.97
CA GLY D 459 34.10 0.72 -24.90
C GLY D 459 33.74 0.14 -26.26
N TYR D 460 33.39 0.99 -27.22
CA TYR D 460 33.16 0.50 -28.57
C TYR D 460 34.39 -0.24 -29.13
N LYS D 461 35.58 0.32 -28.90
CA LYS D 461 36.82 -0.29 -29.37
C LYS D 461 37.07 -1.62 -28.67
N ARG D 462 36.84 -1.70 -27.36
CA ARG D 462 36.89 -3.02 -26.69
C ARG D 462 36.06 -4.06 -27.45
N PHE D 463 34.80 -3.73 -27.69
CA PHE D 463 33.81 -4.63 -28.25
C PHE D 463 34.22 -5.15 -29.61
N ILE D 464 34.46 -4.24 -30.54
CA ILE D 464 34.79 -4.70 -31.87
C ILE D 464 36.13 -5.44 -31.88
N THR D 465 37.02 -5.07 -30.98
CA THR D 465 38.31 -5.76 -30.87
C THR D 465 38.08 -7.23 -30.47
N LEU D 466 37.31 -7.44 -29.40
CA LEU D 466 36.91 -8.75 -28.90
C LEU D 466 36.29 -9.64 -29.97
N VAL D 467 35.40 -9.04 -30.77
CA VAL D 467 34.60 -9.74 -31.74
C VAL D 467 35.54 -10.15 -32.88
N ALA D 468 36.40 -9.20 -33.26
CA ALA D 468 37.32 -9.39 -34.37
C ALA D 468 38.34 -10.46 -34.05
N ASP D 469 38.77 -10.53 -32.80
CA ASP D 469 39.73 -11.56 -32.39
C ASP D 469 39.02 -12.92 -32.32
N ALA D 470 37.74 -12.92 -31.98
CA ALA D 470 36.99 -14.20 -31.81
C ALA D 470 36.41 -14.78 -33.09
N ARG D 471 36.16 -13.94 -34.08
CA ARG D 471 35.57 -14.40 -35.34
C ARG D 471 36.57 -14.30 -36.52
N HIS D 472 37.84 -14.54 -36.21
CA HIS D 472 38.96 -14.44 -37.17
C HIS D 472 38.74 -13.31 -38.15
N SER D 473 38.63 -12.09 -37.63
CA SER D 473 38.47 -10.93 -38.50
C SER D 473 39.36 -9.79 -37.98
N THR D 474 39.34 -8.66 -38.71
CA THR D 474 39.99 -7.43 -38.23
C THR D 474 39.01 -6.43 -37.58
N PRO D 475 39.51 -5.56 -36.65
CA PRO D 475 38.65 -4.51 -36.08
C PRO D 475 37.95 -3.66 -37.15
N GLU D 476 38.67 -3.31 -38.21
CA GLU D 476 38.13 -2.48 -39.29
C GLU D 476 37.07 -3.20 -40.15
N GLN D 477 37.02 -4.52 -40.05
CA GLN D 477 36.06 -5.35 -40.78
C GLN D 477 34.78 -5.46 -39.96
N ILE D 478 34.94 -5.75 -38.66
CA ILE D 478 33.81 -5.80 -37.76
C ILE D 478 33.06 -4.46 -37.68
N ASP D 479 33.75 -3.34 -37.87
CA ASP D 479 33.05 -2.07 -37.83
C ASP D 479 31.93 -2.03 -38.87
N LYS D 480 32.18 -2.65 -40.02
CA LYS D 480 31.22 -2.61 -41.13
C LYS D 480 29.99 -3.47 -40.87
N ILE D 481 30.03 -4.27 -39.81
CA ILE D 481 28.86 -5.05 -39.42
C ILE D 481 28.52 -4.88 -37.94
N ALA D 482 29.13 -3.88 -37.31
CA ALA D 482 28.81 -3.49 -35.97
C ALA D 482 27.92 -2.24 -36.04
N GLN D 483 28.44 -1.09 -35.61
CA GLN D 483 27.63 0.12 -35.57
C GLN D 483 26.20 -0.11 -34.97
N GLY D 484 26.10 -1.01 -34.00
CA GLY D 484 24.86 -1.27 -33.27
C GLY D 484 23.72 -1.97 -34.02
N HIS D 485 23.98 -2.43 -35.23
CA HIS D 485 23.00 -3.08 -36.10
C HIS D 485 22.53 -4.47 -35.63
N VAL D 486 21.23 -4.61 -35.43
CA VAL D 486 20.66 -5.90 -35.08
C VAL D 486 20.54 -6.82 -36.31
N TRP D 487 20.84 -8.11 -36.17
CA TRP D 487 20.79 -9.05 -37.25
C TRP D 487 20.10 -10.34 -36.82
N THR D 488 19.38 -10.96 -37.75
CA THR D 488 18.84 -12.31 -37.58
C THR D 488 19.96 -13.32 -37.61
N GLY D 489 19.73 -14.48 -37.01
CA GLY D 489 20.68 -15.59 -37.07
C GLY D 489 21.19 -15.87 -38.49
N GLN D 490 20.36 -15.58 -39.51
CA GLN D 490 20.66 -15.83 -40.87
C GLN D 490 21.61 -14.78 -41.38
N ASP D 491 21.29 -13.51 -41.14
CA ASP D 491 22.22 -12.41 -41.50
C ASP D 491 23.52 -12.55 -40.67
N ALA D 492 23.38 -12.99 -39.42
CA ALA D 492 24.53 -13.27 -38.57
C ALA D 492 25.45 -14.32 -39.20
N LYS D 493 24.87 -15.44 -39.63
CA LYS D 493 25.67 -16.51 -40.25
C LYS D 493 26.37 -16.02 -41.49
N ALA D 494 25.68 -15.21 -42.27
CA ALA D 494 26.23 -14.77 -43.54
C ALA D 494 27.35 -13.77 -43.34
N ASN D 495 27.42 -13.14 -42.16
CA ASN D 495 28.50 -12.18 -41.98
C ASN D 495 29.62 -12.64 -41.03
N GLY D 496 29.54 -13.90 -40.59
CA GLY D 496 30.58 -14.51 -39.77
C GLY D 496 30.41 -14.44 -38.27
N LEU D 497 29.39 -13.72 -37.84
CA LEU D 497 29.16 -13.61 -36.40
C LEU D 497 28.77 -14.93 -35.70
N VAL D 498 28.20 -15.87 -36.47
CA VAL D 498 27.57 -17.10 -36.02
C VAL D 498 28.12 -18.22 -36.91
N ASP D 499 28.25 -19.45 -36.42
CA ASP D 499 28.88 -20.49 -37.24
C ASP D 499 27.85 -21.32 -38.03
N SER D 500 26.69 -21.61 -37.42
CA SER D 500 25.67 -22.37 -38.08
C SER D 500 24.29 -22.05 -37.54
N LEU D 501 23.31 -22.42 -38.36
CA LEU D 501 21.92 -22.25 -38.12
C LEU D 501 21.42 -23.58 -37.61
N GLY D 502 20.77 -23.59 -36.47
CA GLY D 502 20.22 -24.81 -35.91
C GLY D 502 19.58 -24.48 -34.58
N ASP D 503 19.40 -25.49 -33.75
CA ASP D 503 18.73 -25.35 -32.46
C ASP D 503 19.61 -25.91 -31.31
N PHE D 504 19.03 -26.07 -30.12
CA PHE D 504 19.72 -26.66 -29.00
C PHE D 504 20.38 -28.03 -29.28
N ASP D 505 19.67 -28.93 -29.97
CA ASP D 505 20.19 -30.26 -30.33
C ASP D 505 21.52 -30.14 -31.09
N ASP D 506 21.59 -29.16 -31.97
CA ASP D 506 22.77 -29.01 -32.78
C ASP D 506 23.98 -28.50 -31.97
N ALA D 507 23.70 -27.69 -30.93
CA ALA D 507 24.73 -27.16 -30.06
C ALA D 507 25.26 -28.28 -29.17
N VAL D 508 24.37 -29.08 -28.60
CA VAL D 508 24.81 -30.20 -27.79
C VAL D 508 25.70 -31.14 -28.62
N ALA D 509 25.18 -31.55 -29.79
CA ALA D 509 25.84 -32.54 -30.63
C ALA D 509 27.25 -32.07 -30.95
N LYS D 510 27.37 -30.76 -31.14
CA LYS D 510 28.63 -30.14 -31.49
C LYS D 510 29.64 -30.14 -30.31
N ALA D 511 29.16 -29.76 -29.13
CA ALA D 511 29.88 -29.86 -27.86
C ALA D 511 30.44 -31.27 -27.65
N ALA D 512 29.59 -32.29 -27.75
CA ALA D 512 30.03 -33.69 -27.63
C ALA D 512 31.11 -34.04 -28.69
N GLU D 513 30.89 -33.60 -29.93
CA GLU D 513 31.83 -33.83 -31.01
C GLU D 513 33.17 -33.13 -30.80
N LEU D 514 33.18 -31.98 -30.11
CA LEU D 514 34.45 -31.29 -29.79
C LEU D 514 35.25 -31.97 -28.65
N ALA D 515 34.59 -32.88 -27.91
CA ALA D 515 35.20 -33.84 -26.94
C ALA D 515 35.01 -35.30 -27.45
N LYS D 516 34.26 -36.15 -26.72
CA LYS D 516 33.68 -37.41 -27.27
C LYS D 516 32.57 -38.17 -26.47
N VAL D 517 31.94 -39.14 -27.16
CA VAL D 517 31.43 -40.45 -26.63
C VAL D 517 29.88 -40.69 -26.53
N LYS D 518 29.41 -40.80 -25.29
CA LYS D 518 28.02 -40.68 -24.90
C LYS D 518 27.99 -39.70 -23.71
N GLN D 519 26.91 -38.93 -23.62
CA GLN D 519 26.84 -37.82 -22.67
C GLN D 519 25.53 -37.84 -21.95
N TRP D 520 25.36 -36.84 -21.09
CA TRP D 520 24.09 -36.51 -20.47
C TRP D 520 24.31 -35.11 -19.92
N HIS D 521 23.22 -34.46 -19.50
CA HIS D 521 23.30 -33.07 -19.07
C HIS D 521 23.34 -32.80 -17.61
N LEU D 522 24.32 -32.00 -17.20
CA LEU D 522 24.34 -31.38 -15.89
C LEU D 522 23.83 -29.98 -16.14
N GLU D 523 22.68 -29.68 -15.53
CA GLU D 523 22.18 -28.30 -15.45
C GLU D 523 22.73 -27.58 -14.19
N TYR D 524 22.63 -26.26 -14.13
CA TYR D 524 23.14 -25.51 -12.99
C TYR D 524 22.09 -24.63 -12.31
#